data_2FXQ
# 
_entry.id   2FXQ 
# 
_audit_conform.dict_name       mmcif_pdbx.dic 
_audit_conform.dict_version    5.387 
_audit_conform.dict_location   http://mmcif.pdb.org/dictionaries/ascii/mmcif_pdbx.dic 
# 
loop_
_database_2.database_id 
_database_2.database_code 
_database_2.pdbx_database_accession 
_database_2.pdbx_DOI 
PDB   2FXQ         pdb_00002fxq 10.2210/pdb2fxq/pdb 
RCSB  RCSB036434   ?            ?                   
WWPDB D_1000036434 ?            ?                   
# 
loop_
_pdbx_audit_revision_history.ordinal 
_pdbx_audit_revision_history.data_content_type 
_pdbx_audit_revision_history.major_revision 
_pdbx_audit_revision_history.minor_revision 
_pdbx_audit_revision_history.revision_date 
1 'Structure model' 1 0 2006-02-14 
2 'Structure model' 1 1 2008-05-01 
3 'Structure model' 1 2 2011-07-13 
4 'Structure model' 1 3 2024-02-14 
# 
_pdbx_audit_revision_details.ordinal             1 
_pdbx_audit_revision_details.revision_ordinal    1 
_pdbx_audit_revision_details.data_content_type   'Structure model' 
_pdbx_audit_revision_details.provider            repository 
_pdbx_audit_revision_details.type                'Initial release' 
_pdbx_audit_revision_details.description         ? 
_pdbx_audit_revision_details.details             ? 
# 
loop_
_pdbx_audit_revision_group.ordinal 
_pdbx_audit_revision_group.revision_ordinal 
_pdbx_audit_revision_group.data_content_type 
_pdbx_audit_revision_group.group 
1 2 'Structure model' 'Version format compliance' 
2 3 'Structure model' Advisory                    
3 3 'Structure model' 'Version format compliance' 
4 4 'Structure model' 'Data collection'           
5 4 'Structure model' 'Database references'       
# 
loop_
_pdbx_audit_revision_category.ordinal 
_pdbx_audit_revision_category.revision_ordinal 
_pdbx_audit_revision_category.data_content_type 
_pdbx_audit_revision_category.category 
1 4 'Structure model' chem_comp_atom 
2 4 'Structure model' chem_comp_bond 
3 4 'Structure model' database_2     
# 
loop_
_pdbx_audit_revision_item.ordinal 
_pdbx_audit_revision_item.revision_ordinal 
_pdbx_audit_revision_item.data_content_type 
_pdbx_audit_revision_item.item 
1 4 'Structure model' '_database_2.pdbx_DOI'                
2 4 'Structure model' '_database_2.pdbx_database_accession' 
# 
_pdbx_database_status.status_code                     REL 
_pdbx_database_status.entry_id                        2FXQ 
_pdbx_database_status.recvd_initial_deposition_date   2006-02-06 
_pdbx_database_status.deposit_site                    RCSB 
_pdbx_database_status.process_site                    RCSB 
_pdbx_database_status.status_code_sf                  REL 
_pdbx_database_status.status_code_mr                  ? 
_pdbx_database_status.SG_entry                        ? 
_pdbx_database_status.pdb_format_compatible           Y 
_pdbx_database_status.status_code_cs                  ? 
_pdbx_database_status.status_code_nmr_data            ? 
_pdbx_database_status.methods_development_category    ? 
# 
loop_
_audit_author.name 
_audit_author.pdbx_ordinal 
'Dauter, Z.'      1 
'Jedrzejczak, R.' 2 
'Dauter, M.'      3 
# 
_citation.id                        primary 
_citation.title                     'Structure of the single-stranded DNA-binding protein SSB from Thermus aquaticus.' 
_citation.journal_abbrev            'Acta Crystallogr.,Sect.D' 
_citation.journal_volume            62 
_citation.page_first                1407 
_citation.page_last                 1412 
_citation.year                      2006 
_citation.journal_id_ASTM           ABCRE6 
_citation.country                   DK 
_citation.journal_id_ISSN           0907-4449 
_citation.journal_id_CSD            0766 
_citation.book_publisher            ? 
_citation.pdbx_database_id_PubMed   17057346 
_citation.pdbx_database_id_DOI      10.1107/S0907444906036031 
# 
loop_
_citation_author.citation_id 
_citation_author.name 
_citation_author.ordinal 
_citation_author.identifier_ORCID 
primary 'Jedrzejczak, R.' 1 ? 
primary 'Dauter, M.'      2 ? 
primary 'Dauter, Z.'      3 ? 
primary 'Olszewski, M.'   4 ? 
primary 'Kur, J.'         5 ? 
# 
loop_
_entity.id 
_entity.type 
_entity.src_method 
_entity.pdbx_description 
_entity.formula_weight 
_entity.pdbx_number_of_molecules 
_entity.pdbx_ec 
_entity.pdbx_mutation 
_entity.pdbx_fragment 
_entity.details 
1 polymer man 'Single-strand binding protein' 30068.701 1   ? ? ? ? 
2 water   nat water                           18.015    135 ? ? ? ? 
# 
_entity_name_com.entity_id   1 
_entity_name_com.name        'SSB, Helix-destabilizing protein' 
# 
_entity_poly.entity_id                      1 
_entity_poly.type                           'polypeptide(L)' 
_entity_poly.nstd_linkage                   no 
_entity_poly.nstd_monomer                   no 
_entity_poly.pdbx_seq_one_letter_code       
;MARGLNQVFLIGTLTARPDMRYTPGGLAILDLNLAGQDAFTDESGQEREVPWYHRVRLLGRQAEMWGDLLEKGQLIFVEG
RLEYRQWEKDGEKKSEVQVRAEFIDPLEGRGRETLEDARGQPRLRRALNQVILMGNLTRDPDLRYTPQGTAVVRLGLAVN
ERRRGQEEERTHFLEVQAWRELAEWASELRKGDGLLVIGRLVNDSWTSSSGERRFQTRVEALRLERPTRGPAQAGGSRPP
TVQTGGVDIDEGLEDFPPEEDLPF
;
_entity_poly.pdbx_seq_one_letter_code_can   
;MARGLNQVFLIGTLTARPDMRYTPGGLAILDLNLAGQDAFTDESGQEREVPWYHRVRLLGRQAEMWGDLLEKGQLIFVEG
RLEYRQWEKDGEKKSEVQVRAEFIDPLEGRGRETLEDARGQPRLRRALNQVILMGNLTRDPDLRYTPQGTAVVRLGLAVN
ERRRGQEEERTHFLEVQAWRELAEWASELRKGDGLLVIGRLVNDSWTSSSGERRFQTRVEALRLERPTRGPAQAGGSRPP
TVQTGGVDIDEGLEDFPPEEDLPF
;
_entity_poly.pdbx_strand_id                 A 
_entity_poly.pdbx_target_identifier         ? 
# 
_pdbx_entity_nonpoly.entity_id   2 
_pdbx_entity_nonpoly.name        water 
_pdbx_entity_nonpoly.comp_id     HOH 
# 
loop_
_entity_poly_seq.entity_id 
_entity_poly_seq.num 
_entity_poly_seq.mon_id 
_entity_poly_seq.hetero 
1 1   MET n 
1 2   ALA n 
1 3   ARG n 
1 4   GLY n 
1 5   LEU n 
1 6   ASN n 
1 7   GLN n 
1 8   VAL n 
1 9   PHE n 
1 10  LEU n 
1 11  ILE n 
1 12  GLY n 
1 13  THR n 
1 14  LEU n 
1 15  THR n 
1 16  ALA n 
1 17  ARG n 
1 18  PRO n 
1 19  ASP n 
1 20  MET n 
1 21  ARG n 
1 22  TYR n 
1 23  THR n 
1 24  PRO n 
1 25  GLY n 
1 26  GLY n 
1 27  LEU n 
1 28  ALA n 
1 29  ILE n 
1 30  LEU n 
1 31  ASP n 
1 32  LEU n 
1 33  ASN n 
1 34  LEU n 
1 35  ALA n 
1 36  GLY n 
1 37  GLN n 
1 38  ASP n 
1 39  ALA n 
1 40  PHE n 
1 41  THR n 
1 42  ASP n 
1 43  GLU n 
1 44  SER n 
1 45  GLY n 
1 46  GLN n 
1 47  GLU n 
1 48  ARG n 
1 49  GLU n 
1 50  VAL n 
1 51  PRO n 
1 52  TRP n 
1 53  TYR n 
1 54  HIS n 
1 55  ARG n 
1 56  VAL n 
1 57  ARG n 
1 58  LEU n 
1 59  LEU n 
1 60  GLY n 
1 61  ARG n 
1 62  GLN n 
1 63  ALA n 
1 64  GLU n 
1 65  MET n 
1 66  TRP n 
1 67  GLY n 
1 68  ASP n 
1 69  LEU n 
1 70  LEU n 
1 71  GLU n 
1 72  LYS n 
1 73  GLY n 
1 74  GLN n 
1 75  LEU n 
1 76  ILE n 
1 77  PHE n 
1 78  VAL n 
1 79  GLU n 
1 80  GLY n 
1 81  ARG n 
1 82  LEU n 
1 83  GLU n 
1 84  TYR n 
1 85  ARG n 
1 86  GLN n 
1 87  TRP n 
1 88  GLU n 
1 89  LYS n 
1 90  ASP n 
1 91  GLY n 
1 92  GLU n 
1 93  LYS n 
1 94  LYS n 
1 95  SER n 
1 96  GLU n 
1 97  VAL n 
1 98  GLN n 
1 99  VAL n 
1 100 ARG n 
1 101 ALA n 
1 102 GLU n 
1 103 PHE n 
1 104 ILE n 
1 105 ASP n 
1 106 PRO n 
1 107 LEU n 
1 108 GLU n 
1 109 GLY n 
1 110 ARG n 
1 111 GLY n 
1 112 ARG n 
1 113 GLU n 
1 114 THR n 
1 115 LEU n 
1 116 GLU n 
1 117 ASP n 
1 118 ALA n 
1 119 ARG n 
1 120 GLY n 
1 121 GLN n 
1 122 PRO n 
1 123 ARG n 
1 124 LEU n 
1 125 ARG n 
1 126 ARG n 
1 127 ALA n 
1 128 LEU n 
1 129 ASN n 
1 130 GLN n 
1 131 VAL n 
1 132 ILE n 
1 133 LEU n 
1 134 MET n 
1 135 GLY n 
1 136 ASN n 
1 137 LEU n 
1 138 THR n 
1 139 ARG n 
1 140 ASP n 
1 141 PRO n 
1 142 ASP n 
1 143 LEU n 
1 144 ARG n 
1 145 TYR n 
1 146 THR n 
1 147 PRO n 
1 148 GLN n 
1 149 GLY n 
1 150 THR n 
1 151 ALA n 
1 152 VAL n 
1 153 VAL n 
1 154 ARG n 
1 155 LEU n 
1 156 GLY n 
1 157 LEU n 
1 158 ALA n 
1 159 VAL n 
1 160 ASN n 
1 161 GLU n 
1 162 ARG n 
1 163 ARG n 
1 164 ARG n 
1 165 GLY n 
1 166 GLN n 
1 167 GLU n 
1 168 GLU n 
1 169 GLU n 
1 170 ARG n 
1 171 THR n 
1 172 HIS n 
1 173 PHE n 
1 174 LEU n 
1 175 GLU n 
1 176 VAL n 
1 177 GLN n 
1 178 ALA n 
1 179 TRP n 
1 180 ARG n 
1 181 GLU n 
1 182 LEU n 
1 183 ALA n 
1 184 GLU n 
1 185 TRP n 
1 186 ALA n 
1 187 SER n 
1 188 GLU n 
1 189 LEU n 
1 190 ARG n 
1 191 LYS n 
1 192 GLY n 
1 193 ASP n 
1 194 GLY n 
1 195 LEU n 
1 196 LEU n 
1 197 VAL n 
1 198 ILE n 
1 199 GLY n 
1 200 ARG n 
1 201 LEU n 
1 202 VAL n 
1 203 ASN n 
1 204 ASP n 
1 205 SER n 
1 206 TRP n 
1 207 THR n 
1 208 SER n 
1 209 SER n 
1 210 SER n 
1 211 GLY n 
1 212 GLU n 
1 213 ARG n 
1 214 ARG n 
1 215 PHE n 
1 216 GLN n 
1 217 THR n 
1 218 ARG n 
1 219 VAL n 
1 220 GLU n 
1 221 ALA n 
1 222 LEU n 
1 223 ARG n 
1 224 LEU n 
1 225 GLU n 
1 226 ARG n 
1 227 PRO n 
1 228 THR n 
1 229 ARG n 
1 230 GLY n 
1 231 PRO n 
1 232 ALA n 
1 233 GLN n 
1 234 ALA n 
1 235 GLY n 
1 236 GLY n 
1 237 SER n 
1 238 ARG n 
1 239 PRO n 
1 240 PRO n 
1 241 THR n 
1 242 VAL n 
1 243 GLN n 
1 244 THR n 
1 245 GLY n 
1 246 GLY n 
1 247 VAL n 
1 248 ASP n 
1 249 ILE n 
1 250 ASP n 
1 251 GLU n 
1 252 GLY n 
1 253 LEU n 
1 254 GLU n 
1 255 ASP n 
1 256 PHE n 
1 257 PRO n 
1 258 PRO n 
1 259 GLU n 
1 260 GLU n 
1 261 ASP n 
1 262 LEU n 
1 263 PRO n 
1 264 PHE n 
# 
_entity_src_gen.entity_id                          1 
_entity_src_gen.pdbx_src_id                        1 
_entity_src_gen.pdbx_alt_source_flag               sample 
_entity_src_gen.pdbx_seq_type                      ? 
_entity_src_gen.pdbx_beg_seq_num                   ? 
_entity_src_gen.pdbx_end_seq_num                   ? 
_entity_src_gen.gene_src_common_name               ? 
_entity_src_gen.gene_src_genus                     Thermus 
_entity_src_gen.pdbx_gene_src_gene                 ssb 
_entity_src_gen.gene_src_species                   ? 
_entity_src_gen.gene_src_strain                    ? 
_entity_src_gen.gene_src_tissue                    ? 
_entity_src_gen.gene_src_tissue_fraction           ? 
_entity_src_gen.gene_src_details                   ? 
_entity_src_gen.pdbx_gene_src_fragment             ? 
_entity_src_gen.pdbx_gene_src_scientific_name      'Thermus aquaticus' 
_entity_src_gen.pdbx_gene_src_ncbi_taxonomy_id     271 
_entity_src_gen.pdbx_gene_src_variant              ? 
_entity_src_gen.pdbx_gene_src_cell_line            ? 
_entity_src_gen.pdbx_gene_src_atcc                 ? 
_entity_src_gen.pdbx_gene_src_organ                ? 
_entity_src_gen.pdbx_gene_src_organelle            ? 
_entity_src_gen.pdbx_gene_src_cell                 ? 
_entity_src_gen.pdbx_gene_src_cellular_location    ? 
_entity_src_gen.host_org_common_name               ? 
_entity_src_gen.pdbx_host_org_scientific_name      'Escherichia coli BL21' 
_entity_src_gen.pdbx_host_org_ncbi_taxonomy_id     511693 
_entity_src_gen.host_org_genus                     Escherichia 
_entity_src_gen.pdbx_host_org_gene                 ? 
_entity_src_gen.pdbx_host_org_organ                ? 
_entity_src_gen.host_org_species                   'Escherichia coli' 
_entity_src_gen.pdbx_host_org_tissue               ? 
_entity_src_gen.pdbx_host_org_tissue_fraction      ? 
_entity_src_gen.pdbx_host_org_strain               BL21 
_entity_src_gen.pdbx_host_org_variant              ? 
_entity_src_gen.pdbx_host_org_cell_line            ? 
_entity_src_gen.pdbx_host_org_atcc                 ? 
_entity_src_gen.pdbx_host_org_culture_collection   ? 
_entity_src_gen.pdbx_host_org_cell                 ? 
_entity_src_gen.pdbx_host_org_organelle            ? 
_entity_src_gen.pdbx_host_org_cellular_location    ? 
_entity_src_gen.pdbx_host_org_vector_type          pET-30LIC 
_entity_src_gen.pdbx_host_org_vector               ? 
_entity_src_gen.host_org_details                   ? 
_entity_src_gen.expression_system_id               ? 
_entity_src_gen.plasmid_name                       ? 
_entity_src_gen.plasmid_details                    ? 
_entity_src_gen.pdbx_description                   ? 
# 
loop_
_chem_comp.id 
_chem_comp.type 
_chem_comp.mon_nstd_flag 
_chem_comp.name 
_chem_comp.pdbx_synonyms 
_chem_comp.formula 
_chem_comp.formula_weight 
ALA 'L-peptide linking' y ALANINE         ? 'C3 H7 N O2'     89.093  
ARG 'L-peptide linking' y ARGININE        ? 'C6 H15 N4 O2 1' 175.209 
ASN 'L-peptide linking' y ASPARAGINE      ? 'C4 H8 N2 O3'    132.118 
ASP 'L-peptide linking' y 'ASPARTIC ACID' ? 'C4 H7 N O4'     133.103 
GLN 'L-peptide linking' y GLUTAMINE       ? 'C5 H10 N2 O3'   146.144 
GLU 'L-peptide linking' y 'GLUTAMIC ACID' ? 'C5 H9 N O4'     147.129 
GLY 'peptide linking'   y GLYCINE         ? 'C2 H5 N O2'     75.067  
HIS 'L-peptide linking' y HISTIDINE       ? 'C6 H10 N3 O2 1' 156.162 
HOH non-polymer         . WATER           ? 'H2 O'           18.015  
ILE 'L-peptide linking' y ISOLEUCINE      ? 'C6 H13 N O2'    131.173 
LEU 'L-peptide linking' y LEUCINE         ? 'C6 H13 N O2'    131.173 
LYS 'L-peptide linking' y LYSINE          ? 'C6 H15 N2 O2 1' 147.195 
MET 'L-peptide linking' y METHIONINE      ? 'C5 H11 N O2 S'  149.211 
PHE 'L-peptide linking' y PHENYLALANINE   ? 'C9 H11 N O2'    165.189 
PRO 'L-peptide linking' y PROLINE         ? 'C5 H9 N O2'     115.130 
SER 'L-peptide linking' y SERINE          ? 'C3 H7 N O3'     105.093 
THR 'L-peptide linking' y THREONINE       ? 'C4 H9 N O3'     119.119 
TRP 'L-peptide linking' y TRYPTOPHAN      ? 'C11 H12 N2 O2'  204.225 
TYR 'L-peptide linking' y TYROSINE        ? 'C9 H11 N O3'    181.189 
VAL 'L-peptide linking' y VALINE          ? 'C5 H11 N O2'    117.146 
# 
loop_
_pdbx_poly_seq_scheme.asym_id 
_pdbx_poly_seq_scheme.entity_id 
_pdbx_poly_seq_scheme.seq_id 
_pdbx_poly_seq_scheme.mon_id 
_pdbx_poly_seq_scheme.ndb_seq_num 
_pdbx_poly_seq_scheme.pdb_seq_num 
_pdbx_poly_seq_scheme.auth_seq_num 
_pdbx_poly_seq_scheme.pdb_mon_id 
_pdbx_poly_seq_scheme.auth_mon_id 
_pdbx_poly_seq_scheme.pdb_strand_id 
_pdbx_poly_seq_scheme.pdb_ins_code 
_pdbx_poly_seq_scheme.hetero 
A 1 1   MET 1   1   ?   ?   ?   A . n 
A 1 2   ALA 2   2   ?   ?   ?   A . n 
A 1 3   ARG 3   3   3   ARG ARG A . n 
A 1 4   GLY 4   4   4   GLY GLY A . n 
A 1 5   LEU 5   5   5   LEU LEU A . n 
A 1 6   ASN 6   6   6   ASN ASN A . n 
A 1 7   GLN 7   7   7   GLN GLN A . n 
A 1 8   VAL 8   8   8   VAL VAL A . n 
A 1 9   PHE 9   9   9   PHE PHE A . n 
A 1 10  LEU 10  10  10  LEU LEU A . n 
A 1 11  ILE 11  11  11  ILE ILE A . n 
A 1 12  GLY 12  12  12  GLY GLY A . n 
A 1 13  THR 13  13  13  THR THR A . n 
A 1 14  LEU 14  14  14  LEU LEU A . n 
A 1 15  THR 15  15  15  THR THR A . n 
A 1 16  ALA 16  16  16  ALA ALA A . n 
A 1 17  ARG 17  17  17  ARG ARG A . n 
A 1 18  PRO 18  18  18  PRO PRO A . n 
A 1 19  ASP 19  19  19  ASP ASP A . n 
A 1 20  MET 20  20  20  MET MET A . n 
A 1 21  ARG 21  21  21  ARG ARG A . n 
A 1 22  TYR 22  22  22  TYR TYR A . n 
A 1 23  THR 23  23  23  THR THR A . n 
A 1 24  PRO 24  24  24  PRO PRO A . n 
A 1 25  GLY 25  25  25  GLY GLY A . n 
A 1 26  GLY 26  26  26  GLY GLY A . n 
A 1 27  LEU 27  27  27  LEU LEU A . n 
A 1 28  ALA 28  28  28  ALA ALA A . n 
A 1 29  ILE 29  29  29  ILE ILE A . n 
A 1 30  LEU 30  30  30  LEU LEU A . n 
A 1 31  ASP 31  31  31  ASP ASP A . n 
A 1 32  LEU 32  32  32  LEU LEU A . n 
A 1 33  ASN 33  33  33  ASN ASN A . n 
A 1 34  LEU 34  34  34  LEU LEU A . n 
A 1 35  ALA 35  35  35  ALA ALA A . n 
A 1 36  GLY 36  36  36  GLY GLY A . n 
A 1 37  GLN 37  37  37  GLN GLN A . n 
A 1 38  ASP 38  38  38  ASP ASP A . n 
A 1 39  ALA 39  39  39  ALA ALA A . n 
A 1 40  PHE 40  40  40  PHE PHE A . n 
A 1 41  THR 41  41  41  THR THR A . n 
A 1 42  ASP 42  42  42  ASP ASP A . n 
A 1 43  GLU 43  43  43  GLU GLU A . n 
A 1 44  SER 44  44  44  SER SER A . n 
A 1 45  GLY 45  45  45  GLY GLY A . n 
A 1 46  GLN 46  46  46  GLN GLN A . n 
A 1 47  GLU 47  47  47  GLU GLU A . n 
A 1 48  ARG 48  48  48  ARG ARG A . n 
A 1 49  GLU 49  49  49  GLU GLU A . n 
A 1 50  VAL 50  50  50  VAL VAL A . n 
A 1 51  PRO 51  51  51  PRO PRO A . n 
A 1 52  TRP 52  52  52  TRP TRP A . n 
A 1 53  TYR 53  53  53  TYR TYR A . n 
A 1 54  HIS 54  54  54  HIS HIS A . n 
A 1 55  ARG 55  55  55  ARG ARG A . n 
A 1 56  VAL 56  56  56  VAL VAL A . n 
A 1 57  ARG 57  57  57  ARG ARG A . n 
A 1 58  LEU 58  58  58  LEU LEU A . n 
A 1 59  LEU 59  59  59  LEU LEU A . n 
A 1 60  GLY 60  60  60  GLY GLY A . n 
A 1 61  ARG 61  61  61  ARG ARG A . n 
A 1 62  GLN 62  62  62  GLN GLN A . n 
A 1 63  ALA 63  63  63  ALA ALA A . n 
A 1 64  GLU 64  64  64  GLU GLU A . n 
A 1 65  MET 65  65  65  MET MET A . n 
A 1 66  TRP 66  66  66  TRP TRP A . n 
A 1 67  GLY 67  67  67  GLY GLY A . n 
A 1 68  ASP 68  68  68  ASP ASP A . n 
A 1 69  LEU 69  69  69  LEU LEU A . n 
A 1 70  LEU 70  70  70  LEU LEU A . n 
A 1 71  GLU 71  71  71  GLU GLU A . n 
A 1 72  LYS 72  72  72  LYS LYS A . n 
A 1 73  GLY 73  73  73  GLY GLY A . n 
A 1 74  GLN 74  74  74  GLN GLN A . n 
A 1 75  LEU 75  75  75  LEU LEU A . n 
A 1 76  ILE 76  76  76  ILE ILE A . n 
A 1 77  PHE 77  77  77  PHE PHE A . n 
A 1 78  VAL 78  78  78  VAL VAL A . n 
A 1 79  GLU 79  79  79  GLU GLU A . n 
A 1 80  GLY 80  80  80  GLY GLY A . n 
A 1 81  ARG 81  81  81  ARG ARG A . n 
A 1 82  LEU 82  82  82  LEU LEU A . n 
A 1 83  GLU 83  83  83  GLU GLU A . n 
A 1 84  TYR 84  84  84  TYR TYR A . n 
A 1 85  ARG 85  85  85  ARG ARG A . n 
A 1 86  GLN 86  86  ?   ?   ?   A . n 
A 1 87  TRP 87  87  ?   ?   ?   A . n 
A 1 88  GLU 88  88  ?   ?   ?   A . n 
A 1 89  LYS 89  89  ?   ?   ?   A . n 
A 1 90  ASP 90  90  ?   ?   ?   A . n 
A 1 91  GLY 91  91  ?   ?   ?   A . n 
A 1 92  GLU 92  92  ?   ?   ?   A . n 
A 1 93  LYS 93  93  ?   ?   ?   A . n 
A 1 94  LYS 94  94  ?   ?   ?   A . n 
A 1 95  SER 95  95  95  SER SER A . n 
A 1 96  GLU 96  96  96  GLU GLU A . n 
A 1 97  VAL 97  97  97  VAL VAL A . n 
A 1 98  GLN 98  98  98  GLN GLN A . n 
A 1 99  VAL 99  99  99  VAL VAL A . n 
A 1 100 ARG 100 100 100 ARG ARG A . n 
A 1 101 ALA 101 101 101 ALA ALA A . n 
A 1 102 GLU 102 102 102 GLU GLU A . n 
A 1 103 PHE 103 103 103 PHE PHE A . n 
A 1 104 ILE 104 104 104 ILE ILE A . n 
A 1 105 ASP 105 105 105 ASP ASP A . n 
A 1 106 PRO 106 106 106 PRO PRO A . n 
A 1 107 LEU 107 107 107 LEU LEU A . n 
A 1 108 GLU 108 108 108 GLU GLU A . n 
A 1 109 GLY 109 109 109 GLY GLY A . n 
A 1 110 ARG 110 110 110 ARG ARG A . n 
A 1 111 GLY 111 111 ?   ?   ?   A . n 
A 1 112 ARG 112 112 ?   ?   ?   A . n 
A 1 113 GLU 113 113 ?   ?   ?   A . n 
A 1 114 THR 114 114 ?   ?   ?   A . n 
A 1 115 LEU 115 115 ?   ?   ?   A . n 
A 1 116 GLU 116 116 ?   ?   ?   A . n 
A 1 117 ASP 117 117 ?   ?   ?   A . n 
A 1 118 ALA 118 118 ?   ?   ?   A . n 
A 1 119 ARG 119 119 ?   ?   ?   A . n 
A 1 120 GLY 120 120 ?   ?   ?   A . n 
A 1 121 GLN 121 121 ?   ?   ?   A . n 
A 1 122 PRO 122 122 ?   ?   ?   A . n 
A 1 123 ARG 123 123 ?   ?   ?   A . n 
A 1 124 LEU 124 124 ?   ?   ?   A . n 
A 1 125 ARG 125 125 125 ARG ARG A . n 
A 1 126 ARG 126 126 126 ARG ARG A . n 
A 1 127 ALA 127 127 127 ALA ALA A . n 
A 1 128 LEU 128 128 128 LEU LEU A . n 
A 1 129 ASN 129 129 129 ASN ASN A . n 
A 1 130 GLN 130 130 130 GLN GLN A . n 
A 1 131 VAL 131 131 131 VAL VAL A . n 
A 1 132 ILE 132 132 132 ILE ILE A . n 
A 1 133 LEU 133 133 133 LEU LEU A . n 
A 1 134 MET 134 134 134 MET MET A . n 
A 1 135 GLY 135 135 135 GLY GLY A . n 
A 1 136 ASN 136 136 136 ASN ASN A . n 
A 1 137 LEU 137 137 137 LEU LEU A . n 
A 1 138 THR 138 138 138 THR THR A . n 
A 1 139 ARG 139 139 139 ARG ARG A . n 
A 1 140 ASP 140 140 140 ASP ASP A . n 
A 1 141 PRO 141 141 141 PRO PRO A . n 
A 1 142 ASP 142 142 142 ASP ASP A . n 
A 1 143 LEU 143 143 143 LEU LEU A . n 
A 1 144 ARG 144 144 144 ARG ARG A . n 
A 1 145 TYR 145 145 145 TYR TYR A . n 
A 1 146 THR 146 146 146 THR THR A . n 
A 1 147 PRO 147 147 147 PRO PRO A . n 
A 1 148 GLN 148 148 148 GLN GLN A . n 
A 1 149 GLY 149 149 149 GLY GLY A . n 
A 1 150 THR 150 150 150 THR THR A . n 
A 1 151 ALA 151 151 151 ALA ALA A . n 
A 1 152 VAL 152 152 152 VAL VAL A . n 
A 1 153 VAL 153 153 153 VAL VAL A . n 
A 1 154 ARG 154 154 154 ARG ARG A . n 
A 1 155 LEU 155 155 155 LEU LEU A . n 
A 1 156 GLY 156 156 156 GLY GLY A . n 
A 1 157 LEU 157 157 157 LEU LEU A . n 
A 1 158 ALA 158 158 158 ALA ALA A . n 
A 1 159 VAL 159 159 159 VAL VAL A . n 
A 1 160 ASN 160 160 160 ASN ASN A . n 
A 1 161 GLU 161 161 161 GLU GLU A . n 
A 1 162 ARG 162 162 162 ARG ARG A . n 
A 1 163 ARG 163 163 ?   ?   ?   A . n 
A 1 164 ARG 164 164 ?   ?   ?   A . n 
A 1 165 GLY 165 165 ?   ?   ?   A . n 
A 1 166 GLN 166 166 ?   ?   ?   A . n 
A 1 167 GLU 167 167 ?   ?   ?   A . n 
A 1 168 GLU 168 168 ?   ?   ?   A . n 
A 1 169 GLU 169 169 ?   ?   ?   A . n 
A 1 170 ARG 170 170 170 ARG ARG A . n 
A 1 171 THR 171 171 171 THR THR A . n 
A 1 172 HIS 172 172 172 HIS HIS A . n 
A 1 173 PHE 173 173 173 PHE PHE A . n 
A 1 174 LEU 174 174 174 LEU LEU A . n 
A 1 175 GLU 175 175 175 GLU GLU A . n 
A 1 176 VAL 176 176 176 VAL VAL A . n 
A 1 177 GLN 177 177 177 GLN GLN A . n 
A 1 178 ALA 178 178 178 ALA ALA A . n 
A 1 179 TRP 179 179 179 TRP TRP A . n 
A 1 180 ARG 180 180 180 ARG ARG A . n 
A 1 181 GLU 181 181 181 GLU GLU A . n 
A 1 182 LEU 182 182 182 LEU LEU A . n 
A 1 183 ALA 183 183 183 ALA ALA A . n 
A 1 184 GLU 184 184 184 GLU GLU A . n 
A 1 185 TRP 185 185 185 TRP TRP A . n 
A 1 186 ALA 186 186 186 ALA ALA A . n 
A 1 187 SER 187 187 187 SER SER A . n 
A 1 188 GLU 188 188 188 GLU GLU A . n 
A 1 189 LEU 189 189 189 LEU LEU A . n 
A 1 190 ARG 190 190 190 ARG ARG A . n 
A 1 191 LYS 191 191 191 LYS LYS A . n 
A 1 192 GLY 192 192 192 GLY GLY A . n 
A 1 193 ASP 193 193 193 ASP ASP A . n 
A 1 194 GLY 194 194 194 GLY GLY A . n 
A 1 195 LEU 195 195 195 LEU LEU A . n 
A 1 196 LEU 196 196 196 LEU LEU A . n 
A 1 197 VAL 197 197 197 VAL VAL A . n 
A 1 198 ILE 198 198 198 ILE ILE A . n 
A 1 199 GLY 199 199 199 GLY GLY A . n 
A 1 200 ARG 200 200 200 ARG ARG A . n 
A 1 201 LEU 201 201 201 LEU LEU A . n 
A 1 202 VAL 202 202 202 VAL VAL A . n 
A 1 203 ASN 203 203 203 ASN ASN A . n 
A 1 204 ASP 204 204 204 ASP ASP A . n 
A 1 205 SER 205 205 205 SER SER A . n 
A 1 206 TRP 206 206 206 TRP TRP A . n 
A 1 207 THR 207 207 207 THR THR A . n 
A 1 208 SER 208 208 208 SER SER A . n 
A 1 209 SER 209 209 209 SER SER A . n 
A 1 210 SER 210 210 210 SER SER A . n 
A 1 211 GLY 211 211 211 GLY GLY A . n 
A 1 212 GLU 212 212 212 GLU GLU A . n 
A 1 213 ARG 213 213 213 ARG ARG A . n 
A 1 214 ARG 214 214 214 ARG ARG A . n 
A 1 215 PHE 215 215 215 PHE PHE A . n 
A 1 216 GLN 216 216 216 GLN GLN A . n 
A 1 217 THR 217 217 217 THR THR A . n 
A 1 218 ARG 218 218 218 ARG ARG A . n 
A 1 219 VAL 219 219 219 VAL VAL A . n 
A 1 220 GLU 220 220 220 GLU GLU A . n 
A 1 221 ALA 221 221 221 ALA ALA A . n 
A 1 222 LEU 222 222 222 LEU LEU A . n 
A 1 223 ARG 223 223 223 ARG ARG A . n 
A 1 224 LEU 224 224 224 LEU LEU A . n 
A 1 225 GLU 225 225 225 GLU GLU A . n 
A 1 226 ARG 226 226 226 ARG ARG A . n 
A 1 227 PRO 227 227 227 PRO PRO A . n 
A 1 228 THR 228 228 228 THR THR A . n 
A 1 229 ARG 229 229 229 ARG ARG A . n 
A 1 230 GLY 230 230 ?   ?   ?   A . n 
A 1 231 PRO 231 231 ?   ?   ?   A . n 
A 1 232 ALA 232 232 ?   ?   ?   A . n 
A 1 233 GLN 233 233 ?   ?   ?   A . n 
A 1 234 ALA 234 234 ?   ?   ?   A . n 
A 1 235 GLY 235 235 ?   ?   ?   A . n 
A 1 236 GLY 236 236 ?   ?   ?   A . n 
A 1 237 SER 237 237 ?   ?   ?   A . n 
A 1 238 ARG 238 238 ?   ?   ?   A . n 
A 1 239 PRO 239 239 ?   ?   ?   A . n 
A 1 240 PRO 240 240 ?   ?   ?   A . n 
A 1 241 THR 241 241 ?   ?   ?   A . n 
A 1 242 VAL 242 242 ?   ?   ?   A . n 
A 1 243 GLN 243 243 ?   ?   ?   A . n 
A 1 244 THR 244 244 ?   ?   ?   A . n 
A 1 245 GLY 245 245 ?   ?   ?   A . n 
A 1 246 GLY 246 246 ?   ?   ?   A . n 
A 1 247 VAL 247 247 ?   ?   ?   A . n 
A 1 248 ASP 248 248 ?   ?   ?   A . n 
A 1 249 ILE 249 249 ?   ?   ?   A . n 
A 1 250 ASP 250 250 ?   ?   ?   A . n 
A 1 251 GLU 251 251 ?   ?   ?   A . n 
A 1 252 GLY 252 252 ?   ?   ?   A . n 
A 1 253 LEU 253 253 ?   ?   ?   A . n 
A 1 254 GLU 254 254 ?   ?   ?   A . n 
A 1 255 ASP 255 255 ?   ?   ?   A . n 
A 1 256 PHE 256 256 ?   ?   ?   A . n 
A 1 257 PRO 257 257 ?   ?   ?   A . n 
A 1 258 PRO 258 258 ?   ?   ?   A . n 
A 1 259 GLU 259 259 ?   ?   ?   A . n 
A 1 260 GLU 260 260 ?   ?   ?   A . n 
A 1 261 ASP 261 261 ?   ?   ?   A . n 
A 1 262 LEU 262 262 ?   ?   ?   A . n 
A 1 263 PRO 263 263 ?   ?   ?   A . n 
A 1 264 PHE 264 264 ?   ?   ?   A . n 
# 
loop_
_pdbx_nonpoly_scheme.asym_id 
_pdbx_nonpoly_scheme.entity_id 
_pdbx_nonpoly_scheme.mon_id 
_pdbx_nonpoly_scheme.ndb_seq_num 
_pdbx_nonpoly_scheme.pdb_seq_num 
_pdbx_nonpoly_scheme.auth_seq_num 
_pdbx_nonpoly_scheme.pdb_mon_id 
_pdbx_nonpoly_scheme.auth_mon_id 
_pdbx_nonpoly_scheme.pdb_strand_id 
_pdbx_nonpoly_scheme.pdb_ins_code 
B 2 HOH 1   265 1   HOH HOH A . 
B 2 HOH 2   266 2   HOH HOH A . 
B 2 HOH 3   267 3   HOH HOH A . 
B 2 HOH 4   268 4   HOH HOH A . 
B 2 HOH 5   269 5   HOH HOH A . 
B 2 HOH 6   270 6   HOH HOH A . 
B 2 HOH 7   271 7   HOH HOH A . 
B 2 HOH 8   272 8   HOH HOH A . 
B 2 HOH 9   273 9   HOH HOH A . 
B 2 HOH 10  274 10  HOH HOH A . 
B 2 HOH 11  275 11  HOH HOH A . 
B 2 HOH 12  276 12  HOH HOH A . 
B 2 HOH 13  277 13  HOH HOH A . 
B 2 HOH 14  278 14  HOH HOH A . 
B 2 HOH 15  279 15  HOH HOH A . 
B 2 HOH 16  280 16  HOH HOH A . 
B 2 HOH 17  281 17  HOH HOH A . 
B 2 HOH 18  282 18  HOH HOH A . 
B 2 HOH 19  283 19  HOH HOH A . 
B 2 HOH 20  284 20  HOH HOH A . 
B 2 HOH 21  285 21  HOH HOH A . 
B 2 HOH 22  286 22  HOH HOH A . 
B 2 HOH 23  287 23  HOH HOH A . 
B 2 HOH 24  288 24  HOH HOH A . 
B 2 HOH 25  289 25  HOH HOH A . 
B 2 HOH 26  290 26  HOH HOH A . 
B 2 HOH 27  291 27  HOH HOH A . 
B 2 HOH 28  292 28  HOH HOH A . 
B 2 HOH 29  293 29  HOH HOH A . 
B 2 HOH 30  294 30  HOH HOH A . 
B 2 HOH 31  295 31  HOH HOH A . 
B 2 HOH 32  296 32  HOH HOH A . 
B 2 HOH 33  297 33  HOH HOH A . 
B 2 HOH 34  298 34  HOH HOH A . 
B 2 HOH 35  299 35  HOH HOH A . 
B 2 HOH 36  300 36  HOH HOH A . 
B 2 HOH 37  301 37  HOH HOH A . 
B 2 HOH 38  302 38  HOH HOH A . 
B 2 HOH 39  303 39  HOH HOH A . 
B 2 HOH 40  304 40  HOH HOH A . 
B 2 HOH 41  305 41  HOH HOH A . 
B 2 HOH 42  306 42  HOH HOH A . 
B 2 HOH 43  307 43  HOH HOH A . 
B 2 HOH 44  308 44  HOH HOH A . 
B 2 HOH 45  309 45  HOH HOH A . 
B 2 HOH 46  310 46  HOH HOH A . 
B 2 HOH 47  311 47  HOH HOH A . 
B 2 HOH 48  312 48  HOH HOH A . 
B 2 HOH 49  313 49  HOH HOH A . 
B 2 HOH 50  314 50  HOH HOH A . 
B 2 HOH 51  315 51  HOH HOH A . 
B 2 HOH 52  316 52  HOH HOH A . 
B 2 HOH 53  317 53  HOH HOH A . 
B 2 HOH 54  318 54  HOH HOH A . 
B 2 HOH 55  319 55  HOH HOH A . 
B 2 HOH 56  320 56  HOH HOH A . 
B 2 HOH 57  321 57  HOH HOH A . 
B 2 HOH 58  322 58  HOH HOH A . 
B 2 HOH 59  323 59  HOH HOH A . 
B 2 HOH 60  324 60  HOH HOH A . 
B 2 HOH 61  325 61  HOH HOH A . 
B 2 HOH 62  326 62  HOH HOH A . 
B 2 HOH 63  327 63  HOH HOH A . 
B 2 HOH 64  328 64  HOH HOH A . 
B 2 HOH 65  329 65  HOH HOH A . 
B 2 HOH 66  330 66  HOH HOH A . 
B 2 HOH 67  331 67  HOH HOH A . 
B 2 HOH 68  332 68  HOH HOH A . 
B 2 HOH 69  333 69  HOH HOH A . 
B 2 HOH 70  334 70  HOH HOH A . 
B 2 HOH 71  335 71  HOH HOH A . 
B 2 HOH 72  336 72  HOH HOH A . 
B 2 HOH 73  337 73  HOH HOH A . 
B 2 HOH 74  338 74  HOH HOH A . 
B 2 HOH 75  339 75  HOH HOH A . 
B 2 HOH 76  340 76  HOH HOH A . 
B 2 HOH 77  341 77  HOH HOH A . 
B 2 HOH 78  342 78  HOH HOH A . 
B 2 HOH 79  343 79  HOH HOH A . 
B 2 HOH 80  344 80  HOH HOH A . 
B 2 HOH 81  345 81  HOH HOH A . 
B 2 HOH 82  346 82  HOH HOH A . 
B 2 HOH 83  347 83  HOH HOH A . 
B 2 HOH 84  348 84  HOH HOH A . 
B 2 HOH 85  349 85  HOH HOH A . 
B 2 HOH 86  350 86  HOH HOH A . 
B 2 HOH 87  351 87  HOH HOH A . 
B 2 HOH 88  352 88  HOH HOH A . 
B 2 HOH 89  353 89  HOH HOH A . 
B 2 HOH 90  354 90  HOH HOH A . 
B 2 HOH 91  355 91  HOH HOH A . 
B 2 HOH 92  356 92  HOH HOH A . 
B 2 HOH 93  357 93  HOH HOH A . 
B 2 HOH 94  358 94  HOH HOH A . 
B 2 HOH 95  359 95  HOH HOH A . 
B 2 HOH 96  360 96  HOH HOH A . 
B 2 HOH 97  361 97  HOH HOH A . 
B 2 HOH 98  362 98  HOH HOH A . 
B 2 HOH 99  363 99  HOH HOH A . 
B 2 HOH 100 364 100 HOH HOH A . 
B 2 HOH 101 365 101 HOH HOH A . 
B 2 HOH 102 366 102 HOH HOH A . 
B 2 HOH 103 367 103 HOH HOH A . 
B 2 HOH 104 368 104 HOH HOH A . 
B 2 HOH 105 369 105 HOH HOH A . 
B 2 HOH 106 370 106 HOH HOH A . 
B 2 HOH 107 371 107 HOH HOH A . 
B 2 HOH 108 372 108 HOH HOH A . 
B 2 HOH 109 373 109 HOH HOH A . 
B 2 HOH 110 374 110 HOH HOH A . 
B 2 HOH 111 375 111 HOH HOH A . 
B 2 HOH 112 376 112 HOH HOH A . 
B 2 HOH 113 377 113 HOH HOH A . 
B 2 HOH 114 378 114 HOH HOH A . 
B 2 HOH 115 379 115 HOH HOH A . 
B 2 HOH 116 380 116 HOH HOH A . 
B 2 HOH 117 381 117 HOH HOH A . 
B 2 HOH 118 382 118 HOH HOH A . 
B 2 HOH 119 383 119 HOH HOH A . 
B 2 HOH 120 384 120 HOH HOH A . 
B 2 HOH 121 385 121 HOH HOH A . 
B 2 HOH 122 386 122 HOH HOH A . 
B 2 HOH 123 387 123 HOH HOH A . 
B 2 HOH 124 388 124 HOH HOH A . 
B 2 HOH 125 389 125 HOH HOH A . 
B 2 HOH 126 390 126 HOH HOH A . 
B 2 HOH 127 391 127 HOH HOH A . 
B 2 HOH 128 392 128 HOH HOH A . 
B 2 HOH 129 393 129 HOH HOH A . 
B 2 HOH 130 394 130 HOH HOH A . 
B 2 HOH 131 395 131 HOH HOH A . 
B 2 HOH 132 396 132 HOH HOH A . 
B 2 HOH 133 397 133 HOH HOH A . 
B 2 HOH 134 398 134 HOH HOH A . 
B 2 HOH 135 399 135 HOH HOH A . 
# 
loop_
_pdbx_unobs_or_zero_occ_atoms.id 
_pdbx_unobs_or_zero_occ_atoms.PDB_model_num 
_pdbx_unobs_or_zero_occ_atoms.polymer_flag 
_pdbx_unobs_or_zero_occ_atoms.occupancy_flag 
_pdbx_unobs_or_zero_occ_atoms.auth_asym_id 
_pdbx_unobs_or_zero_occ_atoms.auth_comp_id 
_pdbx_unobs_or_zero_occ_atoms.auth_seq_id 
_pdbx_unobs_or_zero_occ_atoms.PDB_ins_code 
_pdbx_unobs_or_zero_occ_atoms.auth_atom_id 
_pdbx_unobs_or_zero_occ_atoms.label_alt_id 
_pdbx_unobs_or_zero_occ_atoms.label_asym_id 
_pdbx_unobs_or_zero_occ_atoms.label_comp_id 
_pdbx_unobs_or_zero_occ_atoms.label_seq_id 
_pdbx_unobs_or_zero_occ_atoms.label_atom_id 
1  1 Y 1 A ARG 3   ? CG  ? A ARG 3   CG  
2  1 Y 1 A ARG 3   ? CD  ? A ARG 3   CD  
3  1 Y 1 A ARG 3   ? NE  ? A ARG 3   NE  
4  1 Y 1 A ARG 3   ? CZ  ? A ARG 3   CZ  
5  1 Y 1 A ARG 3   ? NH1 ? A ARG 3   NH1 
6  1 Y 1 A ARG 3   ? NH2 ? A ARG 3   NH2 
7  1 Y 1 A ARG 85  ? CG  ? A ARG 85  CG  
8  1 Y 1 A ARG 85  ? CD  ? A ARG 85  CD  
9  1 Y 1 A ARG 85  ? NE  ? A ARG 85  NE  
10 1 Y 1 A ARG 85  ? CZ  ? A ARG 85  CZ  
11 1 Y 1 A ARG 85  ? NH1 ? A ARG 85  NH1 
12 1 Y 1 A ARG 85  ? NH2 ? A ARG 85  NH2 
13 1 Y 1 A ARG 110 ? CG  ? A ARG 110 CG  
14 1 Y 1 A ARG 110 ? CD  ? A ARG 110 CD  
15 1 Y 1 A ARG 110 ? NE  ? A ARG 110 NE  
16 1 Y 1 A ARG 110 ? CZ  ? A ARG 110 CZ  
17 1 Y 1 A ARG 110 ? NH1 ? A ARG 110 NH1 
18 1 Y 1 A ARG 110 ? NH2 ? A ARG 110 NH2 
19 1 Y 1 A ARG 125 ? CB  ? A ARG 125 CB  
20 1 Y 1 A ARG 125 ? CG  ? A ARG 125 CG  
21 1 Y 1 A ARG 125 ? CD  ? A ARG 125 CD  
22 1 Y 1 A ARG 125 ? NE  ? A ARG 125 NE  
23 1 Y 1 A ARG 125 ? CZ  ? A ARG 125 CZ  
24 1 Y 1 A ARG 125 ? NH1 ? A ARG 125 NH1 
25 1 Y 1 A ARG 125 ? NH2 ? A ARG 125 NH2 
26 1 Y 1 A ARG 126 ? CB  ? A ARG 126 CB  
27 1 Y 1 A ARG 126 ? CG  ? A ARG 126 CG  
28 1 Y 1 A ARG 126 ? CD  ? A ARG 126 CD  
29 1 Y 1 A ARG 126 ? NE  ? A ARG 126 NE  
30 1 Y 1 A ARG 126 ? CZ  ? A ARG 126 CZ  
31 1 Y 1 A ARG 126 ? NH1 ? A ARG 126 NH1 
32 1 Y 1 A ARG 126 ? NH2 ? A ARG 126 NH2 
33 1 Y 1 A GLU 161 ? CB  ? A GLU 161 CB  
34 1 Y 1 A GLU 161 ? CG  ? A GLU 161 CG  
35 1 Y 1 A GLU 161 ? CD  ? A GLU 161 CD  
36 1 Y 1 A GLU 161 ? OE1 ? A GLU 161 OE1 
37 1 Y 1 A GLU 161 ? OE2 ? A GLU 161 OE2 
38 1 Y 1 A ARG 162 ? CB  ? A ARG 162 CB  
39 1 Y 1 A ARG 162 ? CG  ? A ARG 162 CG  
40 1 Y 1 A ARG 162 ? CD  ? A ARG 162 CD  
41 1 Y 1 A ARG 162 ? NE  ? A ARG 162 NE  
42 1 Y 1 A ARG 162 ? CZ  ? A ARG 162 CZ  
43 1 Y 1 A ARG 162 ? NH1 ? A ARG 162 NH1 
44 1 Y 1 A ARG 162 ? NH2 ? A ARG 162 NH2 
45 1 Y 1 A ARG 170 ? CB  ? A ARG 170 CB  
46 1 Y 1 A ARG 170 ? CG  ? A ARG 170 CG  
47 1 Y 1 A ARG 170 ? CD  ? A ARG 170 CD  
48 1 Y 1 A ARG 170 ? NE  ? A ARG 170 NE  
49 1 Y 1 A ARG 170 ? CZ  ? A ARG 170 CZ  
50 1 Y 1 A ARG 170 ? NH1 ? A ARG 170 NH1 
51 1 Y 1 A ARG 170 ? NH2 ? A ARG 170 NH2 
# 
loop_
_software.name 
_software.classification 
_software.version 
_software.citation_id 
_software.pdbx_ordinal 
REFMAC    refinement       5.1.24 ? 1 
HKL-2000  'data reduction' .      ? 2 
SCALEPACK 'data scaling'   .      ? 3 
AMoRE     phasing          .      ? 4 
# 
_cell.entry_id           2FXQ 
_cell.length_a           51.140 
_cell.length_b           163.770 
_cell.length_c           60.160 
_cell.angle_alpha        90.00 
_cell.angle_beta         90.00 
_cell.angle_gamma        90.00 
_cell.Z_PDB              8 
_cell.pdbx_unique_axis   ? 
_cell.length_a_esd       ? 
_cell.length_b_esd       ? 
_cell.length_c_esd       ? 
_cell.angle_alpha_esd    ? 
_cell.angle_beta_esd     ? 
_cell.angle_gamma_esd    ? 
# 
_symmetry.entry_id                         2FXQ 
_symmetry.space_group_name_H-M             'C 2 2 21' 
_symmetry.pdbx_full_space_group_name_H-M   ? 
_symmetry.cell_setting                     ? 
_symmetry.Int_Tables_number                20 
_symmetry.space_group_name_Hall            ? 
# 
_exptl.entry_id          2FXQ 
_exptl.method            'X-RAY DIFFRACTION' 
_exptl.crystals_number   1 
# 
_exptl_crystal.id                    1 
_exptl_crystal.density_meas          ? 
_exptl_crystal.density_Matthews      2.09 
_exptl_crystal.density_percent_sol   41.25 
_exptl_crystal.description           ? 
_exptl_crystal.F_000                 ? 
_exptl_crystal.preparation           ? 
# 
_exptl_crystal_grow.crystal_id      1 
_exptl_crystal_grow.method          'VAPOR DIFFUSION, HANGING DROP' 
_exptl_crystal_grow.temp            293 
_exptl_crystal_grow.temp_details    ? 
_exptl_crystal_grow.pH              4.6 
_exptl_crystal_grow.pdbx_details    
;protein solution : 25mg/ml, 1M NaCl, 10mM Tris pH 7.9. 
well solution : 25% MPD, 20 mM CaCl2, 0.1 M acetate buffer pH 4.6 
mix 1:1, VAPOR DIFFUSION, HANGING DROP, temperature 293K
;
_exptl_crystal_grow.pdbx_pH_range   . 
# 
_diffrn.id                     1 
_diffrn.ambient_temp           100 
_diffrn.ambient_temp_details   ? 
_diffrn.crystal_id             1 
# 
_diffrn_detector.diffrn_id              1 
_diffrn_detector.detector               CCD 
_diffrn_detector.type                   MARRESEARCH 
_diffrn_detector.pdbx_collection_date   2005-02-07 
_diffrn_detector.details                ? 
# 
_diffrn_radiation.diffrn_id                        1 
_diffrn_radiation.wavelength_id                    1 
_diffrn_radiation.pdbx_monochromatic_or_laue_m_l   M 
_diffrn_radiation.monochromator                    'SI 111' 
_diffrn_radiation.pdbx_diffrn_protocol             'SINGLE WAVELENGTH' 
_diffrn_radiation.pdbx_scattering_type             x-ray 
# 
_diffrn_radiation_wavelength.id           1 
_diffrn_radiation_wavelength.wavelength   1.039 
_diffrn_radiation_wavelength.wt           1.0 
# 
_diffrn_source.diffrn_id                   1 
_diffrn_source.source                      SYNCHROTRON 
_diffrn_source.type                        'APS BEAMLINE 22-BM' 
_diffrn_source.pdbx_synchrotron_site       APS 
_diffrn_source.pdbx_synchrotron_beamline   22-BM 
_diffrn_source.pdbx_wavelength             ? 
_diffrn_source.pdbx_wavelength_list        1.039 
# 
_reflns.entry_id                     2FXQ 
_reflns.observed_criterion_sigma_I   -3 
_reflns.observed_criterion_sigma_F   -3 
_reflns.d_resolution_low             40 
_reflns.d_resolution_high            1.85 
_reflns.number_obs                   22066 
_reflns.number_all                   22066 
_reflns.percent_possible_obs         100 
_reflns.pdbx_Rmerge_I_obs            0.05 
_reflns.pdbx_Rsym_value              0.05 
_reflns.pdbx_netI_over_sigmaI        33.9 
_reflns.B_iso_Wilson_estimate        31.6 
_reflns.pdbx_redundancy              6.0 
_reflns.R_free_details               ? 
_reflns.limit_h_max                  ? 
_reflns.limit_h_min                  ? 
_reflns.limit_k_max                  ? 
_reflns.limit_k_min                  ? 
_reflns.limit_l_max                  ? 
_reflns.limit_l_min                  ? 
_reflns.observed_criterion_F_max     ? 
_reflns.observed_criterion_F_min     ? 
_reflns.pdbx_chi_squared             ? 
_reflns.pdbx_scaling_rejects         ? 
_reflns.pdbx_ordinal                 1 
_reflns.pdbx_diffrn_id               1 
# 
_reflns_shell.d_res_high             1.85 
_reflns_shell.d_res_low              1.92 
_reflns_shell.percent_possible_all   100 
_reflns_shell.Rmerge_I_obs           0.832 
_reflns_shell.pdbx_Rsym_value        0.832 
_reflns_shell.meanI_over_sigI_obs    2.4 
_reflns_shell.pdbx_redundancy        6.0 
_reflns_shell.percent_possible_obs   ? 
_reflns_shell.number_unique_all      2165 
_reflns_shell.number_measured_all    ? 
_reflns_shell.number_measured_obs    ? 
_reflns_shell.number_unique_obs      ? 
_reflns_shell.pdbx_chi_squared       ? 
_reflns_shell.pdbx_ordinal           1 
_reflns_shell.pdbx_diffrn_id         1 
# 
_refine.entry_id                                 2FXQ 
_refine.ls_number_reflns_obs                     20912 
_refine.ls_number_reflns_all                     20912 
_refine.pdbx_ls_sigma_I                          ? 
_refine.pdbx_ls_sigma_F                          -3 
_refine.pdbx_data_cutoff_high_absF               ? 
_refine.pdbx_data_cutoff_low_absF                ? 
_refine.pdbx_data_cutoff_high_rms_absF           ? 
_refine.ls_d_res_low                             30.00 
_refine.ls_d_res_high                            1.85 
_refine.ls_percent_reflns_obs                    100.00 
_refine.ls_R_factor_obs                          0.19207 
_refine.ls_R_factor_all                          0.19207 
_refine.ls_R_factor_R_work                       0.18934 
_refine.ls_R_factor_R_free                       0.24731 
_refine.ls_R_factor_R_free_error                 ? 
_refine.ls_R_factor_R_free_error_details         ? 
_refine.ls_percent_reflns_R_free                 5.1 
_refine.ls_number_reflns_R_free                  1130 
_refine.ls_number_parameters                     ? 
_refine.ls_number_restraints                     ? 
_refine.occupancy_min                            ? 
_refine.occupancy_max                            ? 
_refine.correlation_coeff_Fo_to_Fc               0.961 
_refine.correlation_coeff_Fo_to_Fc_free          0.934 
_refine.B_iso_mean                               35.318 
_refine.aniso_B[1][1]                            -0.86 
_refine.aniso_B[2][2]                            -1.24 
_refine.aniso_B[3][3]                            2.11 
_refine.aniso_B[1][2]                            0.00 
_refine.aniso_B[1][3]                            0.00 
_refine.aniso_B[2][3]                            0.00 
_refine.solvent_model_details                    'BABINET MODEL WITH MASK' 
_refine.solvent_model_param_ksol                 ? 
_refine.solvent_model_param_bsol                 ? 
_refine.pdbx_solvent_vdw_probe_radii             1.40 
_refine.pdbx_solvent_ion_probe_radii             0.80 
_refine.pdbx_solvent_shrinkage_radii             0.80 
_refine.pdbx_ls_cross_valid_method               THROUGHOUT 
_refine.details                                  ? 
_refine.pdbx_starting_model                      ? 
_refine.pdbx_method_to_determine_struct          'MOLECULAR REPLACEMENT' 
_refine.pdbx_isotropic_thermal_model             ? 
_refine.pdbx_stereochemistry_target_values       'MAXIMUM LIKELIHOOD' 
_refine.pdbx_stereochem_target_val_spec_case     ? 
_refine.pdbx_R_Free_selection_details            RANDOM 
_refine.pdbx_overall_ESU_R                       0.123 
_refine.pdbx_overall_ESU_R_Free                  0.132 
_refine.overall_SU_ML                            0.087 
_refine.overall_SU_B                             2.922 
_refine.ls_redundancy_reflns_obs                 ? 
_refine.B_iso_min                                ? 
_refine.B_iso_max                                ? 
_refine.overall_SU_R_Cruickshank_DPI             ? 
_refine.overall_SU_R_free                        ? 
_refine.ls_wR_factor_R_free                      ? 
_refine.ls_wR_factor_R_work                      ? 
_refine.overall_FOM_free_R_set                   ? 
_refine.overall_FOM_work_R_set                   ? 
_refine.pdbx_refine_id                           'X-RAY DIFFRACTION' 
_refine.pdbx_TLS_residual_ADP_flag               'LIKELY RESIDUAL' 
_refine.pdbx_diffrn_id                           1 
_refine.pdbx_overall_phase_error                 ? 
_refine.pdbx_overall_SU_R_free_Cruickshank_DPI   ? 
_refine.pdbx_overall_SU_R_Blow_DPI               ? 
_refine.pdbx_overall_SU_R_free_Blow_DPI          ? 
# 
_refine_hist.pdbx_refine_id                   'X-RAY DIFFRACTION' 
_refine_hist.cycle_id                         LAST 
_refine_hist.pdbx_number_atoms_protein        1547 
_refine_hist.pdbx_number_atoms_nucleic_acid   0 
_refine_hist.pdbx_number_atoms_ligand         0 
_refine_hist.number_atoms_solvent             135 
_refine_hist.number_atoms_total               1682 
_refine_hist.d_res_high                       1.85 
_refine_hist.d_res_low                        30.00 
# 
loop_
_refine_ls_restr.type 
_refine_ls_restr.dev_ideal 
_refine_ls_restr.dev_ideal_target 
_refine_ls_restr.weight 
_refine_ls_restr.number 
_refine_ls_restr.pdbx_refine_id 
_refine_ls_restr.pdbx_restraint_function 
r_bond_refined_d             0.021  0.021 ? 1572 'X-RAY DIFFRACTION' ? 
r_bond_other_d               ?      ?     ? ?    'X-RAY DIFFRACTION' ? 
r_angle_refined_deg          1.934  1.959 ? 2124 'X-RAY DIFFRACTION' ? 
r_angle_other_deg            ?      ?     ? ?    'X-RAY DIFFRACTION' ? 
r_dihedral_angle_1_deg       7.109  5.000 ? 193  'X-RAY DIFFRACTION' ? 
r_dihedral_angle_2_deg       ?      ?     ? ?    'X-RAY DIFFRACTION' ? 
r_dihedral_angle_3_deg       ?      ?     ? ?    'X-RAY DIFFRACTION' ? 
r_dihedral_angle_4_deg       ?      ?     ? ?    'X-RAY DIFFRACTION' ? 
r_chiral_restr               0.164  0.200 ? 233  'X-RAY DIFFRACTION' ? 
r_gen_planes_refined         0.008  0.020 ? 1208 'X-RAY DIFFRACTION' ? 
r_gen_planes_other           ?      ?     ? ?    'X-RAY DIFFRACTION' ? 
r_nbd_refined                0.228  0.200 ? 597  'X-RAY DIFFRACTION' ? 
r_nbd_other                  ?      ?     ? ?    'X-RAY DIFFRACTION' ? 
r_nbtor_refined              ?      ?     ? ?    'X-RAY DIFFRACTION' ? 
r_nbtor_other                ?      ?     ? ?    'X-RAY DIFFRACTION' ? 
r_xyhbond_nbd_refined        0.212  0.200 ? 127  'X-RAY DIFFRACTION' ? 
r_xyhbond_nbd_other          ?      ?     ? ?    'X-RAY DIFFRACTION' ? 
r_metal_ion_refined          ?      ?     ? ?    'X-RAY DIFFRACTION' ? 
r_metal_ion_other            ?      ?     ? ?    'X-RAY DIFFRACTION' ? 
r_symmetry_vdw_refined       0.244  0.200 ? 42   'X-RAY DIFFRACTION' ? 
r_symmetry_vdw_other         ?      ?     ? ?    'X-RAY DIFFRACTION' ? 
r_symmetry_hbond_refined     0.227  0.200 ? 20   'X-RAY DIFFRACTION' ? 
r_symmetry_hbond_other       ?      ?     ? ?    'X-RAY DIFFRACTION' ? 
r_symmetry_metal_ion_refined ?      ?     ? ?    'X-RAY DIFFRACTION' ? 
r_symmetry_metal_ion_other   ?      ?     ? ?    'X-RAY DIFFRACTION' ? 
r_mcbond_it                  3.269  3.000 ? 965  'X-RAY DIFFRACTION' ? 
r_mcbond_other               ?      ?     ? ?    'X-RAY DIFFRACTION' ? 
r_mcangle_it                 5.602  5.000 ? 1531 'X-RAY DIFFRACTION' ? 
r_scbond_it                  6.772  6.000 ? 607  'X-RAY DIFFRACTION' ? 
r_scangle_it                 10.112 8.000 ? 593  'X-RAY DIFFRACTION' ? 
r_rigid_bond_restr           ?      ?     ? ?    'X-RAY DIFFRACTION' ? 
r_sphericity_free            ?      ?     ? ?    'X-RAY DIFFRACTION' ? 
r_sphericity_bonded          ?      ?     ? ?    'X-RAY DIFFRACTION' ? 
# 
_refine_ls_shell.pdbx_total_number_of_bins_used   20 
_refine_ls_shell.d_res_high                       1.850 
_refine_ls_shell.d_res_low                        1.898 
_refine_ls_shell.number_reflns_R_work             1512 
_refine_ls_shell.R_factor_R_work                  0.257 
_refine_ls_shell.percent_reflns_obs               ? 
_refine_ls_shell.R_factor_R_free                  0.314 
_refine_ls_shell.R_factor_R_free_error            ? 
_refine_ls_shell.percent_reflns_R_free            ? 
_refine_ls_shell.number_reflns_R_free             97 
_refine_ls_shell.number_reflns_all                ? 
_refine_ls_shell.R_factor_all                     ? 
_refine_ls_shell.number_reflns_obs                ? 
_refine_ls_shell.redundancy_reflns_obs            ? 
_refine_ls_shell.pdbx_refine_id                   'X-RAY DIFFRACTION' 
# 
_struct.entry_id                  2FXQ 
_struct.title                     'Single-stranded DNA-binding protein from Thermus aquaticus' 
_struct.pdbx_model_details        ? 
_struct.pdbx_CASP_flag            ? 
_struct.pdbx_model_type_details   ? 
# 
_struct_keywords.entry_id        2FXQ 
_struct_keywords.pdbx_keywords   'DNA BINDING PROTEIN' 
_struct_keywords.text            '5 strand beta-sheet extended loops, DNA BINDING PROTEIN' 
# 
loop_
_struct_asym.id 
_struct_asym.pdbx_blank_PDB_chainid_flag 
_struct_asym.pdbx_modified 
_struct_asym.entity_id 
_struct_asym.details 
A N N 1 ? 
B N N 2 ? 
# 
_struct_ref.id                         1 
_struct_ref.db_name                    UNP 
_struct_ref.db_code                    SSB_THEAQ 
_struct_ref.pdbx_db_accession          Q9KH06 
_struct_ref.entity_id                  1 
_struct_ref.pdbx_seq_one_letter_code   
;MARGLNQVFLIGTLTARPDMRYTPGGLAILDLNLAGQDAFTDESGQEREVPWYHRVRLLGRQAEMWGDLLEKGQLIFVEG
RLEYRQWEKDGEKKSEVQVRAEFIDPLEGRGRETLEDARGQPRLRRALNQVILMGNLTRDPDLRYTPQGTAVVRLGLAVN
ERRRGQEEERTHFLEVQAWRELAEWASELRKGDGLLVIGRLVNDSWTSSSGERRFQTRVEALRLERPTRGPAQAGGSRPP
TVQTGGVDIDEGLEDFPPEEDLPF
;
_struct_ref.pdbx_align_begin           1 
_struct_ref.pdbx_db_isoform            ? 
# 
_struct_ref_seq.align_id                      1 
_struct_ref_seq.ref_id                        1 
_struct_ref_seq.pdbx_PDB_id_code              2FXQ 
_struct_ref_seq.pdbx_strand_id                A 
_struct_ref_seq.seq_align_beg                 1 
_struct_ref_seq.pdbx_seq_align_beg_ins_code   ? 
_struct_ref_seq.seq_align_end                 264 
_struct_ref_seq.pdbx_seq_align_end_ins_code   ? 
_struct_ref_seq.pdbx_db_accession             Q9KH06 
_struct_ref_seq.db_align_beg                  1 
_struct_ref_seq.pdbx_db_align_beg_ins_code    ? 
_struct_ref_seq.db_align_end                  264 
_struct_ref_seq.pdbx_db_align_end_ins_code    ? 
_struct_ref_seq.pdbx_auth_seq_align_beg       1 
_struct_ref_seq.pdbx_auth_seq_align_end       264 
# 
_pdbx_struct_assembly.id                   1 
_pdbx_struct_assembly.details              author_defined_assembly 
_pdbx_struct_assembly.method_details       ? 
_pdbx_struct_assembly.oligomeric_details   dimeric 
_pdbx_struct_assembly.oligomeric_count     2 
# 
_pdbx_struct_assembly_gen.assembly_id       1 
_pdbx_struct_assembly_gen.oper_expression   1,2 
_pdbx_struct_assembly_gen.asym_id_list      A,B 
# 
loop_
_pdbx_struct_oper_list.id 
_pdbx_struct_oper_list.type 
_pdbx_struct_oper_list.name 
_pdbx_struct_oper_list.symmetry_operation 
_pdbx_struct_oper_list.matrix[1][1] 
_pdbx_struct_oper_list.matrix[1][2] 
_pdbx_struct_oper_list.matrix[1][3] 
_pdbx_struct_oper_list.vector[1] 
_pdbx_struct_oper_list.matrix[2][1] 
_pdbx_struct_oper_list.matrix[2][2] 
_pdbx_struct_oper_list.matrix[2][3] 
_pdbx_struct_oper_list.vector[2] 
_pdbx_struct_oper_list.matrix[3][1] 
_pdbx_struct_oper_list.matrix[3][2] 
_pdbx_struct_oper_list.matrix[3][3] 
_pdbx_struct_oper_list.vector[3] 
1 'identity operation'         1_555 x,y,z       1.0000000000  0.0000000000 0.0000000000 0.0000000000  0.0000000000 1.0000000000 0.0000000000 0.0000000000  0.0000000000 0.0000000000 1.0000000000  0.0000000000   
2 'crystal symmetry operation' 3_555 -x,y,-z+1/2 -0.5842391536 0.7436697147 0.3249922565 17.3125147644 0.7436697147 0.3301989580 0.5813123115 -1.1643344167 0.3249922565 0.5813123115 -0.7459598043 -19.4834966737 
# 
_struct_biol.id                    1 
_struct_biol.details               'dimer formed by crystallographic 2-fold axis -x,y,1/2-z' 
_struct_biol.pdbx_parent_biol_id   ? 
# 
loop_
_struct_conf.conf_type_id 
_struct_conf.id 
_struct_conf.pdbx_PDB_helix_id 
_struct_conf.beg_label_comp_id 
_struct_conf.beg_label_asym_id 
_struct_conf.beg_label_seq_id 
_struct_conf.pdbx_beg_PDB_ins_code 
_struct_conf.end_label_comp_id 
_struct_conf.end_label_asym_id 
_struct_conf.end_label_seq_id 
_struct_conf.pdbx_end_PDB_ins_code 
_struct_conf.beg_auth_comp_id 
_struct_conf.beg_auth_asym_id 
_struct_conf.beg_auth_seq_id 
_struct_conf.end_auth_comp_id 
_struct_conf.end_auth_asym_id 
_struct_conf.end_auth_seq_id 
_struct_conf.pdbx_PDB_helix_class 
_struct_conf.details 
_struct_conf.pdbx_PDB_helix_length 
HELX_P HELX_P1 1 GLY A 60  ? GLY A 67  ? GLY A 60  GLY A 67  1 ? 8 
HELX_P HELX_P2 2 ARG A 180 ? SER A 187 ? ARG A 180 SER A 187 1 ? 8 
# 
_struct_conf_type.id          HELX_P 
_struct_conf_type.criteria    ? 
_struct_conf_type.reference   ? 
# 
_struct_sheet.id               A 
_struct_sheet.type             ? 
_struct_sheet.number_strands   12 
_struct_sheet.details          ? 
# 
loop_
_struct_sheet_order.sheet_id 
_struct_sheet_order.range_id_1 
_struct_sheet_order.range_id_2 
_struct_sheet_order.offset 
_struct_sheet_order.sense 
A 1  2  ? anti-parallel 
A 2  3  ? anti-parallel 
A 3  4  ? parallel      
A 4  5  ? anti-parallel 
A 5  6  ? anti-parallel 
A 6  7  ? anti-parallel 
A 7  8  ? anti-parallel 
A 8  9  ? anti-parallel 
A 9  10 ? parallel      
A 10 11 ? anti-parallel 
A 11 12 ? anti-parallel 
# 
loop_
_struct_sheet_range.sheet_id 
_struct_sheet_range.id 
_struct_sheet_range.beg_label_comp_id 
_struct_sheet_range.beg_label_asym_id 
_struct_sheet_range.beg_label_seq_id 
_struct_sheet_range.pdbx_beg_PDB_ins_code 
_struct_sheet_range.end_label_comp_id 
_struct_sheet_range.end_label_asym_id 
_struct_sheet_range.end_label_seq_id 
_struct_sheet_range.pdbx_end_PDB_ins_code 
_struct_sheet_range.beg_auth_comp_id 
_struct_sheet_range.beg_auth_asym_id 
_struct_sheet_range.beg_auth_seq_id 
_struct_sheet_range.end_auth_comp_id 
_struct_sheet_range.end_auth_asym_id 
_struct_sheet_range.end_auth_seq_id 
A 1  ARG A 21  ? TYR A 22  ? ARG A 21  TYR A 22  
A 2  ALA A 28  ? THR A 41  ? ALA A 28  THR A 41  
A 3  GLU A 47  ? LEU A 59  ? GLU A 47  LEU A 59  
A 4  VAL A 97  ? PRO A 106 ? VAL A 97  PRO A 106 
A 5  LEU A 75  ? TYR A 84  ? LEU A 75  TYR A 84  
A 6  LEU A 5   ? LEU A 14  ? LEU A 5   LEU A 14  
A 7  ASN A 129 ? LEU A 137 ? ASN A 129 LEU A 137 
A 8  GLY A 194 ? THR A 207 ? GLY A 194 THR A 207 
A 9  ARG A 213 ? GLU A 225 ? ARG A 213 GLU A 225 
A 10 THR A 171 ? TRP A 179 ? THR A 171 TRP A 179 
A 11 ALA A 151 ? ASN A 160 ? ALA A 151 ASN A 160 
A 12 ARG A 144 ? TYR A 145 ? ARG A 144 TYR A 145 
# 
loop_
_pdbx_struct_sheet_hbond.sheet_id 
_pdbx_struct_sheet_hbond.range_id_1 
_pdbx_struct_sheet_hbond.range_id_2 
_pdbx_struct_sheet_hbond.range_1_label_atom_id 
_pdbx_struct_sheet_hbond.range_1_label_comp_id 
_pdbx_struct_sheet_hbond.range_1_label_asym_id 
_pdbx_struct_sheet_hbond.range_1_label_seq_id 
_pdbx_struct_sheet_hbond.range_1_PDB_ins_code 
_pdbx_struct_sheet_hbond.range_1_auth_atom_id 
_pdbx_struct_sheet_hbond.range_1_auth_comp_id 
_pdbx_struct_sheet_hbond.range_1_auth_asym_id 
_pdbx_struct_sheet_hbond.range_1_auth_seq_id 
_pdbx_struct_sheet_hbond.range_2_label_atom_id 
_pdbx_struct_sheet_hbond.range_2_label_comp_id 
_pdbx_struct_sheet_hbond.range_2_label_asym_id 
_pdbx_struct_sheet_hbond.range_2_label_seq_id 
_pdbx_struct_sheet_hbond.range_2_PDB_ins_code 
_pdbx_struct_sheet_hbond.range_2_auth_atom_id 
_pdbx_struct_sheet_hbond.range_2_auth_comp_id 
_pdbx_struct_sheet_hbond.range_2_auth_asym_id 
_pdbx_struct_sheet_hbond.range_2_auth_seq_id 
A 1  2  N ARG A 21  ? N ARG A 21  O ILE A 29  ? O ILE A 29  
A 2  3  N LEU A 32  ? N LEU A 32  O VAL A 56  ? O VAL A 56  
A 3  4  N ARG A 57  ? N ARG A 57  O VAL A 99  ? O VAL A 99  
A 4  5  O GLN A 98  ? O GLN A 98  N GLU A 83  ? N GLU A 83  
A 5  6  O VAL A 78  ? O VAL A 78  N LEU A 10  ? N LEU A 10  
A 6  7  N PHE A 9   ? N PHE A 9   O GLN A 130 ? O GLN A 130 
A 7  8  N LEU A 133 ? N LEU A 133 O VAL A 197 ? O VAL A 197 
A 8  9  N ASP A 204 ? N ASP A 204 O GLN A 216 ? O GLN A 216 
A 9  10 O ALA A 221 ? O ALA A 221 N GLN A 177 ? N GLN A 177 
A 10 11 O VAL A 176 ? O VAL A 176 N LEU A 155 ? N LEU A 155 
A 11 12 O VAL A 152 ? O VAL A 152 N ARG A 144 ? N ARG A 144 
# 
loop_
_pdbx_validate_close_contact.id 
_pdbx_validate_close_contact.PDB_model_num 
_pdbx_validate_close_contact.auth_atom_id_1 
_pdbx_validate_close_contact.auth_asym_id_1 
_pdbx_validate_close_contact.auth_comp_id_1 
_pdbx_validate_close_contact.auth_seq_id_1 
_pdbx_validate_close_contact.PDB_ins_code_1 
_pdbx_validate_close_contact.label_alt_id_1 
_pdbx_validate_close_contact.auth_atom_id_2 
_pdbx_validate_close_contact.auth_asym_id_2 
_pdbx_validate_close_contact.auth_comp_id_2 
_pdbx_validate_close_contact.auth_seq_id_2 
_pdbx_validate_close_contact.PDB_ins_code_2 
_pdbx_validate_close_contact.label_alt_id_2 
_pdbx_validate_close_contact.dist 
1 1 O   A HOH 269 ? ? O A HOH 313 ? ? 2.07 
2 1 O   A SER 95  ? ? O A HOH 363 ? ? 2.08 
3 1 OD2 A ASP 38  ? ? O A HOH 389 ? ? 2.11 
4 1 OD1 A ASP 38  ? ? O A HOH 389 ? ? 2.13 
# 
loop_
_pdbx_validate_symm_contact.id 
_pdbx_validate_symm_contact.PDB_model_num 
_pdbx_validate_symm_contact.auth_atom_id_1 
_pdbx_validate_symm_contact.auth_asym_id_1 
_pdbx_validate_symm_contact.auth_comp_id_1 
_pdbx_validate_symm_contact.auth_seq_id_1 
_pdbx_validate_symm_contact.PDB_ins_code_1 
_pdbx_validate_symm_contact.label_alt_id_1 
_pdbx_validate_symm_contact.site_symmetry_1 
_pdbx_validate_symm_contact.auth_atom_id_2 
_pdbx_validate_symm_contact.auth_asym_id_2 
_pdbx_validate_symm_contact.auth_comp_id_2 
_pdbx_validate_symm_contact.auth_seq_id_2 
_pdbx_validate_symm_contact.PDB_ins_code_2 
_pdbx_validate_symm_contact.label_alt_id_2 
_pdbx_validate_symm_contact.site_symmetry_2 
_pdbx_validate_symm_contact.dist 
1 1 O   A HOH 300 ? ? 1_555 O A HOH 311 ? ? 1_655 2.15 
2 1 NH2 A ARG 144 ? ? 1_555 O A SER 210 ? ? 3_554 2.18 
# 
loop_
_pdbx_validate_rmsd_angle.id 
_pdbx_validate_rmsd_angle.PDB_model_num 
_pdbx_validate_rmsd_angle.auth_atom_id_1 
_pdbx_validate_rmsd_angle.auth_asym_id_1 
_pdbx_validate_rmsd_angle.auth_comp_id_1 
_pdbx_validate_rmsd_angle.auth_seq_id_1 
_pdbx_validate_rmsd_angle.PDB_ins_code_1 
_pdbx_validate_rmsd_angle.label_alt_id_1 
_pdbx_validate_rmsd_angle.auth_atom_id_2 
_pdbx_validate_rmsd_angle.auth_asym_id_2 
_pdbx_validate_rmsd_angle.auth_comp_id_2 
_pdbx_validate_rmsd_angle.auth_seq_id_2 
_pdbx_validate_rmsd_angle.PDB_ins_code_2 
_pdbx_validate_rmsd_angle.label_alt_id_2 
_pdbx_validate_rmsd_angle.auth_atom_id_3 
_pdbx_validate_rmsd_angle.auth_asym_id_3 
_pdbx_validate_rmsd_angle.auth_comp_id_3 
_pdbx_validate_rmsd_angle.auth_seq_id_3 
_pdbx_validate_rmsd_angle.PDB_ins_code_3 
_pdbx_validate_rmsd_angle.label_alt_id_3 
_pdbx_validate_rmsd_angle.angle_value 
_pdbx_validate_rmsd_angle.angle_target_value 
_pdbx_validate_rmsd_angle.angle_deviation 
_pdbx_validate_rmsd_angle.angle_standard_deviation 
_pdbx_validate_rmsd_angle.linker_flag 
1 1 CB A ASP 38  ? ? CG A ASP 38  ? ? OD1 A ASP 38  ? ? 112.11 118.30 -6.19 0.90 N 
2 1 CA A LEU 157 ? ? CB A LEU 157 ? ? CG  A LEU 157 ? ? 131.42 115.30 16.12 2.30 N 
# 
loop_
_pdbx_validate_torsion.id 
_pdbx_validate_torsion.PDB_model_num 
_pdbx_validate_torsion.auth_comp_id 
_pdbx_validate_torsion.auth_asym_id 
_pdbx_validate_torsion.auth_seq_id 
_pdbx_validate_torsion.PDB_ins_code 
_pdbx_validate_torsion.label_alt_id 
_pdbx_validate_torsion.phi 
_pdbx_validate_torsion.psi 
1 1 GLU A 96  ? ? 67.09  107.15  
2 1 GLU A 161 ? ? -10.52 122.36  
3 1 ARG A 180 ? ? 54.98  -131.07 
# 
_pdbx_struct_special_symmetry.id              1 
_pdbx_struct_special_symmetry.PDB_model_num   1 
_pdbx_struct_special_symmetry.auth_asym_id    A 
_pdbx_struct_special_symmetry.auth_comp_id    HOH 
_pdbx_struct_special_symmetry.auth_seq_id     391 
_pdbx_struct_special_symmetry.PDB_ins_code    ? 
_pdbx_struct_special_symmetry.label_asym_id   B 
_pdbx_struct_special_symmetry.label_comp_id   HOH 
_pdbx_struct_special_symmetry.label_seq_id    . 
# 
_pdbx_refine_tls.id               1 
_pdbx_refine_tls.details          ? 
_pdbx_refine_tls.method           refined 
_pdbx_refine_tls.origin_x         0.1024 
_pdbx_refine_tls.origin_y         -1.6938 
_pdbx_refine_tls.origin_z         -0.9746 
_pdbx_refine_tls.T[1][1]          0.0378 
_pdbx_refine_tls.T[2][2]          0.0847 
_pdbx_refine_tls.T[3][3]          0.0556 
_pdbx_refine_tls.T[1][2]          -0.0219 
_pdbx_refine_tls.T[1][3]          0.0332 
_pdbx_refine_tls.T[2][3]          0.0093 
_pdbx_refine_tls.L[1][1]          0.8442 
_pdbx_refine_tls.L[2][2]          1.8355 
_pdbx_refine_tls.L[3][3]          1.0569 
_pdbx_refine_tls.L[1][2]          -0.1189 
_pdbx_refine_tls.L[1][3]          0.5141 
_pdbx_refine_tls.L[2][3]          -0.5204 
_pdbx_refine_tls.S[1][1]          0.1160 
_pdbx_refine_tls.S[1][2]          -0.0730 
_pdbx_refine_tls.S[1][3]          -0.0509 
_pdbx_refine_tls.S[2][1]          0.1577 
_pdbx_refine_tls.S[2][2]          -0.0693 
_pdbx_refine_tls.S[2][3]          0.1196 
_pdbx_refine_tls.S[3][1]          -0.0163 
_pdbx_refine_tls.S[3][2]          -0.1267 
_pdbx_refine_tls.S[3][3]          -0.0466 
_pdbx_refine_tls.pdbx_refine_id   'X-RAY DIFFRACTION' 
# 
loop_
_pdbx_refine_tls_group.id 
_pdbx_refine_tls_group.refine_tls_id 
_pdbx_refine_tls_group.beg_auth_asym_id 
_pdbx_refine_tls_group.beg_auth_seq_id 
_pdbx_refine_tls_group.beg_label_asym_id 
_pdbx_refine_tls_group.beg_label_seq_id 
_pdbx_refine_tls_group.end_auth_asym_id 
_pdbx_refine_tls_group.end_auth_seq_id 
_pdbx_refine_tls_group.end_label_asym_id 
_pdbx_refine_tls_group.end_label_seq_id 
_pdbx_refine_tls_group.selection 
_pdbx_refine_tls_group.pdbx_refine_id 
_pdbx_refine_tls_group.selection_details 
1 1 A 4   A 4   A 37  A 37  ? 'X-RAY DIFFRACTION' ? 
2 1 A 51  A 51  A 82  A 82  ? 'X-RAY DIFFRACTION' ? 
3 1 A 97  A 97  A 108 A 108 ? 'X-RAY DIFFRACTION' ? 
4 1 A 127 A 127 A 160 A 160 ? 'X-RAY DIFFRACTION' ? 
5 1 A 171 A 171 A 203 A 203 ? 'X-RAY DIFFRACTION' ? 
6 1 A 217 A 217 A 224 A 224 ? 'X-RAY DIFFRACTION' ? 
# 
loop_
_pdbx_unobs_or_zero_occ_residues.id 
_pdbx_unobs_or_zero_occ_residues.PDB_model_num 
_pdbx_unobs_or_zero_occ_residues.polymer_flag 
_pdbx_unobs_or_zero_occ_residues.occupancy_flag 
_pdbx_unobs_or_zero_occ_residues.auth_asym_id 
_pdbx_unobs_or_zero_occ_residues.auth_comp_id 
_pdbx_unobs_or_zero_occ_residues.auth_seq_id 
_pdbx_unobs_or_zero_occ_residues.PDB_ins_code 
_pdbx_unobs_or_zero_occ_residues.label_asym_id 
_pdbx_unobs_or_zero_occ_residues.label_comp_id 
_pdbx_unobs_or_zero_occ_residues.label_seq_id 
1  1 Y 1 A MET 1   ? A MET 1   
2  1 Y 1 A ALA 2   ? A ALA 2   
3  1 Y 1 A GLN 86  ? A GLN 86  
4  1 Y 1 A TRP 87  ? A TRP 87  
5  1 Y 1 A GLU 88  ? A GLU 88  
6  1 Y 1 A LYS 89  ? A LYS 89  
7  1 Y 1 A ASP 90  ? A ASP 90  
8  1 Y 1 A GLY 91  ? A GLY 91  
9  1 Y 1 A GLU 92  ? A GLU 92  
10 1 Y 1 A LYS 93  ? A LYS 93  
11 1 Y 1 A LYS 94  ? A LYS 94  
12 1 Y 1 A GLY 111 ? A GLY 111 
13 1 Y 1 A ARG 112 ? A ARG 112 
14 1 Y 1 A GLU 113 ? A GLU 113 
15 1 Y 1 A THR 114 ? A THR 114 
16 1 Y 1 A LEU 115 ? A LEU 115 
17 1 Y 1 A GLU 116 ? A GLU 116 
18 1 Y 1 A ASP 117 ? A ASP 117 
19 1 Y 1 A ALA 118 ? A ALA 118 
20 1 Y 1 A ARG 119 ? A ARG 119 
21 1 Y 1 A GLY 120 ? A GLY 120 
22 1 Y 1 A GLN 121 ? A GLN 121 
23 1 Y 1 A PRO 122 ? A PRO 122 
24 1 Y 1 A ARG 123 ? A ARG 123 
25 1 Y 1 A LEU 124 ? A LEU 124 
26 1 Y 1 A ARG 163 ? A ARG 163 
27 1 Y 1 A ARG 164 ? A ARG 164 
28 1 Y 1 A GLY 165 ? A GLY 165 
29 1 Y 1 A GLN 166 ? A GLN 166 
30 1 Y 1 A GLU 167 ? A GLU 167 
31 1 Y 1 A GLU 168 ? A GLU 168 
32 1 Y 1 A GLU 169 ? A GLU 169 
33 1 Y 1 A GLY 230 ? A GLY 230 
34 1 Y 1 A PRO 231 ? A PRO 231 
35 1 Y 1 A ALA 232 ? A ALA 232 
36 1 Y 1 A GLN 233 ? A GLN 233 
37 1 Y 1 A ALA 234 ? A ALA 234 
38 1 Y 1 A GLY 235 ? A GLY 235 
39 1 Y 1 A GLY 236 ? A GLY 236 
40 1 Y 1 A SER 237 ? A SER 237 
41 1 Y 1 A ARG 238 ? A ARG 238 
42 1 Y 1 A PRO 239 ? A PRO 239 
43 1 Y 1 A PRO 240 ? A PRO 240 
44 1 Y 1 A THR 241 ? A THR 241 
45 1 Y 1 A VAL 242 ? A VAL 242 
46 1 Y 1 A GLN 243 ? A GLN 243 
47 1 Y 1 A THR 244 ? A THR 244 
48 1 Y 1 A GLY 245 ? A GLY 245 
49 1 Y 1 A GLY 246 ? A GLY 246 
50 1 Y 1 A VAL 247 ? A VAL 247 
51 1 Y 1 A ASP 248 ? A ASP 248 
52 1 Y 1 A ILE 249 ? A ILE 249 
53 1 Y 1 A ASP 250 ? A ASP 250 
54 1 Y 1 A GLU 251 ? A GLU 251 
55 1 Y 1 A GLY 252 ? A GLY 252 
56 1 Y 1 A LEU 253 ? A LEU 253 
57 1 Y 1 A GLU 254 ? A GLU 254 
58 1 Y 1 A ASP 255 ? A ASP 255 
59 1 Y 1 A PHE 256 ? A PHE 256 
60 1 Y 1 A PRO 257 ? A PRO 257 
61 1 Y 1 A PRO 258 ? A PRO 258 
62 1 Y 1 A GLU 259 ? A GLU 259 
63 1 Y 1 A GLU 260 ? A GLU 260 
64 1 Y 1 A ASP 261 ? A ASP 261 
65 1 Y 1 A LEU 262 ? A LEU 262 
66 1 Y 1 A PRO 263 ? A PRO 263 
67 1 Y 1 A PHE 264 ? A PHE 264 
# 
loop_
_chem_comp_atom.comp_id 
_chem_comp_atom.atom_id 
_chem_comp_atom.type_symbol 
_chem_comp_atom.pdbx_aromatic_flag 
_chem_comp_atom.pdbx_stereo_config 
_chem_comp_atom.pdbx_ordinal 
ALA N    N N N 1   
ALA CA   C N S 2   
ALA C    C N N 3   
ALA O    O N N 4   
ALA CB   C N N 5   
ALA OXT  O N N 6   
ALA H    H N N 7   
ALA H2   H N N 8   
ALA HA   H N N 9   
ALA HB1  H N N 10  
ALA HB2  H N N 11  
ALA HB3  H N N 12  
ALA HXT  H N N 13  
ARG N    N N N 14  
ARG CA   C N S 15  
ARG C    C N N 16  
ARG O    O N N 17  
ARG CB   C N N 18  
ARG CG   C N N 19  
ARG CD   C N N 20  
ARG NE   N N N 21  
ARG CZ   C N N 22  
ARG NH1  N N N 23  
ARG NH2  N N N 24  
ARG OXT  O N N 25  
ARG H    H N N 26  
ARG H2   H N N 27  
ARG HA   H N N 28  
ARG HB2  H N N 29  
ARG HB3  H N N 30  
ARG HG2  H N N 31  
ARG HG3  H N N 32  
ARG HD2  H N N 33  
ARG HD3  H N N 34  
ARG HE   H N N 35  
ARG HH11 H N N 36  
ARG HH12 H N N 37  
ARG HH21 H N N 38  
ARG HH22 H N N 39  
ARG HXT  H N N 40  
ASN N    N N N 41  
ASN CA   C N S 42  
ASN C    C N N 43  
ASN O    O N N 44  
ASN CB   C N N 45  
ASN CG   C N N 46  
ASN OD1  O N N 47  
ASN ND2  N N N 48  
ASN OXT  O N N 49  
ASN H    H N N 50  
ASN H2   H N N 51  
ASN HA   H N N 52  
ASN HB2  H N N 53  
ASN HB3  H N N 54  
ASN HD21 H N N 55  
ASN HD22 H N N 56  
ASN HXT  H N N 57  
ASP N    N N N 58  
ASP CA   C N S 59  
ASP C    C N N 60  
ASP O    O N N 61  
ASP CB   C N N 62  
ASP CG   C N N 63  
ASP OD1  O N N 64  
ASP OD2  O N N 65  
ASP OXT  O N N 66  
ASP H    H N N 67  
ASP H2   H N N 68  
ASP HA   H N N 69  
ASP HB2  H N N 70  
ASP HB3  H N N 71  
ASP HD2  H N N 72  
ASP HXT  H N N 73  
GLN N    N N N 74  
GLN CA   C N S 75  
GLN C    C N N 76  
GLN O    O N N 77  
GLN CB   C N N 78  
GLN CG   C N N 79  
GLN CD   C N N 80  
GLN OE1  O N N 81  
GLN NE2  N N N 82  
GLN OXT  O N N 83  
GLN H    H N N 84  
GLN H2   H N N 85  
GLN HA   H N N 86  
GLN HB2  H N N 87  
GLN HB3  H N N 88  
GLN HG2  H N N 89  
GLN HG3  H N N 90  
GLN HE21 H N N 91  
GLN HE22 H N N 92  
GLN HXT  H N N 93  
GLU N    N N N 94  
GLU CA   C N S 95  
GLU C    C N N 96  
GLU O    O N N 97  
GLU CB   C N N 98  
GLU CG   C N N 99  
GLU CD   C N N 100 
GLU OE1  O N N 101 
GLU OE2  O N N 102 
GLU OXT  O N N 103 
GLU H    H N N 104 
GLU H2   H N N 105 
GLU HA   H N N 106 
GLU HB2  H N N 107 
GLU HB3  H N N 108 
GLU HG2  H N N 109 
GLU HG3  H N N 110 
GLU HE2  H N N 111 
GLU HXT  H N N 112 
GLY N    N N N 113 
GLY CA   C N N 114 
GLY C    C N N 115 
GLY O    O N N 116 
GLY OXT  O N N 117 
GLY H    H N N 118 
GLY H2   H N N 119 
GLY HA2  H N N 120 
GLY HA3  H N N 121 
GLY HXT  H N N 122 
HIS N    N N N 123 
HIS CA   C N S 124 
HIS C    C N N 125 
HIS O    O N N 126 
HIS CB   C N N 127 
HIS CG   C Y N 128 
HIS ND1  N Y N 129 
HIS CD2  C Y N 130 
HIS CE1  C Y N 131 
HIS NE2  N Y N 132 
HIS OXT  O N N 133 
HIS H    H N N 134 
HIS H2   H N N 135 
HIS HA   H N N 136 
HIS HB2  H N N 137 
HIS HB3  H N N 138 
HIS HD1  H N N 139 
HIS HD2  H N N 140 
HIS HE1  H N N 141 
HIS HE2  H N N 142 
HIS HXT  H N N 143 
HOH O    O N N 144 
HOH H1   H N N 145 
HOH H2   H N N 146 
ILE N    N N N 147 
ILE CA   C N S 148 
ILE C    C N N 149 
ILE O    O N N 150 
ILE CB   C N S 151 
ILE CG1  C N N 152 
ILE CG2  C N N 153 
ILE CD1  C N N 154 
ILE OXT  O N N 155 
ILE H    H N N 156 
ILE H2   H N N 157 
ILE HA   H N N 158 
ILE HB   H N N 159 
ILE HG12 H N N 160 
ILE HG13 H N N 161 
ILE HG21 H N N 162 
ILE HG22 H N N 163 
ILE HG23 H N N 164 
ILE HD11 H N N 165 
ILE HD12 H N N 166 
ILE HD13 H N N 167 
ILE HXT  H N N 168 
LEU N    N N N 169 
LEU CA   C N S 170 
LEU C    C N N 171 
LEU O    O N N 172 
LEU CB   C N N 173 
LEU CG   C N N 174 
LEU CD1  C N N 175 
LEU CD2  C N N 176 
LEU OXT  O N N 177 
LEU H    H N N 178 
LEU H2   H N N 179 
LEU HA   H N N 180 
LEU HB2  H N N 181 
LEU HB3  H N N 182 
LEU HG   H N N 183 
LEU HD11 H N N 184 
LEU HD12 H N N 185 
LEU HD13 H N N 186 
LEU HD21 H N N 187 
LEU HD22 H N N 188 
LEU HD23 H N N 189 
LEU HXT  H N N 190 
LYS N    N N N 191 
LYS CA   C N S 192 
LYS C    C N N 193 
LYS O    O N N 194 
LYS CB   C N N 195 
LYS CG   C N N 196 
LYS CD   C N N 197 
LYS CE   C N N 198 
LYS NZ   N N N 199 
LYS OXT  O N N 200 
LYS H    H N N 201 
LYS H2   H N N 202 
LYS HA   H N N 203 
LYS HB2  H N N 204 
LYS HB3  H N N 205 
LYS HG2  H N N 206 
LYS HG3  H N N 207 
LYS HD2  H N N 208 
LYS HD3  H N N 209 
LYS HE2  H N N 210 
LYS HE3  H N N 211 
LYS HZ1  H N N 212 
LYS HZ2  H N N 213 
LYS HZ3  H N N 214 
LYS HXT  H N N 215 
MET N    N N N 216 
MET CA   C N S 217 
MET C    C N N 218 
MET O    O N N 219 
MET CB   C N N 220 
MET CG   C N N 221 
MET SD   S N N 222 
MET CE   C N N 223 
MET OXT  O N N 224 
MET H    H N N 225 
MET H2   H N N 226 
MET HA   H N N 227 
MET HB2  H N N 228 
MET HB3  H N N 229 
MET HG2  H N N 230 
MET HG3  H N N 231 
MET HE1  H N N 232 
MET HE2  H N N 233 
MET HE3  H N N 234 
MET HXT  H N N 235 
PHE N    N N N 236 
PHE CA   C N S 237 
PHE C    C N N 238 
PHE O    O N N 239 
PHE CB   C N N 240 
PHE CG   C Y N 241 
PHE CD1  C Y N 242 
PHE CD2  C Y N 243 
PHE CE1  C Y N 244 
PHE CE2  C Y N 245 
PHE CZ   C Y N 246 
PHE OXT  O N N 247 
PHE H    H N N 248 
PHE H2   H N N 249 
PHE HA   H N N 250 
PHE HB2  H N N 251 
PHE HB3  H N N 252 
PHE HD1  H N N 253 
PHE HD2  H N N 254 
PHE HE1  H N N 255 
PHE HE2  H N N 256 
PHE HZ   H N N 257 
PHE HXT  H N N 258 
PRO N    N N N 259 
PRO CA   C N S 260 
PRO C    C N N 261 
PRO O    O N N 262 
PRO CB   C N N 263 
PRO CG   C N N 264 
PRO CD   C N N 265 
PRO OXT  O N N 266 
PRO H    H N N 267 
PRO HA   H N N 268 
PRO HB2  H N N 269 
PRO HB3  H N N 270 
PRO HG2  H N N 271 
PRO HG3  H N N 272 
PRO HD2  H N N 273 
PRO HD3  H N N 274 
PRO HXT  H N N 275 
SER N    N N N 276 
SER CA   C N S 277 
SER C    C N N 278 
SER O    O N N 279 
SER CB   C N N 280 
SER OG   O N N 281 
SER OXT  O N N 282 
SER H    H N N 283 
SER H2   H N N 284 
SER HA   H N N 285 
SER HB2  H N N 286 
SER HB3  H N N 287 
SER HG   H N N 288 
SER HXT  H N N 289 
THR N    N N N 290 
THR CA   C N S 291 
THR C    C N N 292 
THR O    O N N 293 
THR CB   C N R 294 
THR OG1  O N N 295 
THR CG2  C N N 296 
THR OXT  O N N 297 
THR H    H N N 298 
THR H2   H N N 299 
THR HA   H N N 300 
THR HB   H N N 301 
THR HG1  H N N 302 
THR HG21 H N N 303 
THR HG22 H N N 304 
THR HG23 H N N 305 
THR HXT  H N N 306 
TRP N    N N N 307 
TRP CA   C N S 308 
TRP C    C N N 309 
TRP O    O N N 310 
TRP CB   C N N 311 
TRP CG   C Y N 312 
TRP CD1  C Y N 313 
TRP CD2  C Y N 314 
TRP NE1  N Y N 315 
TRP CE2  C Y N 316 
TRP CE3  C Y N 317 
TRP CZ2  C Y N 318 
TRP CZ3  C Y N 319 
TRP CH2  C Y N 320 
TRP OXT  O N N 321 
TRP H    H N N 322 
TRP H2   H N N 323 
TRP HA   H N N 324 
TRP HB2  H N N 325 
TRP HB3  H N N 326 
TRP HD1  H N N 327 
TRP HE1  H N N 328 
TRP HE3  H N N 329 
TRP HZ2  H N N 330 
TRP HZ3  H N N 331 
TRP HH2  H N N 332 
TRP HXT  H N N 333 
TYR N    N N N 334 
TYR CA   C N S 335 
TYR C    C N N 336 
TYR O    O N N 337 
TYR CB   C N N 338 
TYR CG   C Y N 339 
TYR CD1  C Y N 340 
TYR CD2  C Y N 341 
TYR CE1  C Y N 342 
TYR CE2  C Y N 343 
TYR CZ   C Y N 344 
TYR OH   O N N 345 
TYR OXT  O N N 346 
TYR H    H N N 347 
TYR H2   H N N 348 
TYR HA   H N N 349 
TYR HB2  H N N 350 
TYR HB3  H N N 351 
TYR HD1  H N N 352 
TYR HD2  H N N 353 
TYR HE1  H N N 354 
TYR HE2  H N N 355 
TYR HH   H N N 356 
TYR HXT  H N N 357 
VAL N    N N N 358 
VAL CA   C N S 359 
VAL C    C N N 360 
VAL O    O N N 361 
VAL CB   C N N 362 
VAL CG1  C N N 363 
VAL CG2  C N N 364 
VAL OXT  O N N 365 
VAL H    H N N 366 
VAL H2   H N N 367 
VAL HA   H N N 368 
VAL HB   H N N 369 
VAL HG11 H N N 370 
VAL HG12 H N N 371 
VAL HG13 H N N 372 
VAL HG21 H N N 373 
VAL HG22 H N N 374 
VAL HG23 H N N 375 
VAL HXT  H N N 376 
# 
loop_
_chem_comp_bond.comp_id 
_chem_comp_bond.atom_id_1 
_chem_comp_bond.atom_id_2 
_chem_comp_bond.value_order 
_chem_comp_bond.pdbx_aromatic_flag 
_chem_comp_bond.pdbx_stereo_config 
_chem_comp_bond.pdbx_ordinal 
ALA N   CA   sing N N 1   
ALA N   H    sing N N 2   
ALA N   H2   sing N N 3   
ALA CA  C    sing N N 4   
ALA CA  CB   sing N N 5   
ALA CA  HA   sing N N 6   
ALA C   O    doub N N 7   
ALA C   OXT  sing N N 8   
ALA CB  HB1  sing N N 9   
ALA CB  HB2  sing N N 10  
ALA CB  HB3  sing N N 11  
ALA OXT HXT  sing N N 12  
ARG N   CA   sing N N 13  
ARG N   H    sing N N 14  
ARG N   H2   sing N N 15  
ARG CA  C    sing N N 16  
ARG CA  CB   sing N N 17  
ARG CA  HA   sing N N 18  
ARG C   O    doub N N 19  
ARG C   OXT  sing N N 20  
ARG CB  CG   sing N N 21  
ARG CB  HB2  sing N N 22  
ARG CB  HB3  sing N N 23  
ARG CG  CD   sing N N 24  
ARG CG  HG2  sing N N 25  
ARG CG  HG3  sing N N 26  
ARG CD  NE   sing N N 27  
ARG CD  HD2  sing N N 28  
ARG CD  HD3  sing N N 29  
ARG NE  CZ   sing N N 30  
ARG NE  HE   sing N N 31  
ARG CZ  NH1  sing N N 32  
ARG CZ  NH2  doub N N 33  
ARG NH1 HH11 sing N N 34  
ARG NH1 HH12 sing N N 35  
ARG NH2 HH21 sing N N 36  
ARG NH2 HH22 sing N N 37  
ARG OXT HXT  sing N N 38  
ASN N   CA   sing N N 39  
ASN N   H    sing N N 40  
ASN N   H2   sing N N 41  
ASN CA  C    sing N N 42  
ASN CA  CB   sing N N 43  
ASN CA  HA   sing N N 44  
ASN C   O    doub N N 45  
ASN C   OXT  sing N N 46  
ASN CB  CG   sing N N 47  
ASN CB  HB2  sing N N 48  
ASN CB  HB3  sing N N 49  
ASN CG  OD1  doub N N 50  
ASN CG  ND2  sing N N 51  
ASN ND2 HD21 sing N N 52  
ASN ND2 HD22 sing N N 53  
ASN OXT HXT  sing N N 54  
ASP N   CA   sing N N 55  
ASP N   H    sing N N 56  
ASP N   H2   sing N N 57  
ASP CA  C    sing N N 58  
ASP CA  CB   sing N N 59  
ASP CA  HA   sing N N 60  
ASP C   O    doub N N 61  
ASP C   OXT  sing N N 62  
ASP CB  CG   sing N N 63  
ASP CB  HB2  sing N N 64  
ASP CB  HB3  sing N N 65  
ASP CG  OD1  doub N N 66  
ASP CG  OD2  sing N N 67  
ASP OD2 HD2  sing N N 68  
ASP OXT HXT  sing N N 69  
GLN N   CA   sing N N 70  
GLN N   H    sing N N 71  
GLN N   H2   sing N N 72  
GLN CA  C    sing N N 73  
GLN CA  CB   sing N N 74  
GLN CA  HA   sing N N 75  
GLN C   O    doub N N 76  
GLN C   OXT  sing N N 77  
GLN CB  CG   sing N N 78  
GLN CB  HB2  sing N N 79  
GLN CB  HB3  sing N N 80  
GLN CG  CD   sing N N 81  
GLN CG  HG2  sing N N 82  
GLN CG  HG3  sing N N 83  
GLN CD  OE1  doub N N 84  
GLN CD  NE2  sing N N 85  
GLN NE2 HE21 sing N N 86  
GLN NE2 HE22 sing N N 87  
GLN OXT HXT  sing N N 88  
GLU N   CA   sing N N 89  
GLU N   H    sing N N 90  
GLU N   H2   sing N N 91  
GLU CA  C    sing N N 92  
GLU CA  CB   sing N N 93  
GLU CA  HA   sing N N 94  
GLU C   O    doub N N 95  
GLU C   OXT  sing N N 96  
GLU CB  CG   sing N N 97  
GLU CB  HB2  sing N N 98  
GLU CB  HB3  sing N N 99  
GLU CG  CD   sing N N 100 
GLU CG  HG2  sing N N 101 
GLU CG  HG3  sing N N 102 
GLU CD  OE1  doub N N 103 
GLU CD  OE2  sing N N 104 
GLU OE2 HE2  sing N N 105 
GLU OXT HXT  sing N N 106 
GLY N   CA   sing N N 107 
GLY N   H    sing N N 108 
GLY N   H2   sing N N 109 
GLY CA  C    sing N N 110 
GLY CA  HA2  sing N N 111 
GLY CA  HA3  sing N N 112 
GLY C   O    doub N N 113 
GLY C   OXT  sing N N 114 
GLY OXT HXT  sing N N 115 
HIS N   CA   sing N N 116 
HIS N   H    sing N N 117 
HIS N   H2   sing N N 118 
HIS CA  C    sing N N 119 
HIS CA  CB   sing N N 120 
HIS CA  HA   sing N N 121 
HIS C   O    doub N N 122 
HIS C   OXT  sing N N 123 
HIS CB  CG   sing N N 124 
HIS CB  HB2  sing N N 125 
HIS CB  HB3  sing N N 126 
HIS CG  ND1  sing Y N 127 
HIS CG  CD2  doub Y N 128 
HIS ND1 CE1  doub Y N 129 
HIS ND1 HD1  sing N N 130 
HIS CD2 NE2  sing Y N 131 
HIS CD2 HD2  sing N N 132 
HIS CE1 NE2  sing Y N 133 
HIS CE1 HE1  sing N N 134 
HIS NE2 HE2  sing N N 135 
HIS OXT HXT  sing N N 136 
HOH O   H1   sing N N 137 
HOH O   H2   sing N N 138 
ILE N   CA   sing N N 139 
ILE N   H    sing N N 140 
ILE N   H2   sing N N 141 
ILE CA  C    sing N N 142 
ILE CA  CB   sing N N 143 
ILE CA  HA   sing N N 144 
ILE C   O    doub N N 145 
ILE C   OXT  sing N N 146 
ILE CB  CG1  sing N N 147 
ILE CB  CG2  sing N N 148 
ILE CB  HB   sing N N 149 
ILE CG1 CD1  sing N N 150 
ILE CG1 HG12 sing N N 151 
ILE CG1 HG13 sing N N 152 
ILE CG2 HG21 sing N N 153 
ILE CG2 HG22 sing N N 154 
ILE CG2 HG23 sing N N 155 
ILE CD1 HD11 sing N N 156 
ILE CD1 HD12 sing N N 157 
ILE CD1 HD13 sing N N 158 
ILE OXT HXT  sing N N 159 
LEU N   CA   sing N N 160 
LEU N   H    sing N N 161 
LEU N   H2   sing N N 162 
LEU CA  C    sing N N 163 
LEU CA  CB   sing N N 164 
LEU CA  HA   sing N N 165 
LEU C   O    doub N N 166 
LEU C   OXT  sing N N 167 
LEU CB  CG   sing N N 168 
LEU CB  HB2  sing N N 169 
LEU CB  HB3  sing N N 170 
LEU CG  CD1  sing N N 171 
LEU CG  CD2  sing N N 172 
LEU CG  HG   sing N N 173 
LEU CD1 HD11 sing N N 174 
LEU CD1 HD12 sing N N 175 
LEU CD1 HD13 sing N N 176 
LEU CD2 HD21 sing N N 177 
LEU CD2 HD22 sing N N 178 
LEU CD2 HD23 sing N N 179 
LEU OXT HXT  sing N N 180 
LYS N   CA   sing N N 181 
LYS N   H    sing N N 182 
LYS N   H2   sing N N 183 
LYS CA  C    sing N N 184 
LYS CA  CB   sing N N 185 
LYS CA  HA   sing N N 186 
LYS C   O    doub N N 187 
LYS C   OXT  sing N N 188 
LYS CB  CG   sing N N 189 
LYS CB  HB2  sing N N 190 
LYS CB  HB3  sing N N 191 
LYS CG  CD   sing N N 192 
LYS CG  HG2  sing N N 193 
LYS CG  HG3  sing N N 194 
LYS CD  CE   sing N N 195 
LYS CD  HD2  sing N N 196 
LYS CD  HD3  sing N N 197 
LYS CE  NZ   sing N N 198 
LYS CE  HE2  sing N N 199 
LYS CE  HE3  sing N N 200 
LYS NZ  HZ1  sing N N 201 
LYS NZ  HZ2  sing N N 202 
LYS NZ  HZ3  sing N N 203 
LYS OXT HXT  sing N N 204 
MET N   CA   sing N N 205 
MET N   H    sing N N 206 
MET N   H2   sing N N 207 
MET CA  C    sing N N 208 
MET CA  CB   sing N N 209 
MET CA  HA   sing N N 210 
MET C   O    doub N N 211 
MET C   OXT  sing N N 212 
MET CB  CG   sing N N 213 
MET CB  HB2  sing N N 214 
MET CB  HB3  sing N N 215 
MET CG  SD   sing N N 216 
MET CG  HG2  sing N N 217 
MET CG  HG3  sing N N 218 
MET SD  CE   sing N N 219 
MET CE  HE1  sing N N 220 
MET CE  HE2  sing N N 221 
MET CE  HE3  sing N N 222 
MET OXT HXT  sing N N 223 
PHE N   CA   sing N N 224 
PHE N   H    sing N N 225 
PHE N   H2   sing N N 226 
PHE CA  C    sing N N 227 
PHE CA  CB   sing N N 228 
PHE CA  HA   sing N N 229 
PHE C   O    doub N N 230 
PHE C   OXT  sing N N 231 
PHE CB  CG   sing N N 232 
PHE CB  HB2  sing N N 233 
PHE CB  HB3  sing N N 234 
PHE CG  CD1  doub Y N 235 
PHE CG  CD2  sing Y N 236 
PHE CD1 CE1  sing Y N 237 
PHE CD1 HD1  sing N N 238 
PHE CD2 CE2  doub Y N 239 
PHE CD2 HD2  sing N N 240 
PHE CE1 CZ   doub Y N 241 
PHE CE1 HE1  sing N N 242 
PHE CE2 CZ   sing Y N 243 
PHE CE2 HE2  sing N N 244 
PHE CZ  HZ   sing N N 245 
PHE OXT HXT  sing N N 246 
PRO N   CA   sing N N 247 
PRO N   CD   sing N N 248 
PRO N   H    sing N N 249 
PRO CA  C    sing N N 250 
PRO CA  CB   sing N N 251 
PRO CA  HA   sing N N 252 
PRO C   O    doub N N 253 
PRO C   OXT  sing N N 254 
PRO CB  CG   sing N N 255 
PRO CB  HB2  sing N N 256 
PRO CB  HB3  sing N N 257 
PRO CG  CD   sing N N 258 
PRO CG  HG2  sing N N 259 
PRO CG  HG3  sing N N 260 
PRO CD  HD2  sing N N 261 
PRO CD  HD3  sing N N 262 
PRO OXT HXT  sing N N 263 
SER N   CA   sing N N 264 
SER N   H    sing N N 265 
SER N   H2   sing N N 266 
SER CA  C    sing N N 267 
SER CA  CB   sing N N 268 
SER CA  HA   sing N N 269 
SER C   O    doub N N 270 
SER C   OXT  sing N N 271 
SER CB  OG   sing N N 272 
SER CB  HB2  sing N N 273 
SER CB  HB3  sing N N 274 
SER OG  HG   sing N N 275 
SER OXT HXT  sing N N 276 
THR N   CA   sing N N 277 
THR N   H    sing N N 278 
THR N   H2   sing N N 279 
THR CA  C    sing N N 280 
THR CA  CB   sing N N 281 
THR CA  HA   sing N N 282 
THR C   O    doub N N 283 
THR C   OXT  sing N N 284 
THR CB  OG1  sing N N 285 
THR CB  CG2  sing N N 286 
THR CB  HB   sing N N 287 
THR OG1 HG1  sing N N 288 
THR CG2 HG21 sing N N 289 
THR CG2 HG22 sing N N 290 
THR CG2 HG23 sing N N 291 
THR OXT HXT  sing N N 292 
TRP N   CA   sing N N 293 
TRP N   H    sing N N 294 
TRP N   H2   sing N N 295 
TRP CA  C    sing N N 296 
TRP CA  CB   sing N N 297 
TRP CA  HA   sing N N 298 
TRP C   O    doub N N 299 
TRP C   OXT  sing N N 300 
TRP CB  CG   sing N N 301 
TRP CB  HB2  sing N N 302 
TRP CB  HB3  sing N N 303 
TRP CG  CD1  doub Y N 304 
TRP CG  CD2  sing Y N 305 
TRP CD1 NE1  sing Y N 306 
TRP CD1 HD1  sing N N 307 
TRP CD2 CE2  doub Y N 308 
TRP CD2 CE3  sing Y N 309 
TRP NE1 CE2  sing Y N 310 
TRP NE1 HE1  sing N N 311 
TRP CE2 CZ2  sing Y N 312 
TRP CE3 CZ3  doub Y N 313 
TRP CE3 HE3  sing N N 314 
TRP CZ2 CH2  doub Y N 315 
TRP CZ2 HZ2  sing N N 316 
TRP CZ3 CH2  sing Y N 317 
TRP CZ3 HZ3  sing N N 318 
TRP CH2 HH2  sing N N 319 
TRP OXT HXT  sing N N 320 
TYR N   CA   sing N N 321 
TYR N   H    sing N N 322 
TYR N   H2   sing N N 323 
TYR CA  C    sing N N 324 
TYR CA  CB   sing N N 325 
TYR CA  HA   sing N N 326 
TYR C   O    doub N N 327 
TYR C   OXT  sing N N 328 
TYR CB  CG   sing N N 329 
TYR CB  HB2  sing N N 330 
TYR CB  HB3  sing N N 331 
TYR CG  CD1  doub Y N 332 
TYR CG  CD2  sing Y N 333 
TYR CD1 CE1  sing Y N 334 
TYR CD1 HD1  sing N N 335 
TYR CD2 CE2  doub Y N 336 
TYR CD2 HD2  sing N N 337 
TYR CE1 CZ   doub Y N 338 
TYR CE1 HE1  sing N N 339 
TYR CE2 CZ   sing Y N 340 
TYR CE2 HE2  sing N N 341 
TYR CZ  OH   sing N N 342 
TYR OH  HH   sing N N 343 
TYR OXT HXT  sing N N 344 
VAL N   CA   sing N N 345 
VAL N   H    sing N N 346 
VAL N   H2   sing N N 347 
VAL CA  C    sing N N 348 
VAL CA  CB   sing N N 349 
VAL CA  HA   sing N N 350 
VAL C   O    doub N N 351 
VAL C   OXT  sing N N 352 
VAL CB  CG1  sing N N 353 
VAL CB  CG2  sing N N 354 
VAL CB  HB   sing N N 355 
VAL CG1 HG11 sing N N 356 
VAL CG1 HG12 sing N N 357 
VAL CG1 HG13 sing N N 358 
VAL CG2 HG21 sing N N 359 
VAL CG2 HG22 sing N N 360 
VAL CG2 HG23 sing N N 361 
VAL OXT HXT  sing N N 362 
# 
_atom_sites.entry_id                    2FXQ 
_atom_sites.fract_transf_matrix[1][1]   -0.00996917 
_atom_sites.fract_transf_matrix[1][2]   0.01109795 
_atom_sites.fract_transf_matrix[1][3]   -0.01264160 
_atom_sites.fract_transf_matrix[2][1]   0.00278396 
_atom_sites.fract_transf_matrix[2][2]   0.00497966 
_atom_sites.fract_transf_matrix[2][3]   0.00217617 
_atom_sites.fract_transf_matrix[3][1]   0.01212603 
_atom_sites.fract_transf_matrix[3][2]   -0.00187930 
_atom_sites.fract_transf_matrix[3][3]   -0.01121242 
_atom_sites.fract_transf_vector[1]      -0.030395 
_atom_sites.fract_transf_vector[2]      0.141825 
_atom_sites.fract_transf_vector[3]      0.034706 
# 
loop_
_atom_type.symbol 
C 
N 
O 
S 
# 
loop_
_atom_site.group_PDB 
_atom_site.id 
_atom_site.type_symbol 
_atom_site.label_atom_id 
_atom_site.label_alt_id 
_atom_site.label_comp_id 
_atom_site.label_asym_id 
_atom_site.label_entity_id 
_atom_site.label_seq_id 
_atom_site.pdbx_PDB_ins_code 
_atom_site.Cartn_x 
_atom_site.Cartn_y 
_atom_site.Cartn_z 
_atom_site.occupancy 
_atom_site.B_iso_or_equiv 
_atom_site.pdbx_formal_charge 
_atom_site.auth_seq_id 
_atom_site.auth_comp_id 
_atom_site.auth_asym_id 
_atom_site.auth_atom_id 
_atom_site.pdbx_PDB_model_num 
ATOM   1    N N   . ARG A 1 3   ? -7.147  -1.958  -19.189 1.00 56.83  ? 3   ARG A N   1 
ATOM   2    C CA  . ARG A 1 3   ? -7.358  -3.047  -18.199 1.00 54.84  ? 3   ARG A CA  1 
ATOM   3    C C   . ARG A 1 3   ? -6.880  -2.561  -16.833 1.00 51.30  ? 3   ARG A C   1 
ATOM   4    O O   . ARG A 1 3   ? -5.969  -1.720  -16.751 1.00 56.95  ? 3   ARG A O   1 
ATOM   5    C CB  . ARG A 1 3   ? -6.579  -4.292  -18.626 1.00 58.18  ? 3   ARG A CB  1 
ATOM   6    N N   . GLY A 1 4   ? -7.471  -3.064  -15.758 1.00 40.17  ? 4   GLY A N   1 
ATOM   7    C CA  . GLY A 1 4   ? -7.002  -2.686  -14.438 1.00 29.46  ? 4   GLY A CA  1 
ATOM   8    C C   . GLY A 1 4   ? -5.585  -3.168  -14.121 1.00 26.16  ? 4   GLY A C   1 
ATOM   9    O O   . GLY A 1 4   ? -5.096  -4.143  -14.719 1.00 23.51  ? 4   GLY A O   1 
ATOM   10   N N   . LEU A 1 5   ? -4.899  -2.499  -13.174 1.00 19.59  ? 5   LEU A N   1 
ATOM   11   C CA  . LEU A 1 5   ? -3.617  -3.018  -12.701 1.00 19.07  ? 5   LEU A CA  1 
ATOM   12   C C   . LEU A 1 5   ? -3.616  -2.858  -11.223 1.00 19.67  ? 5   LEU A C   1 
ATOM   13   O O   . LEU A 1 5   ? -4.130  -1.836  -10.713 1.00 16.79  ? 5   LEU A O   1 
ATOM   14   C CB  . LEU A 1 5   ? -2.432  -2.153  -13.240 1.00 19.26  ? 5   LEU A CB  1 
ATOM   15   C CG  . LEU A 1 5   ? -1.993  -2.349  -14.665 1.00 29.06  ? 5   LEU A CG  1 
ATOM   16   C CD1 . LEU A 1 5   ? -0.914  -1.273  -14.925 1.00 21.27  ? 5   LEU A CD1 1 
ATOM   17   C CD2 . LEU A 1 5   ? -1.476  -3.793  -14.879 1.00 28.47  ? 5   LEU A CD2 1 
ATOM   18   N N   . ASN A 1 6   ? -2.978  -3.807  -10.537 1.00 16.75  ? 6   ASN A N   1 
ATOM   19   C CA  . ASN A 1 6   ? -2.868  -3.736  -9.102  1.00 20.15  ? 6   ASN A CA  1 
ATOM   20   C C   . ASN A 1 6   ? -1.581  -4.494  -8.744  1.00 23.50  ? 6   ASN A C   1 
ATOM   21   O O   . ASN A 1 6   ? -1.558  -5.723  -8.685  1.00 20.88  ? 6   ASN A O   1 
ATOM   22   C CB  . ASN A 1 6   ? -4.154  -4.329  -8.479  1.00 19.33  ? 6   ASN A CB  1 
ATOM   23   C CG  . ASN A 1 6   ? -4.074  -4.539  -6.952  1.00 19.26  ? 6   ASN A CG  1 
ATOM   24   O OD1 . ASN A 1 6   ? -3.094  -4.174  -6.252  1.00 20.43  ? 6   ASN A OD1 1 
ATOM   25   N ND2 . ASN A 1 6   ? -5.159  -5.155  -6.420  1.00 21.15  ? 6   ASN A ND2 1 
ATOM   26   N N   . GLN A 1 7   ? -0.483  -3.750  -8.584  1.00 17.54  ? 7   GLN A N   1 
ATOM   27   C CA  . GLN A 1 7   ? 0.845   -4.360  -8.405  1.00 17.65  ? 7   GLN A CA  1 
ATOM   28   C C   . GLN A 1 7   ? 1.554   -3.691  -7.295  1.00 18.73  ? 7   GLN A C   1 
ATOM   29   O O   . GLN A 1 7   ? 1.537   -2.478  -7.216  1.00 21.06  ? 7   GLN A O   1 
ATOM   30   C CB  . GLN A 1 7   ? 1.721   -4.155  -9.691  1.00 15.72  ? 7   GLN A CB  1 
ATOM   31   C CG  . GLN A 1 7   ? 0.966   -4.717  -10.953 1.00 22.17  ? 7   GLN A CG  1 
ATOM   32   C CD  . GLN A 1 7   ? 1.754   -4.468  -12.270 1.00 24.61  ? 7   GLN A CD  1 
ATOM   33   O OE1 . GLN A 1 7   ? 2.368   -3.418  -12.418 1.00 23.66  ? 7   GLN A OE1 1 
ATOM   34   N NE2 . GLN A 1 7   ? 1.760   -5.442  -13.189 1.00 20.17  ? 7   GLN A NE2 1 
ATOM   35   N N   . VAL A 1 8   ? 2.221   -4.479  -6.448  1.00 17.89  ? 8   VAL A N   1 
ATOM   36   C CA  . VAL A 1 8   ? 2.943   -3.962  -5.297  1.00 18.76  ? 8   VAL A CA  1 
ATOM   37   C C   . VAL A 1 8   ? 4.339   -4.608  -5.308  1.00 19.40  ? 8   VAL A C   1 
ATOM   38   O O   . VAL A 1 8   ? 4.463   -5.824  -5.612  1.00 15.70  ? 8   VAL A O   1 
ATOM   39   C CB  . VAL A 1 8   ? 2.249   -4.437  -3.948  1.00 23.99  ? 8   VAL A CB  1 
ATOM   40   C CG1 . VAL A 1 8   ? 3.060   -3.921  -2.718  1.00 18.87  ? 8   VAL A CG1 1 
ATOM   41   C CG2 . VAL A 1 8   ? 0.770   -4.031  -3.936  1.00 23.21  ? 8   VAL A CG2 1 
ATOM   42   N N   . PHE A 1 9   ? 5.380   -3.816  -4.990  1.00 19.47  ? 9   PHE A N   1 
ATOM   43   C CA  . PHE A 1 9   ? 6.777   -4.298  -4.912  1.00 21.85  ? 9   PHE A CA  1 
ATOM   44   C C   . PHE A 1 9   ? 7.297   -3.756  -3.632  1.00 21.64  ? 9   PHE A C   1 
ATOM   45   O O   . PHE A 1 9   ? 7.146   -2.542  -3.365  1.00 23.38  ? 9   PHE A O   1 
ATOM   46   C CB  . PHE A 1 9   ? 7.618   -3.702  -6.092  1.00 22.10  ? 9   PHE A CB  1 
ATOM   47   C CG  . PHE A 1 9   ? 6.963   -3.872  -7.438  1.00 23.60  ? 9   PHE A CG  1 
ATOM   48   C CD1 . PHE A 1 9   ? 7.325   -4.919  -8.272  1.00 20.45  ? 9   PHE A CD1 1 
ATOM   49   C CD2 . PHE A 1 9   ? 5.931   -2.994  -7.869  1.00 22.67  ? 9   PHE A CD2 1 
ATOM   50   C CE1 . PHE A 1 9   ? 6.645   -5.141  -9.510  1.00 26.03  ? 9   PHE A CE1 1 
ATOM   51   C CE2 . PHE A 1 9   ? 5.287   -3.205  -9.133  1.00 25.02  ? 9   PHE A CE2 1 
ATOM   52   C CZ  . PHE A 1 9   ? 5.637   -4.263  -9.919  1.00 26.09  ? 9   PHE A CZ  1 
ATOM   53   N N   . LEU A 1 10  ? 7.859   -4.613  -2.767  1.00 20.39  ? 10  LEU A N   1 
ATOM   54   C CA  . LEU A 1 10  ? 8.259   -4.154  -1.444  1.00 18.26  ? 10  LEU A CA  1 
ATOM   55   C C   . LEU A 1 10  ? 9.486   -4.903  -1.099  1.00 14.84  ? 10  LEU A C   1 
ATOM   56   O O   . LEU A 1 10  ? 9.616   -6.109  -1.453  1.00 17.19  ? 10  LEU A O   1 
ATOM   57   C CB  . LEU A 1 10  ? 7.247   -4.652  -0.387  1.00 23.11  ? 10  LEU A CB  1 
ATOM   58   C CG  . LEU A 1 10  ? 5.995   -3.947  -0.063  1.00 24.30  ? 10  LEU A CG  1 
ATOM   59   C CD1 . LEU A 1 10  ? 5.288   -4.754  1.079   1.00 20.80  ? 10  LEU A CD1 1 
ATOM   60   C CD2 . LEU A 1 10  ? 6.337   -2.467  0.288   1.00 23.23  ? 10  LEU A CD2 1 
ATOM   61   N N   . ILE A 1 11  ? 10.420  -4.233  -0.472  1.00 15.76  ? 11  ILE A N   1 
ATOM   62   C CA  . ILE A 1 11  ? 11.399  -4.980  0.318   1.00 17.55  ? 11  ILE A CA  1 
ATOM   63   C C   . ILE A 1 11  ? 11.244  -4.437  1.729   1.00 18.36  ? 11  ILE A C   1 
ATOM   64   O O   . ILE A 1 11  ? 11.287  -3.217  1.930   1.00 19.96  ? 11  ILE A O   1 
ATOM   65   C CB  . ILE A 1 11  ? 12.858  -4.685  -0.177  1.00 16.33  ? 11  ILE A CB  1 
ATOM   66   C CG1 . ILE A 1 11  ? 13.037  -5.208  -1.618  1.00 15.61  ? 11  ILE A CG1 1 
ATOM   67   C CG2 . ILE A 1 11  ? 13.924  -5.268  0.851   1.00 18.20  ? 11  ILE A CG2 1 
ATOM   68   C CD1 . ILE A 1 11  ? 14.414  -4.747  -2.286  1.00 21.72  ? 11  ILE A CD1 1 
ATOM   69   N N   . GLY A 1 12  ? 11.143  -5.319  2.720   1.00 21.17  ? 12  GLY A N   1 
ATOM   70   C CA  . GLY A 1 12  ? 11.027  -4.889  4.117   1.00 21.47  ? 12  GLY A CA  1 
ATOM   71   C C   . GLY A 1 12  ? 11.614  -5.930  5.021   1.00 20.78  ? 12  GLY A C   1 
ATOM   72   O O   . GLY A 1 12  ? 11.945  -7.055  4.586   1.00 19.31  ? 12  GLY A O   1 
ATOM   73   N N   . THR A 1 13  ? 11.711  -5.599  6.301   1.00 19.14  ? 13  THR A N   1 
ATOM   74   C CA  . THR A 1 13  ? 12.282  -6.510  7.262   1.00 16.10  ? 13  THR A CA  1 
ATOM   75   C C   . THR A 1 13  ? 11.151  -7.118  8.086   1.00 17.97  ? 13  THR A C   1 
ATOM   76   O O   . THR A 1 13  ? 10.213  -6.396  8.527   1.00 17.29  ? 13  THR A O   1 
ATOM   77   C CB  . THR A 1 13  ? 13.138  -5.669  8.225   1.00 19.06  ? 13  THR A CB  1 
ATOM   78   O OG1 . THR A 1 13  ? 14.188  -5.103  7.451   1.00 23.67  ? 13  THR A OG1 1 
ATOM   79   C CG2 . THR A 1 13  ? 13.809  -6.537  9.279   1.00 20.81  ? 13  THR A CG2 1 
ATOM   80   N N   . LEU A 1 14  ? 11.255  -8.418  8.340   1.00 18.07  ? 14  LEU A N   1 
ATOM   81   C CA  . LEU A 1 14  ? 10.257  -9.092  9.170   1.00 18.56  ? 14  LEU A CA  1 
ATOM   82   C C   . LEU A 1 14  ? 10.341  -8.641  10.657  1.00 19.77  ? 14  LEU A C   1 
ATOM   83   O O   . LEU A 1 14  ? 11.426  -8.637  11.305  1.00 18.29  ? 14  LEU A O   1 
ATOM   84   C CB  . LEU A 1 14  ? 10.421  -10.612 9.070   1.00 18.88  ? 14  LEU A CB  1 
ATOM   85   C CG  . LEU A 1 14  ? 9.963   -11.275 7.751   1.00 23.55  ? 14  LEU A CG  1 
ATOM   86   C CD1 . LEU A 1 14  ? 10.516  -12.705 7.684   1.00 21.59  ? 14  LEU A CD1 1 
ATOM   87   C CD2 . LEU A 1 14  ? 8.386   -11.367 7.655   1.00 20.46  ? 14  LEU A CD2 1 
ATOM   88   N N   . THR A 1 15  ? 9.189   -8.257  11.192  1.00 19.55  ? 15  THR A N   1 
ATOM   89   C CA  . THR A 1 15  ? 9.127   -7.800  12.567  1.00 19.35  ? 15  THR A CA  1 
ATOM   90   C C   . THR A 1 15  ? 8.800   -8.896  13.540  1.00 25.26  ? 15  THR A C   1 
ATOM   91   O O   . THR A 1 15  ? 8.801   -8.616  14.734  1.00 21.89  ? 15  THR A O   1 
ATOM   92   C CB  . THR A 1 15  ? 8.087   -6.693  12.786  1.00 21.71  ? 15  THR A CB  1 
ATOM   93   O OG1 . THR A 1 15  ? 6.807   -7.182  12.317  1.00 20.56  ? 15  THR A OG1 1 
ATOM   94   C CG2 . THR A 1 15  ? 8.433   -5.483  11.928  1.00 21.08  ? 15  THR A CG2 1 
ATOM   95   N N   . ALA A 1 16  ? 8.515   -10.104 13.052  1.00 22.47  ? 16  ALA A N   1 
ATOM   96   C CA  . ALA A 1 16  ? 8.318   -11.285 13.885  1.00 23.16  ? 16  ALA A CA  1 
ATOM   97   C C   . ALA A 1 16  ? 8.614   -12.487 13.049  1.00 21.43  ? 16  ALA A C   1 
ATOM   98   O O   . ALA A 1 16  ? 8.540   -12.434 11.818  1.00 20.52  ? 16  ALA A O   1 
ATOM   99   C CB  . ALA A 1 16  ? 6.854   -11.362 14.445  1.00 26.21  ? 16  ALA A CB  1 
ATOM   100  N N   . ARG A 1 17  ? 8.915   -13.614 13.689  1.00 18.81  ? 17  ARG A N   1 
ATOM   101  C CA  . ARG A 1 17  ? 9.086   -14.847 12.931  1.00 20.65  ? 17  ARG A CA  1 
ATOM   102  C C   . ARG A 1 17  ? 7.737   -15.324 12.357  1.00 24.18  ? 17  ARG A C   1 
ATOM   103  O O   . ARG A 1 17  ? 6.796   -15.465 13.139  1.00 20.76  ? 17  ARG A O   1 
ATOM   104  C CB  . ARG A 1 17  ? 9.672   -15.922 13.876  1.00 22.06  ? 17  ARG A CB  1 
ATOM   105  C CG  . ARG A 1 17  ? 10.137  -17.221 13.206  1.00 28.71  ? 17  ARG A CG  1 
ATOM   106  C CD  . ARG A 1 17  ? 10.522  -18.321 14.239  1.00 23.47  ? 17  ARG A CD  1 
ATOM   107  N NE  . ARG A 1 17  ? 9.328   -18.921 14.857  1.00 25.96  ? 17  ARG A NE  1 
ATOM   108  C CZ  . ARG A 1 17  ? 9.123   -19.038 16.166  1.00 32.36  ? 17  ARG A CZ  1 
ATOM   109  N NH1 . ARG A 1 17  ? 10.070  -18.644 17.024  1.00 21.82  ? 17  ARG A NH1 1 
ATOM   110  N NH2 . ARG A 1 17  ? 7.983   -19.592 16.628  1.00 25.55  ? 17  ARG A NH2 1 
ATOM   111  N N   . PRO A 1 18  ? 7.616   -15.533 11.032  1.00 21.91  ? 18  PRO A N   1 
ATOM   112  C CA  . PRO A 1 18  ? 6.385   -16.081 10.448  1.00 25.51  ? 18  PRO A CA  1 
ATOM   113  C C   . PRO A 1 18  ? 6.176   -17.540 10.811  1.00 29.26  ? 18  PRO A C   1 
ATOM   114  O O   . PRO A 1 18  ? 7.123   -18.352 10.597  1.00 33.15  ? 18  PRO A O   1 
ATOM   115  C CB  . PRO A 1 18  ? 6.625   -15.985 8.928   1.00 25.26  ? 18  PRO A CB  1 
ATOM   116  C CG  . PRO A 1 18  ? 7.781   -15.097 8.726   1.00 24.52  ? 18  PRO A CG  1 
ATOM   117  C CD  . PRO A 1 18  ? 8.617   -15.213 9.993   1.00 25.86  ? 18  PRO A CD  1 
ATOM   118  N N   . ASP A 1 19  ? 4.983   -17.876 11.332  1.00 24.55  ? 19  ASP A N   1 
ATOM   119  C CA  . ASP A 1 19  ? 4.654   -19.309 11.506  1.00 26.27  ? 19  ASP A CA  1 
ATOM   120  C C   . ASP A 1 19  ? 3.417   -19.703 10.680  1.00 25.92  ? 19  ASP A C   1 
ATOM   121  O O   . ASP A 1 19  ? 2.387   -19.000 10.696  1.00 24.28  ? 19  ASP A O   1 
ATOM   122  C CB  . ASP A 1 19  ? 4.409   -19.668 12.961  1.00 28.68  ? 19  ASP A CB  1 
ATOM   123  C CG  . ASP A 1 19  ? 5.679   -19.500 13.839  1.00 38.38  ? 19  ASP A CG  1 
ATOM   124  O OD1 . ASP A 1 19  ? 6.812   -19.727 13.345  1.00 42.30  ? 19  ASP A OD1 1 
ATOM   125  O OD2 . ASP A 1 19  ? 5.628   -19.113 15.021  1.00 43.30  ? 19  ASP A OD2 1 
ATOM   126  N N   . MET A 1 20  ? 3.525   -20.844 10.014  1.00 26.51  ? 20  MET A N   1 
ATOM   127  C CA  . MET A 1 20  ? 2.448   -21.261 9.109   1.00 29.11  ? 20  MET A CA  1 
ATOM   128  C C   . MET A 1 20  ? 1.166   -21.513 9.917   1.00 29.60  ? 20  MET A C   1 
ATOM   129  O O   . MET A 1 20  ? 1.227   -21.971 11.085  1.00 28.58  ? 20  MET A O   1 
ATOM   130  C CB  . MET A 1 20  ? 2.887   -22.454 8.242   1.00 32.88  ? 20  MET A CB  1 
ATOM   131  C CG  . MET A 1 20  ? 2.582   -22.265 6.685   1.00 32.41  ? 20  MET A CG  1 
ATOM   132  S SD  . MET A 1 20  ? 3.179   -23.691 5.765   1.00 55.45  ? 20  MET A SD  1 
ATOM   133  C CE  . MET A 1 20  ? 1.905   -24.782 5.953   1.00 60.15  ? 20  MET A CE  1 
ATOM   134  N N   . ARG A 1 21  ? 0.011   -21.160 9.339   1.00 30.06  ? 21  ARG A N   1 
ATOM   135  C CA  . ARG A 1 21  ? -1.329  -21.495 9.893   1.00 28.80  ? 21  ARG A CA  1 
ATOM   136  C C   . ARG A 1 21  ? -2.125  -22.138 8.731   1.00 28.93  ? 21  ARG A C   1 
ATOM   137  O O   . ARG A 1 21  ? -1.633  -22.225 7.595   1.00 21.02  ? 21  ARG A O   1 
ATOM   138  C CB  . ARG A 1 21  ? -2.047  -20.223 10.346  1.00 29.03  ? 21  ARG A CB  1 
ATOM   139  C CG  . ARG A 1 21  ? -1.424  -19.557 11.568  1.00 38.27  ? 21  ARG A CG  1 
ATOM   140  C CD  . ARG A 1 21  ? -2.387  -18.648 12.344  1.00 53.19  ? 21  ARG A CD  1 
ATOM   141  N NE  . ARG A 1 21  ? -2.735  -19.182 13.674  1.00 62.35  ? 21  ARG A NE  1 
ATOM   142  C CZ  . ARG A 1 21  ? -3.672  -18.672 14.486  1.00 63.87  ? 21  ARG A CZ  1 
ATOM   143  N NH1 . ARG A 1 21  ? -4.384  -17.611 14.126  1.00 66.00  ? 21  ARG A NH1 1 
ATOM   144  N NH2 . ARG A 1 21  ? -3.900  -19.227 15.666  1.00 61.36  ? 21  ARG A NH2 1 
ATOM   145  N N   . TYR A 1 22  ? -3.344  -22.595 9.000   1.00 29.58  ? 22  TYR A N   1 
ATOM   146  C CA  . TYR A 1 22  ? -4.125  -23.329 7.973   1.00 28.24  ? 22  TYR A CA  1 
ATOM   147  C C   . TYR A 1 22  ? -5.566  -22.902 8.022   1.00 29.46  ? 22  TYR A C   1 
ATOM   148  O O   . TYR A 1 22  ? -6.123  -22.682 9.104   1.00 33.53  ? 22  TYR A O   1 
ATOM   149  C CB  . TYR A 1 22  ? -4.069  -24.839 8.213   1.00 26.40  ? 22  TYR A CB  1 
ATOM   150  C CG  . TYR A 1 22  ? -2.688  -25.360 8.169   1.00 30.81  ? 22  TYR A CG  1 
ATOM   151  C CD1 . TYR A 1 22  ? -1.896  -25.429 9.355   1.00 31.34  ? 22  TYR A CD1 1 
ATOM   152  C CD2 . TYR A 1 22  ? -2.118  -25.737 6.958   1.00 28.78  ? 22  TYR A CD2 1 
ATOM   153  C CE1 . TYR A 1 22  ? -0.591  -25.896 9.312   1.00 38.42  ? 22  TYR A CE1 1 
ATOM   154  C CE2 . TYR A 1 22  ? -0.813  -26.211 6.900   1.00 34.87  ? 22  TYR A CE2 1 
ATOM   155  C CZ  . TYR A 1 22  ? -0.052  -26.288 8.087   1.00 41.41  ? 22  TYR A CZ  1 
ATOM   156  O OH  . TYR A 1 22  ? 1.237   -26.752 8.031   1.00 44.25  ? 22  TYR A OH  1 
ATOM   157  N N   . THR A 1 23  ? -6.195  -22.795 6.868   1.00 27.36  ? 23  THR A N   1 
ATOM   158  C CA  . THR A 1 23  ? -7.647  -22.678 6.872   1.00 28.89  ? 23  THR A CA  1 
ATOM   159  C C   . THR A 1 23  ? -8.268  -24.004 7.361   1.00 27.53  ? 23  THR A C   1 
ATOM   160  O O   . THR A 1 23  ? -7.580  -25.029 7.430   1.00 22.48  ? 23  THR A O   1 
ATOM   161  C CB  . THR A 1 23  ? -8.177  -22.350 5.481   1.00 33.11  ? 23  THR A CB  1 
ATOM   162  O OG1 . THR A 1 23  ? -8.065  -23.509 4.631   1.00 26.84  ? 23  THR A OG1 1 
ATOM   163  C CG2 . THR A 1 23  ? -7.349  -21.258 4.814   1.00 30.67  ? 23  THR A CG2 1 
ATOM   164  N N   . PRO A 1 24  ? -9.562  -24.000 7.679   1.00 27.07  ? 24  PRO A N   1 
ATOM   165  C CA  . PRO A 1 24  ? -10.239 -25.254 8.080   1.00 29.53  ? 24  PRO A CA  1 
ATOM   166  C C   . PRO A 1 24  ? -10.195 -26.322 6.973   1.00 24.46  ? 24  PRO A C   1 
ATOM   167  O O   . PRO A 1 24  ? -10.346 -27.489 7.287   1.00 25.56  ? 24  PRO A O   1 
ATOM   168  C CB  . PRO A 1 24  ? -11.685 -24.822 8.364   1.00 29.82  ? 24  PRO A CB  1 
ATOM   169  C CG  . PRO A 1 24  ? -11.601 -23.298 8.557   1.00 29.57  ? 24  PRO A CG  1 
ATOM   170  C CD  . PRO A 1 24  ? -10.464 -22.822 7.673   1.00 29.04  ? 24  PRO A CD  1 
ATOM   171  N N   . GLY A 1 25  ? -9.993  -25.903 5.724   1.00 22.95  ? 25  GLY A N   1 
ATOM   172  C CA  . GLY A 1 25  ? -9.866  -26.804 4.594   1.00 23.85  ? 25  GLY A CA  1 
ATOM   173  C C   . GLY A 1 25  ? -8.436  -27.267 4.316   1.00 24.93  ? 25  GLY A C   1 
ATOM   174  O O   . GLY A 1 25  ? -8.193  -28.064 3.371   1.00 19.12  ? 25  GLY A O   1 
ATOM   175  N N   . GLY A 1 26  ? -7.493  -26.764 5.132   1.00 20.15  ? 26  GLY A N   1 
ATOM   176  C CA  . GLY A 1 26  ? -6.110  -27.196 5.088   1.00 16.79  ? 26  GLY A CA  1 
ATOM   177  C C   . GLY A 1 26  ? -5.190  -26.265 4.279   1.00 16.86  ? 26  GLY A C   1 
ATOM   178  O O   . GLY A 1 26  ? -3.977  -26.506 4.219   1.00 20.04  ? 26  GLY A O   1 
ATOM   179  N N   . LEU A 1 27  ? -5.731  -25.254 3.616   1.00 17.03  ? 27  LEU A N   1 
ATOM   180  C CA  . LEU A 1 27  ? -4.870  -24.349 2.823   1.00 17.40  ? 27  LEU A CA  1 
ATOM   181  C C   . LEU A 1 27  ? -3.869  -23.617 3.705   1.00 19.28  ? 27  LEU A C   1 
ATOM   182  O O   . LEU A 1 27  ? -4.255  -23.063 4.721   1.00 19.61  ? 27  LEU A O   1 
ATOM   183  C CB  . LEU A 1 27  ? -5.694  -23.324 2.095   1.00 18.92  ? 27  LEU A CB  1 
ATOM   184  C CG  . LEU A 1 27  ? -4.979  -22.417 1.094   1.00 20.80  ? 27  LEU A CG  1 
ATOM   185  C CD1 . LEU A 1 27  ? -4.596  -23.201 -0.195  1.00 29.68  ? 27  LEU A CD1 1 
ATOM   186  C CD2 . LEU A 1 27  ? -5.973  -21.287 0.776   1.00 25.33  ? 27  LEU A CD2 1 
ATOM   187  N N   . ALA A 1 28  ? -2.595  -23.628 3.311   1.00 18.71  ? 28  ALA A N   1 
ATOM   188  C CA  . ALA A 1 28  ? -1.544  -23.010 4.101   1.00 17.78  ? 28  ALA A CA  1 
ATOM   189  C C   . ALA A 1 28  ? -1.641  -21.506 4.022   1.00 17.45  ? 28  ALA A C   1 
ATOM   190  O O   . ALA A 1 28  ? -1.851  -20.969 2.945   1.00 18.62  ? 28  ALA A O   1 
ATOM   191  C CB  . ALA A 1 28  ? -0.162  -23.450 3.549   1.00 22.13  ? 28  ALA A CB  1 
ATOM   192  N N   . ILE A 1 29  ? -1.386  -20.836 5.145   1.00 17.33  ? 29  ILE A N   1 
ATOM   193  C CA  . ILE A 1 29  ? -1.395  -19.366 5.245   1.00 17.76  ? 29  ILE A CA  1 
ATOM   194  C C   . ILE A 1 29  ? -0.097  -19.020 5.956   1.00 21.19  ? 29  ILE A C   1 
ATOM   195  O O   . ILE A 1 29  ? 0.162   -19.551 7.071   1.00 22.20  ? 29  ILE A O   1 
ATOM   196  C CB  . ILE A 1 29  ? -2.577  -18.881 6.107   1.00 19.27  ? 29  ILE A CB  1 
ATOM   197  C CG1 . ILE A 1 29  ? -3.893  -19.166 5.460   1.00 23.54  ? 29  ILE A CG1 1 
ATOM   198  C CG2 . ILE A 1 29  ? -2.604  -17.340 6.232   1.00 23.39  ? 29  ILE A CG2 1 
ATOM   199  C CD1 . ILE A 1 29  ? -5.046  -19.096 6.503   1.00 35.45  ? 29  ILE A CD1 1 
ATOM   200  N N   . LEU A 1 30  ? 0.698   -18.136 5.341   1.00 19.69  ? 30  LEU A N   1 
ATOM   201  C CA  . LEU A 1 30  ? 1.903   -17.623 5.993   1.00 20.19  ? 30  LEU A CA  1 
ATOM   202  C C   . LEU A 1 30  ? 1.810   -16.098 5.970   1.00 23.00  ? 30  LEU A C   1 
ATOM   203  O O   . LEU A 1 30  ? 1.873   -15.495 4.916   1.00 21.31  ? 30  LEU A O   1 
ATOM   204  C CB  . LEU A 1 30  ? 3.164   -18.089 5.271   1.00 19.78  ? 30  LEU A CB  1 
ATOM   205  C CG  . LEU A 1 30  ? 4.493   -17.808 6.054   1.00 19.09  ? 30  LEU A CG  1 
ATOM   206  C CD1 . LEU A 1 30  ? 4.529   -18.668 7.361   1.00 19.52  ? 30  LEU A CD1 1 
ATOM   207  C CD2 . LEU A 1 30  ? 5.691   -18.146 5.189   1.00 21.82  ? 30  LEU A CD2 1 
ATOM   208  N N   . ASP A 1 31  ? 1.543   -15.501 7.127   1.00 21.47  ? 31  ASP A N   1 
ATOM   209  C CA  . ASP A 1 31  ? 1.414   -14.055 7.221   1.00 23.79  ? 31  ASP A CA  1 
ATOM   210  C C   . ASP A 1 31  ? 2.733   -13.455 7.647   1.00 25.34  ? 31  ASP A C   1 
ATOM   211  O O   . ASP A 1 31  ? 3.273   -13.872 8.661   1.00 27.03  ? 31  ASP A O   1 
ATOM   212  C CB  . ASP A 1 31  ? 0.343   -13.698 8.232   1.00 25.14  ? 31  ASP A CB  1 
ATOM   213  C CG  . ASP A 1 31  ? -1.051  -13.832 7.682   1.00 31.73  ? 31  ASP A CG  1 
ATOM   214  O OD1 . ASP A 1 31  ? -1.276  -13.669 6.464   1.00 28.65  ? 31  ASP A OD1 1 
ATOM   215  O OD2 . ASP A 1 31  ? -2.018  -14.093 8.409   1.00 31.95  ? 31  ASP A OD2 1 
ATOM   216  N N   . LEU A 1 32  ? 3.262   -12.488 6.882   1.00 20.54  ? 32  LEU A N   1 
ATOM   217  C CA  . LEU A 1 32  ? 4.514   -11.813 7.237   1.00 21.87  ? 32  LEU A CA  1 
ATOM   218  C C   . LEU A 1 32  ? 4.205   -10.417 7.682   1.00 25.46  ? 32  LEU A C   1 
ATOM   219  O O   . LEU A 1 32  ? 3.382   -9.739  7.038   1.00 27.81  ? 32  LEU A O   1 
ATOM   220  C CB  . LEU A 1 32  ? 5.378   -11.653 5.988   1.00 20.18  ? 32  LEU A CB  1 
ATOM   221  C CG  . LEU A 1 32  ? 5.639   -12.862 5.075   1.00 29.48  ? 32  LEU A CG  1 
ATOM   222  C CD1 . LEU A 1 32  ? 6.640   -12.553 4.048   1.00 30.47  ? 32  LEU A CD1 1 
ATOM   223  C CD2 . LEU A 1 32  ? 6.075   -14.087 5.829   1.00 27.16  ? 32  LEU A CD2 1 
ATOM   224  N N   . ASN A 1 33  ? 4.865   -9.944  8.735   1.00 19.50  ? 33  ASN A N   1 
ATOM   225  C CA  . ASN A 1 33  ? 4.700   -8.567  9.103   1.00 18.72  ? 33  ASN A CA  1 
ATOM   226  C C   . ASN A 1 33  ? 6.008   -7.857  8.718   1.00 20.49  ? 33  ASN A C   1 
ATOM   227  O O   . ASN A 1 33  ? 7.089   -8.190  9.257   1.00 18.10  ? 33  ASN A O   1 
ATOM   228  C CB  . ASN A 1 33  ? 4.345   -8.411  10.593  1.00 23.32  ? 33  ASN A CB  1 
ATOM   229  C CG  . ASN A 1 33  ? 2.935   -8.911  10.891  1.00 36.64  ? 33  ASN A CG  1 
ATOM   230  O OD1 . ASN A 1 33  ? 1.963   -8.320  10.420  1.00 47.42  ? 33  ASN A OD1 1 
ATOM   231  N ND2 . ASN A 1 33  ? 2.817   -9.988  11.656  1.00 48.43  ? 33  ASN A ND2 1 
ATOM   232  N N   . LEU A 1 34  ? 5.913   -6.978  7.721   1.00 18.39  ? 34  LEU A N   1 
ATOM   233  C CA  . LEU A 1 34  ? 7.131   -6.281  7.194   1.00 20.07  ? 34  LEU A CA  1 
ATOM   234  C C   . LEU A 1 34  ? 7.186   -4.823  7.604   1.00 19.60  ? 34  LEU A C   1 
ATOM   235  O O   . LEU A 1 34  ? 6.139   -4.178  7.818   1.00 20.73  ? 34  LEU A O   1 
ATOM   236  C CB  . LEU A 1 34  ? 7.245   -6.330  5.660   1.00 22.37  ? 34  LEU A CB  1 
ATOM   237  C CG  . LEU A 1 34  ? 7.434   -7.728  5.064   1.00 32.87  ? 34  LEU A CG  1 
ATOM   238  C CD1 . LEU A 1 34  ? 7.516   -7.534  3.567   1.00 27.12  ? 34  LEU A CD1 1 
ATOM   239  C CD2 . LEU A 1 34  ? 8.707   -8.470  5.575   1.00 28.34  ? 34  LEU A CD2 1 
ATOM   240  N N   . ALA A 1 35  ? 8.407   -4.320  7.753   1.00 19.52  ? 35  ALA A N   1 
ATOM   241  C CA  . ALA A 1 35  ? 8.646   -2.923  8.117   1.00 19.52  ? 35  ALA A CA  1 
ATOM   242  C C   . ALA A 1 35  ? 9.729   -2.315  7.266   1.00 20.07  ? 35  ALA A C   1 
ATOM   243  O O   . ALA A 1 35  ? 10.664  -3.002  6.826   1.00 22.82  ? 35  ALA A O   1 
ATOM   244  C CB  . ALA A 1 35  ? 9.009   -2.787  9.577   1.00 23.94  ? 35  ALA A CB  1 
ATOM   245  N N   . GLY A 1 36  ? 9.620   -1.014  7.048   1.00 19.37  ? 36  GLY A N   1 
ATOM   246  C CA  . GLY A 1 36  ? 10.657  -0.255  6.372   1.00 21.28  ? 36  GLY A CA  1 
ATOM   247  C C   . GLY A 1 36  ? 10.470  1.224   6.735   1.00 22.00  ? 36  GLY A C   1 
ATOM   248  O O   . GLY A 1 36  ? 9.749   1.564   7.686   1.00 24.16  ? 36  GLY A O   1 
ATOM   249  N N   . GLN A 1 37  ? 11.060  2.098   5.939   1.00 20.43  ? 37  GLN A N   1 
ATOM   250  C CA  . GLN A 1 37  ? 10.930  3.540   6.175   1.00 21.60  ? 37  GLN A CA  1 
ATOM   251  C C   . GLN A 1 37  ? 10.630  4.232   4.868   1.00 24.59  ? 37  GLN A C   1 
ATOM   252  O O   . GLN A 1 37  ? 11.130  3.816   3.831   1.00 28.40  ? 37  GLN A O   1 
ATOM   253  C CB  . GLN A 1 37  ? 12.307  4.084   6.662   1.00 19.57  ? 37  GLN A CB  1 
ATOM   254  C CG  . GLN A 1 37  ? 12.920  3.327   7.806   1.00 35.06  ? 37  GLN A CG  1 
ATOM   255  C CD  . GLN A 1 37  ? 12.263  3.697   9.144   1.00 40.20  ? 37  GLN A CD  1 
ATOM   256  O OE1 . GLN A 1 37  ? 11.626  4.757   9.269   1.00 41.77  ? 37  GLN A OE1 1 
ATOM   257  N NE2 . GLN A 1 37  ? 12.398  2.827   10.122  1.00 39.44  ? 37  GLN A NE2 1 
ATOM   258  N N   . ASP A 1 38  ? 9.885   5.318   4.874   1.00 34.43  ? 38  ASP A N   1 
ATOM   259  C CA  . ASP A 1 38  ? 10.125  6.198   3.740   1.00 42.93  ? 38  ASP A CA  1 
ATOM   260  C C   . ASP A 1 38  ? 10.267  7.628   4.072   1.00 36.23  ? 38  ASP A C   1 
ATOM   261  O O   . ASP A 1 38  ? 9.728   8.115   5.054   1.00 35.02  ? 38  ASP A O   1 
ATOM   262  C CB  . ASP A 1 38  ? 9.075   6.141   2.707   1.00 44.53  ? 38  ASP A CB  1 
ATOM   263  C CG  . ASP A 1 38  ? 7.883   5.584   3.200   1.00 55.87  ? 38  ASP A CG  1 
ATOM   264  O OD1 . ASP A 1 38  ? 7.547   4.555   2.568   1.00 34.45  ? 38  ASP A OD1 1 
ATOM   265  O OD2 . ASP A 1 38  ? 7.277   6.092   4.195   1.00 57.42  ? 38  ASP A OD2 1 
ATOM   266  N N   . ALA A 1 39  ? 10.936  8.259   3.152   1.00 37.29  ? 39  ALA A N   1 
ATOM   267  C CA  . ALA A 1 39  ? 11.307  9.648   3.267   1.00 39.38  ? 39  ALA A CA  1 
ATOM   268  C C   . ALA A 1 39  ? 10.152  10.488  2.758   1.00 44.46  ? 39  ALA A C   1 
ATOM   269  O O   . ALA A 1 39  ? 9.425   10.101  1.806   1.00 42.02  ? 39  ALA A O   1 
ATOM   270  C CB  . ALA A 1 39  ? 12.531  9.877   2.432   1.00 43.73  ? 39  ALA A CB  1 
ATOM   271  N N   . PHE A 1 40  ? 9.957   11.632  3.401   1.00 43.48  ? 40  PHE A N   1 
ATOM   272  C CA  . PHE A 1 40  ? 9.068   12.645  2.864   1.00 47.41  ? 40  PHE A CA  1 
ATOM   273  C C   . PHE A 1 40  ? 9.558   14.016  3.308   1.00 50.51  ? 40  PHE A C   1 
ATOM   274  O O   . PHE A 1 40  ? 10.418  14.097  4.176   1.00 47.60  ? 40  PHE A O   1 
ATOM   275  C CB  . PHE A 1 40  ? 7.634   12.395  3.322   1.00 46.32  ? 40  PHE A CB  1 
ATOM   276  C CG  . PHE A 1 40  ? 7.415   12.627  4.775   1.00 55.91  ? 40  PHE A CG  1 
ATOM   277  C CD1 . PHE A 1 40  ? 6.897   13.846  5.230   1.00 64.82  ? 40  PHE A CD1 1 
ATOM   278  C CD2 . PHE A 1 40  ? 7.728   11.640  5.704   1.00 58.78  ? 40  PHE A CD2 1 
ATOM   279  C CE1 . PHE A 1 40  ? 6.697   14.076  6.601   1.00 67.09  ? 40  PHE A CE1 1 
ATOM   280  C CE2 . PHE A 1 40  ? 7.532   11.860  7.080   1.00 66.62  ? 40  PHE A CE2 1 
ATOM   281  C CZ  . PHE A 1 40  ? 7.001   13.077  7.527   1.00 64.70  ? 40  PHE A CZ  1 
ATOM   282  N N   . THR A 1 41  ? 9.003   15.067  2.707   1.00 51.64  ? 41  THR A N   1 
ATOM   283  C CA  . THR A 1 41  ? 9.288   16.459  3.055   1.00 57.71  ? 41  THR A CA  1 
ATOM   284  C C   . THR A 1 41  ? 8.056   17.013  3.763   1.00 59.93  ? 41  THR A C   1 
ATOM   285  O O   . THR A 1 41  ? 6.958   17.014  3.182   1.00 59.74  ? 41  THR A O   1 
ATOM   286  C CB  . THR A 1 41  ? 9.560   17.253  1.766   1.00 59.57  ? 41  THR A CB  1 
ATOM   287  O OG1 . THR A 1 41  ? 10.718  16.712  1.128   1.00 65.53  ? 41  THR A OG1 1 
ATOM   288  C CG2 . THR A 1 41  ? 9.970   18.702  2.079   1.00 64.80  ? 41  THR A CG2 1 
ATOM   289  N N   . ASP A 1 42  ? 8.211   17.463  5.010   1.00 61.88  ? 42  ASP A N   1 
ATOM   290  C CA  . ASP A 1 42  ? 7.031   17.903  5.767   1.00 65.98  ? 42  ASP A CA  1 
ATOM   291  C C   . ASP A 1 42  ? 6.597   19.341  5.453   1.00 68.52  ? 42  ASP A C   1 
ATOM   292  O O   . ASP A 1 42  ? 7.303   20.041  4.736   1.00 64.65  ? 42  ASP A O   1 
ATOM   293  C CB  . ASP A 1 42  ? 7.167   17.615  7.264   1.00 66.13  ? 42  ASP A CB  1 
ATOM   294  C CG  . ASP A 1 42  ? 8.063   18.596  7.997   1.00 68.21  ? 42  ASP A CG  1 
ATOM   295  O OD1 . ASP A 1 42  ? 8.768   19.432  7.383   1.00 68.09  ? 42  ASP A OD1 1 
ATOM   296  O OD2 . ASP A 1 42  ? 8.117   18.571  9.238   1.00 70.74  ? 42  ASP A OD2 1 
ATOM   297  N N   . GLU A 1 43  ? 5.456   19.768  6.004   1.00 74.68  ? 43  GLU A N   1 
ATOM   298  C CA  . GLU A 1 43  ? 4.818   21.055  5.642   1.00 80.91  ? 43  GLU A CA  1 
ATOM   299  C C   . GLU A 1 43  ? 5.756   22.269  5.769   1.00 82.34  ? 43  GLU A C   1 
ATOM   300  O O   . GLU A 1 43  ? 5.541   23.291  5.108   1.00 81.81  ? 43  GLU A O   1 
ATOM   301  C CB  . GLU A 1 43  ? 3.488   21.295  6.406   1.00 82.69  ? 43  GLU A CB  1 
ATOM   302  C CG  . GLU A 1 43  ? 2.590   20.058  6.572   1.00 90.03  ? 43  GLU A CG  1 
ATOM   303  C CD  . GLU A 1 43  ? 1.096   20.315  6.355   1.00 91.62  ? 43  GLU A CD  1 
ATOM   304  O OE1 . GLU A 1 43  ? 0.725   21.375  5.822   1.00 95.07  ? 43  GLU A OE1 1 
ATOM   305  O OE2 . GLU A 1 43  ? 0.274   19.445  6.700   1.00 91.01  ? 43  GLU A OE2 1 
ATOM   306  N N   . SER A 1 44  ? 6.803   22.135  6.593   1.00 84.07  ? 44  SER A N   1 
ATOM   307  C CA  . SER A 1 44  ? 7.826   23.178  6.746   1.00 85.59  ? 44  SER A CA  1 
ATOM   308  C C   . SER A 1 44  ? 9.143   22.959  5.963   1.00 85.20  ? 44  SER A C   1 
ATOM   309  O O   . SER A 1 44  ? 10.142  23.619  6.242   1.00 84.40  ? 44  SER A O   1 
ATOM   310  C CB  . SER A 1 44  ? 8.109   23.451  8.233   1.00 86.31  ? 44  SER A CB  1 
ATOM   311  O OG  . SER A 1 44  ? 8.566   22.295  8.905   1.00 89.56  ? 44  SER A OG  1 
ATOM   312  N N   . GLY A 1 45  ? 9.133   22.043  4.990   1.00 84.71  ? 45  GLY A N   1 
ATOM   313  C CA  . GLY A 1 45  ? 10.269  21.826  4.106   1.00 83.96  ? 45  GLY A CA  1 
ATOM   314  C C   . GLY A 1 45  ? 11.360  20.898  4.628   1.00 83.77  ? 45  GLY A C   1 
ATOM   315  O O   . GLY A 1 45  ? 12.385  20.698  3.959   1.00 84.33  ? 45  GLY A O   1 
ATOM   316  N N   . GLN A 1 46  ? 11.145  20.330  5.814   1.00 80.85  ? 46  GLN A N   1 
ATOM   317  C CA  . GLN A 1 46  ? 12.117  19.433  6.442   1.00 78.55  ? 46  GLN A CA  1 
ATOM   318  C C   . GLN A 1 46  ? 11.974  17.984  5.950   1.00 75.41  ? 46  GLN A C   1 
ATOM   319  O O   . GLN A 1 46  ? 10.874  17.421  5.969   1.00 72.77  ? 46  GLN A O   1 
ATOM   320  C CB  . GLN A 1 46  ? 11.990  19.496  7.975   1.00 79.41  ? 46  GLN A CB  1 
ATOM   321  C CG  . GLN A 1 46  ? 12.790  18.438  8.780   1.00 82.32  ? 46  GLN A CG  1 
ATOM   322  C CD  . GLN A 1 46  ? 14.303  18.674  8.792   1.00 82.56  ? 46  GLN A CD  1 
ATOM   323  O OE1 . GLN A 1 46  ? 14.774  19.787  9.071   1.00 81.53  ? 46  GLN A OE1 1 
ATOM   324  N NE2 . GLN A 1 46  ? 15.065  17.621  8.507   1.00 77.20  ? 46  GLN A NE2 1 
ATOM   325  N N   . GLU A 1 47  ? 13.101  17.417  5.511   1.00 71.63  ? 47  GLU A N   1 
ATOM   326  C CA  . GLU A 1 47  ? 13.233  16.006  5.150   1.00 70.89  ? 47  GLU A CA  1 
ATOM   327  C C   . GLU A 1 47  ? 13.084  15.116  6.404   1.00 65.15  ? 47  GLU A C   1 
ATOM   328  O O   . GLU A 1 47  ? 13.779  15.318  7.411   1.00 59.95  ? 47  GLU A O   1 
ATOM   329  C CB  . GLU A 1 47  ? 14.596  15.779  4.468   1.00 73.80  ? 47  GLU A CB  1 
ATOM   330  C CG  . GLU A 1 47  ? 15.039  14.324  4.318   1.00 89.09  ? 47  GLU A CG  1 
ATOM   331  C CD  . GLU A 1 47  ? 15.931  13.818  5.455   1.00 100.02 ? 47  GLU A CD  1 
ATOM   332  O OE1 . GLU A 1 47  ? 15.648  12.723  5.998   1.00 103.70 ? 47  GLU A OE1 1 
ATOM   333  O OE2 . GLU A 1 47  ? 16.921  14.501  5.803   1.00 104.87 ? 47  GLU A OE2 1 
ATOM   334  N N   . ARG A 1 48  ? 12.173  14.145  6.337   1.00 58.12  ? 48  ARG A N   1 
ATOM   335  C CA  . ARG A 1 48  ? 11.907  13.244  7.451   1.00 52.25  ? 48  ARG A CA  1 
ATOM   336  C C   . ARG A 1 48  ? 11.810  11.801  6.948   1.00 49.11  ? 48  ARG A C   1 
ATOM   337  O O   . ARG A 1 48  ? 11.757  11.585  5.736   1.00 42.70  ? 48  ARG A O   1 
ATOM   338  C CB  . ARG A 1 48  ? 10.633  13.683  8.185   1.00 54.03  ? 48  ARG A CB  1 
ATOM   339  C CG  . ARG A 1 48  ? 10.859  14.921  9.062   1.00 66.62  ? 48  ARG A CG  1 
ATOM   340  C CD  . ARG A 1 48  ? 9.769   15.212  10.088  1.00 78.62  ? 48  ARG A CD  1 
ATOM   341  N NE  . ARG A 1 48  ? 10.016  16.486  10.773  1.00 88.92  ? 48  ARG A NE  1 
ATOM   342  C CZ  . ARG A 1 48  ? 9.221   17.022  11.701  1.00 94.39  ? 48  ARG A CZ  1 
ATOM   343  N NH1 . ARG A 1 48  ? 8.106   16.406  12.071  1.00 99.43  ? 48  ARG A NH1 1 
ATOM   344  N NH2 . ARG A 1 48  ? 9.534   18.186  12.257  1.00 94.64  ? 48  ARG A NH2 1 
ATOM   345  N N   . GLU A 1 49  ? 11.835  10.826  7.859   1.00 44.49  ? 49  GLU A N   1 
ATOM   346  C CA  . GLU A 1 49  ? 11.531  9.415   7.509   1.00 42.18  ? 49  GLU A CA  1 
ATOM   347  C C   . GLU A 1 49  ? 10.411  9.050   8.411   1.00 42.28  ? 49  GLU A C   1 
ATOM   348  O O   . GLU A 1 49  ? 10.360  9.550   9.542   1.00 40.78  ? 49  GLU A O   1 
ATOM   349  C CB  . GLU A 1 49  ? 12.679  8.493   7.847   1.00 43.46  ? 49  GLU A CB  1 
ATOM   350  C CG  . GLU A 1 49  ? 13.973  8.776   7.143   1.00 57.52  ? 49  GLU A CG  1 
ATOM   351  C CD  . GLU A 1 49  ? 14.959  7.653   7.324   1.00 67.85  ? 49  GLU A CD  1 
ATOM   352  O OE1 . GLU A 1 49  ? 16.025  7.712   6.672   1.00 81.11  ? 49  GLU A OE1 1 
ATOM   353  O OE2 . GLU A 1 49  ? 14.691  6.725   8.126   1.00 69.97  ? 49  GLU A OE2 1 
ATOM   354  N N   . VAL A 1 50  ? 9.501   8.199   7.951   1.00 39.84  ? 50  VAL A N   1 
ATOM   355  C CA  . VAL A 1 50  ? 8.533   7.600   8.856   1.00 42.74  ? 50  VAL A CA  1 
ATOM   356  C C   . VAL A 1 50  ? 8.415   6.144   8.492   1.00 37.78  ? 50  VAL A C   1 
ATOM   357  O O   . VAL A 1 50  ? 8.460   5.801   7.311   1.00 35.90  ? 50  VAL A O   1 
ATOM   358  C CB  . VAL A 1 50  ? 7.106   8.183   8.828   1.00 46.89  ? 50  VAL A CB  1 
ATOM   359  C CG1 . VAL A 1 50  ? 7.044   9.510   9.625   1.00 57.96  ? 50  VAL A CG1 1 
ATOM   360  C CG2 . VAL A 1 50  ? 6.555   8.287   7.430   1.00 47.46  ? 50  VAL A CG2 1 
ATOM   361  N N   . PRO A 1 51  ? 8.288   5.305   9.504   1.00 33.11  ? 51  PRO A N   1 
ATOM   362  C CA  . PRO A 1 51  ? 8.148   3.871   9.266   1.00 27.27  ? 51  PRO A CA  1 
ATOM   363  C C   . PRO A 1 51  ? 6.850   3.527   8.584   1.00 27.58  ? 51  PRO A C   1 
ATOM   364  O O   . PRO A 1 51  ? 5.853   4.308   8.634   1.00 27.22  ? 51  PRO A O   1 
ATOM   365  C CB  . PRO A 1 51  ? 8.186   3.279   10.659  1.00 30.11  ? 51  PRO A CB  1 
ATOM   366  C CG  . PRO A 1 51  ? 7.877   4.448   11.603  1.00 38.14  ? 51  PRO A CG  1 
ATOM   367  C CD  . PRO A 1 51  ? 8.283   5.665   10.953  1.00 32.94  ? 51  PRO A CD  1 
ATOM   368  N N   . TRP A 1 52  ? 6.884   2.381   7.885   1.00 21.41  ? 52  TRP A N   1 
ATOM   369  C CA  . TRP A 1 52  ? 5.707   1.757   7.376   1.00 17.74  ? 52  TRP A CA  1 
ATOM   370  C C   . TRP A 1 52  ? 5.756   0.353   7.968   1.00 19.84  ? 52  TRP A C   1 
ATOM   371  O O   . TRP A 1 52  ? 6.856   -0.164  8.225   1.00 22.11  ? 52  TRP A O   1 
ATOM   372  C CB  . TRP A 1 52  ? 5.701   1.755   5.824   1.00 18.78  ? 52  TRP A CB  1 
ATOM   373  C CG  . TRP A 1 52  ? 6.832   1.119   5.031   1.00 22.13  ? 52  TRP A CG  1 
ATOM   374  C CD1 . TRP A 1 52  ? 7.862   1.785   4.355   1.00 22.24  ? 52  TRP A CD1 1 
ATOM   375  C CD2 . TRP A 1 52  ? 7.005   -0.273  4.752   1.00 25.59  ? 52  TRP A CD2 1 
ATOM   376  N NE1 . TRP A 1 52  ? 8.632   0.851   3.698   1.00 23.10  ? 52  TRP A NE1 1 
ATOM   377  C CE2 . TRP A 1 52  ? 8.135   -0.400  3.908   1.00 24.71  ? 52  TRP A CE2 1 
ATOM   378  C CE3 . TRP A 1 52  ? 6.319   -1.446  5.142   1.00 27.43  ? 52  TRP A CE3 1 
ATOM   379  C CZ2 . TRP A 1 52  ? 8.592   -1.647  3.420   1.00 17.53  ? 52  TRP A CZ2 1 
ATOM   380  C CZ3 . TRP A 1 52  ? 6.780   -2.705  4.649   1.00 25.87  ? 52  TRP A CZ3 1 
ATOM   381  C CH2 . TRP A 1 52  ? 7.922   -2.770  3.802   1.00 21.96  ? 52  TRP A CH2 1 
ATOM   382  N N   . TYR A 1 53  ? 4.579   -0.236  8.194   1.00 19.77  ? 53  TYR A N   1 
ATOM   383  C CA  . TYR A 1 53  ? 4.422   -1.587  8.661   1.00 19.20  ? 53  TYR A CA  1 
ATOM   384  C C   . TYR A 1 53  ? 3.305   -2.119  7.812   1.00 20.71  ? 53  TYR A C   1 
ATOM   385  O O   . TYR A 1 53  ? 2.212   -1.535  7.767   1.00 25.38  ? 53  TYR A O   1 
ATOM   386  C CB  . TYR A 1 53  ? 3.956   -1.661  10.164  1.00 19.72  ? 53  TYR A CB  1 
ATOM   387  C CG  . TYR A 1 53  ? 4.970   -1.027  11.059  1.00 24.07  ? 53  TYR A CG  1 
ATOM   388  C CD1 . TYR A 1 53  ? 4.927   0.356   11.344  1.00 28.70  ? 53  TYR A CD1 1 
ATOM   389  C CD2 . TYR A 1 53  ? 6.034   -1.782  11.567  1.00 31.06  ? 53  TYR A CD2 1 
ATOM   390  C CE1 . TYR A 1 53  ? 5.919   0.964   12.152  1.00 32.05  ? 53  TYR A CE1 1 
ATOM   391  C CE2 . TYR A 1 53  ? 7.041   -1.168  12.387  1.00 34.80  ? 53  TYR A CE2 1 
ATOM   392  C CZ  . TYR A 1 53  ? 6.963   0.193   12.671  1.00 35.00  ? 53  TYR A CZ  1 
ATOM   393  O OH  . TYR A 1 53  ? 7.964   0.759   13.467  1.00 38.11  ? 53  TYR A OH  1 
ATOM   394  N N   . HIS A 1 54  ? 3.527   -3.259  7.174   1.00 19.75  ? 54  HIS A N   1 
ATOM   395  C CA  . HIS A 1 54  ? 2.459   -3.822  6.371   1.00 22.78  ? 54  HIS A CA  1 
ATOM   396  C C   . HIS A 1 54  ? 2.429   -5.305  6.474   1.00 21.15  ? 54  HIS A C   1 
ATOM   397  O O   . HIS A 1 54  ? 3.495   -5.947  6.507   1.00 21.39  ? 54  HIS A O   1 
ATOM   398  C CB  . HIS A 1 54  ? 2.657   -3.475  4.897   1.00 21.20  ? 54  HIS A CB  1 
ATOM   399  C CG  . HIS A 1 54  ? 2.633   -2.004  4.635   1.00 28.95  ? 54  HIS A CG  1 
ATOM   400  N ND1 . HIS A 1 54  ? 1.573   -1.213  5.024   1.00 29.70  ? 54  HIS A ND1 1 
ATOM   401  C CD2 . HIS A 1 54  ? 3.511   -1.193  4.005   1.00 26.67  ? 54  HIS A CD2 1 
ATOM   402  C CE1 . HIS A 1 54  ? 1.799   0.030   4.647   1.00 26.17  ? 54  HIS A CE1 1 
ATOM   403  N NE2 . HIS A 1 54  ? 2.991   0.080   4.072   1.00 28.06  ? 54  HIS A NE2 1 
ATOM   404  N N   . ARG A 1 55  ? 1.221   -5.834  6.396   1.00 22.39  ? 55  ARG A N   1 
ATOM   405  C CA  . ARG A 1 55  ? 1.016   -7.266  6.398   1.00 25.90  ? 55  ARG A CA  1 
ATOM   406  C C   . ARG A 1 55  ? 1.093   -7.817  4.990   1.00 24.25  ? 55  ARG A C   1 
ATOM   407  O O   . ARG A 1 55  ? 0.567   -7.224  4.045   1.00 24.30  ? 55  ARG A O   1 
ATOM   408  C CB  . ARG A 1 55  ? -0.336  -7.612  6.994   1.00 32.59  ? 55  ARG A CB  1 
ATOM   409  C CG  . ARG A 1 55  ? -0.631  -9.130  6.912   1.00 45.44  ? 55  ARG A CG  1 
ATOM   410  C CD  . ARG A 1 55  ? -0.120  -9.938  8.102   1.00 52.41  ? 55  ARG A CD  1 
ATOM   411  N NE  . ARG A 1 55  ? -1.236  -10.322 8.968   1.00 63.65  ? 55  ARG A NE  1 
ATOM   412  C CZ  . ARG A 1 55  ? -1.282  -10.135 10.278  1.00 68.23  ? 55  ARG A CZ  1 
ATOM   413  N NH1 . ARG A 1 55  ? -0.278  -9.563  10.922  1.00 66.85  ? 55  ARG A NH1 1 
ATOM   414  N NH2 . ARG A 1 55  ? -2.352  -10.528 10.960  1.00 76.75  ? 55  ARG A NH2 1 
ATOM   415  N N   . VAL A 1 56  ? 1.796   -8.923  4.840   1.00 20.30  ? 56  VAL A N   1 
ATOM   416  C CA  . VAL A 1 56  ? 1.878   -9.600  3.555   1.00 17.23  ? 56  VAL A CA  1 
ATOM   417  C C   . VAL A 1 56  ? 1.398   -11.032 3.795   1.00 18.73  ? 56  VAL A C   1 
ATOM   418  O O   . VAL A 1 56  ? 1.995   -11.767 4.622   1.00 23.79  ? 56  VAL A O   1 
ATOM   419  C CB  . VAL A 1 56  ? 3.318   -9.603  3.008   1.00 16.37  ? 56  VAL A CB  1 
ATOM   420  C CG1 . VAL A 1 56  ? 3.447   -10.456 1.701   1.00 20.38  ? 56  VAL A CG1 1 
ATOM   421  C CG2 . VAL A 1 56  ? 3.745   -8.141  2.671   1.00 17.06  ? 56  VAL A CG2 1 
ATOM   422  N N   . ARG A 1 57  ? 0.420   -11.449 3.009   1.00 15.92  ? 57  ARG A N   1 
ATOM   423  C CA  . ARG A 1 57  ? -0.079  -12.818 3.148   1.00 15.94  ? 57  ARG A CA  1 
ATOM   424  C C   . ARG A 1 57  ? 0.346   -13.705 1.972   1.00 18.85  ? 57  ARG A C   1 
ATOM   425  O O   . ARG A 1 57  ? 0.074   -13.352 0.804   1.00 20.64  ? 57  ARG A O   1 
ATOM   426  C CB  . ARG A 1 57  ? -1.603  -12.773 3.177   1.00 17.29  ? 57  ARG A CB  1 
ATOM   427  C CG  . ARG A 1 57  ? -2.245  -14.169 3.227   1.00 17.63  ? 57  ARG A CG  1 
ATOM   428  C CD  . ARG A 1 57  ? -3.692  -14.088 3.707   1.00 30.32  ? 57  ARG A CD  1 
ATOM   429  N NE  . ARG A 1 57  ? -3.689  -13.926 5.171   1.00 25.42  ? 57  ARG A NE  1 
ATOM   430  C CZ  . ARG A 1 57  ? -4.790  -13.981 5.923   1.00 37.51  ? 57  ARG A CZ  1 
ATOM   431  N NH1 . ARG A 1 57  ? -5.975  -14.129 5.357   1.00 34.46  ? 57  ARG A NH1 1 
ATOM   432  N NH2 . ARG A 1 57  ? -4.710  -13.884 7.228   1.00 33.21  ? 57  ARG A NH2 1 
ATOM   433  N N   . LEU A 1 58  ? 0.971   -14.852 2.299   1.00 17.66  ? 58  LEU A N   1 
ATOM   434  C CA  . LEU A 1 58  ? 1.156   -15.943 1.338   1.00 14.90  ? 58  LEU A CA  1 
ATOM   435  C C   . LEU A 1 58  ? 0.144   -16.981 1.572   1.00 15.36  ? 58  LEU A C   1 
ATOM   436  O O   . LEU A 1 58  ? -0.119  -17.396 2.745   1.00 16.55  ? 58  LEU A O   1 
ATOM   437  C CB  . LEU A 1 58  ? 2.554   -16.594 1.513   1.00 17.83  ? 58  LEU A CB  1 
ATOM   438  C CG  . LEU A 1 58  ? 3.801   -15.755 1.137   1.00 21.41  ? 58  LEU A CG  1 
ATOM   439  C CD1 . LEU A 1 58  ? 3.850   -14.367 1.782   1.00 26.44  ? 58  LEU A CD1 1 
ATOM   440  C CD2 . LEU A 1 58  ? 5.073   -16.549 1.505   1.00 22.05  ? 58  LEU A CD2 1 
ATOM   441  N N   . LEU A 1 59  ? -0.435  -17.435 0.483   1.00 13.99  ? 59  LEU A N   1 
ATOM   442  C CA  . LEU A 1 59  ? -1.411  -18.541 0.590   1.00 20.95  ? 59  LEU A CA  1 
ATOM   443  C C   . LEU A 1 59  ? -1.038  -19.704 -0.265  1.00 23.10  ? 59  LEU A C   1 
ATOM   444  O O   . LEU A 1 59  ? -0.574  -19.491 -1.377  1.00 29.13  ? 59  LEU A O   1 
ATOM   445  C CB  . LEU A 1 59  ? -2.752  -18.060 0.058   1.00 23.77  ? 59  LEU A CB  1 
ATOM   446  C CG  . LEU A 1 59  ? -3.729  -17.257 0.893   1.00 29.84  ? 59  LEU A CG  1 
ATOM   447  C CD1 . LEU A 1 59  ? -5.065  -17.155 0.091   1.00 32.13  ? 59  LEU A CD1 1 
ATOM   448  C CD2 . LEU A 1 59  ? -4.033  -17.939 2.215   1.00 37.77  ? 59  LEU A CD2 1 
ATOM   449  N N   . GLY A 1 60  ? -1.316  -20.944 0.184   1.00 17.07  ? 60  GLY A N   1 
ATOM   450  C CA  . GLY A 1 60  ? -1.157  -22.102 -0.677  1.00 20.55  ? 60  GLY A CA  1 
ATOM   451  C C   . GLY A 1 60  ? 0.341   -22.395 -0.894  1.00 24.94  ? 60  GLY A C   1 
ATOM   452  O O   . GLY A 1 60  ? 1.120   -22.419 0.043   1.00 20.31  ? 60  GLY A O   1 
ATOM   453  N N   . ARG A 1 61  ? 0.738   -22.604 -2.140  1.00 25.87  ? 61  ARG A N   1 
ATOM   454  C CA  . ARG A 1 61  ? 2.072   -23.144 -2.447  1.00 30.00  ? 61  ARG A CA  1 
ATOM   455  C C   . ARG A 1 61  ? 3.245   -22.285 -1.939  1.00 24.59  ? 61  ARG A C   1 
ATOM   456  O O   . ARG A 1 61  ? 4.227   -22.831 -1.416  1.00 26.27  ? 61  ARG A O   1 
ATOM   457  C CB  . ARG A 1 61  ? 2.216   -23.317 -3.951  1.00 34.64  ? 61  ARG A CB  1 
ATOM   458  C CG  . ARG A 1 61  ? 3.256   -24.303 -4.356  1.00 42.00  ? 61  ARG A CG  1 
ATOM   459  C CD  . ARG A 1 61  ? 3.604   -24.200 -5.849  1.00 59.01  ? 61  ARG A CD  1 
ATOM   460  N NE  . ARG A 1 61  ? 2.467   -24.511 -6.720  1.00 61.98  ? 61  ARG A NE  1 
ATOM   461  C CZ  . ARG A 1 61  ? 2.254   -25.691 -7.328  1.00 64.08  ? 61  ARG A CZ  1 
ATOM   462  N NH1 . ARG A 1 61  ? 3.096   -26.714 -7.175  1.00 62.59  ? 61  ARG A NH1 1 
ATOM   463  N NH2 . ARG A 1 61  ? 1.179   -25.846 -8.092  1.00 62.06  ? 61  ARG A NH2 1 
ATOM   464  N N   . GLN A 1 62  ? 3.154   -20.962 -2.098  1.00 27.40  ? 62  GLN A N   1 
ATOM   465  C CA  . GLN A 1 62  ? 4.202   -20.070 -1.522  1.00 27.56  ? 62  GLN A CA  1 
ATOM   466  C C   . GLN A 1 62  ? 4.262   -20.187 -0.002  1.00 24.94  ? 62  GLN A C   1 
ATOM   467  O O   . GLN A 1 62  ? 5.321   -20.122 0.572   1.00 22.50  ? 62  GLN A O   1 
ATOM   468  C CB  . GLN A 1 62  ? 3.977   -18.612 -1.880  1.00 28.22  ? 62  GLN A CB  1 
ATOM   469  C CG  . GLN A 1 62  ? 4.385   -18.221 -3.346  1.00 34.44  ? 62  GLN A CG  1 
ATOM   470  C CD  . GLN A 1 62  ? 5.934   -18.113 -3.590  1.00 46.66  ? 62  GLN A CD  1 
ATOM   471  O OE1 . GLN A 1 62  ? 6.675   -17.421 -2.868  1.00 33.50  ? 62  GLN A OE1 1 
ATOM   472  N NE2 . GLN A 1 62  ? 6.397   -18.796 -4.632  1.00 49.16  ? 62  GLN A NE2 1 
ATOM   473  N N   . ALA A 1 63  ? 3.115   -20.351 0.647   1.00 23.56  ? 63  ALA A N   1 
ATOM   474  C CA  . ALA A 1 63  ? 3.136   -20.498 2.115   1.00 24.38  ? 63  ALA A CA  1 
ATOM   475  C C   . ALA A 1 63  ? 3.853   -21.804 2.540   1.00 25.42  ? 63  ALA A C   1 
ATOM   476  O O   . ALA A 1 63  ? 4.625   -21.811 3.535   1.00 25.11  ? 63  ALA A O   1 
ATOM   477  C CB  . ALA A 1 63  ? 1.714   -20.471 2.649   1.00 19.74  ? 63  ALA A CB  1 
ATOM   478  N N   . GLU A 1 64  ? 3.579   -22.907 1.817   1.00 23.82  ? 64  GLU A N   1 
ATOM   479  C CA  . GLU A 1 64  ? 4.225   -24.205 2.130   1.00 23.92  ? 64  GLU A CA  1 
ATOM   480  C C   . GLU A 1 64  ? 5.747   -24.135 1.867   1.00 23.17  ? 64  GLU A C   1 
ATOM   481  O O   . GLU A 1 64  ? 6.556   -24.664 2.638   1.00 24.36  ? 64  GLU A O   1 
ATOM   482  C CB  . GLU A 1 64  ? 3.654   -25.339 1.278   1.00 23.21  ? 64  GLU A CB  1 
ATOM   483  C CG  . GLU A 1 64  ? 2.161   -25.620 1.485   1.00 27.27  ? 64  GLU A CG  1 
ATOM   484  C CD  . GLU A 1 64  ? 1.927   -26.540 2.669   1.00 36.91  ? 64  GLU A CD  1 
ATOM   485  O OE1 . GLU A 1 64  ? 0.758   -26.886 2.929   1.00 35.88  ? 64  GLU A OE1 1 
ATOM   486  O OE2 . GLU A 1 64  ? 2.916   -26.877 3.356   1.00 32.76  ? 64  GLU A OE2 1 
ATOM   487  N N   . MET A 1 65  ? 6.116   -23.470 0.780   1.00 24.43  ? 65  MET A N   1 
ATOM   488  C CA  . MET A 1 65  ? 7.530   -23.331 0.362   1.00 26.99  ? 65  MET A CA  1 
ATOM   489  C C   . MET A 1 65  ? 8.380   -22.669 1.440   1.00 26.41  ? 65  MET A C   1 
ATOM   490  O O   . MET A 1 65  ? 9.500   -23.106 1.758   1.00 26.98  ? 65  MET A O   1 
ATOM   491  C CB  . MET A 1 65  ? 7.608   -22.445 -0.894  1.00 30.14  ? 65  MET A CB  1 
ATOM   492  C CG  . MET A 1 65  ? 9.003   -22.382 -1.487  1.00 35.52  ? 65  MET A CG  1 
ATOM   493  S SD  . MET A 1 65  ? 9.032   -21.388 -3.007  1.00 54.53  ? 65  MET A SD  1 
ATOM   494  C CE  . MET A 1 65  ? 7.265   -21.809 -3.788  1.00 32.97  ? 65  MET A CE  1 
ATOM   495  N N   . TRP A 1 66  ? 7.864   -21.575 1.979   1.00 20.67  ? 66  TRP A N   1 
ATOM   496  C CA  . TRP A 1 66  ? 8.642   -20.761 2.921   1.00 23.49  ? 66  TRP A CA  1 
ATOM   497  C C   . TRP A 1 66  ? 8.284   -20.915 4.387   1.00 24.89  ? 66  TRP A C   1 
ATOM   498  O O   . TRP A 1 66  ? 8.882   -20.256 5.201   1.00 25.80  ? 66  TRP A O   1 
ATOM   499  C CB  . TRP A 1 66  ? 8.511   -19.270 2.581   1.00 21.25  ? 66  TRP A CB  1 
ATOM   500  C CG  . TRP A 1 66  ? 8.916   -18.987 1.211   1.00 21.74  ? 66  TRP A CG  1 
ATOM   501  C CD1 . TRP A 1 66  ? 8.138   -18.619 0.169   1.00 25.91  ? 66  TRP A CD1 1 
ATOM   502  C CD2 . TRP A 1 66  ? 10.248  -19.057 0.720   1.00 24.51  ? 66  TRP A CD2 1 
ATOM   503  N NE1 . TRP A 1 66  ? 8.914   -18.455 -0.965  1.00 26.98  ? 66  TRP A NE1 1 
ATOM   504  C CE2 . TRP A 1 66  ? 10.219  -18.711 -0.636  1.00 23.49  ? 66  TRP A CE2 1 
ATOM   505  C CE3 . TRP A 1 66  ? 11.480  -19.349 1.315   1.00 27.81  ? 66  TRP A CE3 1 
ATOM   506  C CZ2 . TRP A 1 66  ? 11.382  -18.691 -1.434  1.00 32.66  ? 66  TRP A CZ2 1 
ATOM   507  C CZ3 . TRP A 1 66  ? 12.637  -19.294 0.538   1.00 35.81  ? 66  TRP A CZ3 1 
ATOM   508  C CH2 . TRP A 1 66  ? 12.573  -18.993 -0.823  1.00 27.64  ? 66  TRP A CH2 1 
ATOM   509  N N   . GLY A 1 67  ? 7.315   -21.751 4.738   1.00 25.29  ? 67  GLY A N   1 
ATOM   510  C CA  . GLY A 1 67  ? 6.726   -21.640 6.074   1.00 25.71  ? 67  GLY A CA  1 
ATOM   511  C C   . GLY A 1 67  ? 7.642   -22.034 7.236   1.00 29.82  ? 67  GLY A C   1 
ATOM   512  O O   . GLY A 1 67  ? 7.384   -21.681 8.398   1.00 30.36  ? 67  GLY A O   1 
ATOM   513  N N   . ASP A 1 68  ? 8.736   -22.735 6.928   1.00 29.34  ? 68  ASP A N   1 
ATOM   514  C CA  . ASP A 1 68  ? 9.740   -23.031 7.958   1.00 31.37  ? 68  ASP A CA  1 
ATOM   515  C C   . ASP A 1 68  ? 11.157  -22.483 7.724   1.00 28.36  ? 68  ASP A C   1 
ATOM   516  O O   . ASP A 1 68  ? 12.133  -23.021 8.260   1.00 29.16  ? 68  ASP A O   1 
ATOM   517  C CB  . ASP A 1 68  ? 9.794   -24.525 8.220   1.00 34.36  ? 68  ASP A CB  1 
ATOM   518  C CG  . ASP A 1 68  ? 9.286   -24.855 9.592   1.00 50.88  ? 68  ASP A CG  1 
ATOM   519  O OD1 . ASP A 1 68  ? 8.072   -25.143 9.707   1.00 61.02  ? 68  ASP A OD1 1 
ATOM   520  O OD2 . ASP A 1 68  ? 10.016  -24.796 10.613  1.00 57.27  ? 68  ASP A OD2 1 
ATOM   521  N N   . LEU A 1 69  ? 11.267  -21.415 6.935   1.00 22.02  ? 69  LEU A N   1 
ATOM   522  C CA  . LEU A 1 69  ? 12.557  -20.947 6.492   1.00 23.51  ? 69  LEU A CA  1 
ATOM   523  C C   . LEU A 1 69  ? 12.844  -19.514 6.873   1.00 26.50  ? 69  LEU A C   1 
ATOM   524  O O   . LEU A 1 69  ? 14.021  -19.079 6.721   1.00 28.20  ? 69  LEU A O   1 
ATOM   525  C CB  . LEU A 1 69  ? 12.705  -21.098 4.979   1.00 24.20  ? 69  LEU A CB  1 
ATOM   526  C CG  . LEU A 1 69  ? 12.716  -22.569 4.544   1.00 27.09  ? 69  LEU A CG  1 
ATOM   527  C CD1 . LEU A 1 69  ? 12.719  -22.667 3.016   1.00 32.09  ? 69  LEU A CD1 1 
ATOM   528  C CD2 . LEU A 1 69  ? 13.939  -23.316 5.187   1.00 30.17  ? 69  LEU A CD2 1 
ATOM   529  N N   . LEU A 1 70  ? 11.831  -18.769 7.350   1.00 20.36  ? 70  LEU A N   1 
ATOM   530  C CA  . LEU A 1 70  ? 12.028  -17.278 7.530   1.00 23.33  ? 70  LEU A CA  1 
ATOM   531  C C   . LEU A 1 70  ? 12.222  -16.843 8.993   1.00 22.49  ? 70  LEU A C   1 
ATOM   532  O O   . LEU A 1 70  ? 11.690  -17.509 9.891   1.00 22.68  ? 70  LEU A O   1 
ATOM   533  C CB  . LEU A 1 70  ? 10.862  -16.471 6.928   1.00 22.14  ? 70  LEU A CB  1 
ATOM   534  C CG  . LEU A 1 70  ? 10.477  -16.820 5.501   1.00 24.58  ? 70  LEU A CG  1 
ATOM   535  C CD1 . LEU A 1 70  ? 9.257   -15.999 5.110   1.00 19.95  ? 70  LEU A CD1 1 
ATOM   536  C CD2 . LEU A 1 70  ? 11.654  -16.569 4.635   1.00 25.18  ? 70  LEU A CD2 1 
ATOM   537  N N   . GLU A 1 71  ? 13.018  -15.776 9.193   1.00 24.14  ? 71  GLU A N   1 
ATOM   538  C CA  . GLU A 1 71  ? 13.379  -15.279 10.535  1.00 30.74  ? 71  GLU A CA  1 
ATOM   539  C C   . GLU A 1 71  ? 12.973  -13.850 10.763  1.00 27.63  ? 71  GLU A C   1 
ATOM   540  O O   . GLU A 1 71  ? 13.006  -13.037 9.843   1.00 24.18  ? 71  GLU A O   1 
ATOM   541  C CB  . GLU A 1 71  ? 14.896  -15.256 10.731  1.00 28.36  ? 71  GLU A CB  1 
ATOM   542  C CG  . GLU A 1 71  ? 15.603  -16.605 10.589  1.00 44.48  ? 71  GLU A CG  1 
ATOM   543  C CD  . GLU A 1 71  ? 15.471  -17.492 11.815  1.00 50.75  ? 71  GLU A CD  1 
ATOM   544  O OE1 . GLU A 1 71  ? 16.123  -18.560 11.838  1.00 51.46  ? 71  GLU A OE1 1 
ATOM   545  O OE2 . GLU A 1 71  ? 14.690  -17.153 12.739  1.00 57.83  ? 71  GLU A OE2 1 
ATOM   546  N N   . LYS A 1 72  ? 12.697  -13.537 12.020  1.00 22.46  ? 72  LYS A N   1 
ATOM   547  C CA  . LYS A 1 72  ? 12.498  -12.159 12.422  1.00 22.24  ? 72  LYS A CA  1 
ATOM   548  C C   . LYS A 1 72  ? 13.754  -11.420 12.071  1.00 22.74  ? 72  LYS A C   1 
ATOM   549  O O   . LYS A 1 72  ? 14.846  -11.957 12.273  1.00 21.83  ? 72  LYS A O   1 
ATOM   550  C CB  . LYS A 1 72  ? 12.279  -12.102 13.950  1.00 23.42  ? 72  LYS A CB  1 
ATOM   551  C CG  . LYS A 1 72  ? 12.288  -10.679 14.498  1.00 23.74  ? 72  LYS A CG  1 
ATOM   552  C CD  . LYS A 1 72  ? 11.949  -10.682 15.988  1.00 26.65  ? 72  LYS A CD  1 
ATOM   553  C CE  . LYS A 1 72  ? 11.928  -9.205  16.413  1.00 29.80  ? 72  LYS A CE  1 
ATOM   554  N NZ  . LYS A 1 72  ? 11.303  -9.092  17.733  1.00 34.94  ? 72  LYS A NZ  1 
ATOM   555  N N   . GLY A 1 73  ? 13.643  -10.206 11.528  1.00 19.22  ? 73  GLY A N   1 
ATOM   556  C CA  . GLY A 1 73  ? 14.867  -9.471  11.211  1.00 23.70  ? 73  GLY A CA  1 
ATOM   557  C C   . GLY A 1 73  ? 15.318  -9.667  9.760   1.00 21.92  ? 73  GLY A C   1 
ATOM   558  O O   . GLY A 1 73  ? 16.173  -8.943  9.268   1.00 20.35  ? 73  GLY A O   1 
ATOM   559  N N   . GLN A 1 74  ? 14.755  -10.654 9.075   1.00 20.79  ? 74  GLN A N   1 
ATOM   560  C CA  . GLN A 1 74  ? 15.203  -10.979 7.728   1.00 20.03  ? 74  GLN A CA  1 
ATOM   561  C C   . GLN A 1 74  ? 14.552  -10.040 6.740   1.00 22.06  ? 74  GLN A C   1 
ATOM   562  O O   . GLN A 1 74  ? 13.350  -9.754  6.840   1.00 17.89  ? 74  GLN A O   1 
ATOM   563  C CB  . GLN A 1 74  ? 14.770  -12.419 7.337   1.00 22.31  ? 74  GLN A CB  1 
ATOM   564  C CG  . GLN A 1 74  ? 15.416  -12.903 5.972   1.00 23.29  ? 74  GLN A CG  1 
ATOM   565  C CD  . GLN A 1 74  ? 15.279  -14.417 5.779   1.00 33.74  ? 74  GLN A CD  1 
ATOM   566  O OE1 . GLN A 1 74  ? 14.612  -15.088 6.566   1.00 24.30  ? 74  GLN A OE1 1 
ATOM   567  N NE2 . GLN A 1 74  ? 15.892  -14.943 4.706   1.00 28.81  ? 74  GLN A NE2 1 
ATOM   568  N N   . LEU A 1 75  ? 15.323  -9.634  5.756   1.00 18.45  ? 75  LEU A N   1 
ATOM   569  C CA  . LEU A 1 75  ? 14.830  -8.841  4.616   1.00 19.12  ? 75  LEU A CA  1 
ATOM   570  C C   . LEU A 1 75  ? 14.142  -9.762  3.612   1.00 18.46  ? 75  LEU A C   1 
ATOM   571  O O   . LEU A 1 75  ? 14.660  -10.855 3.284   1.00 17.94  ? 75  LEU A O   1 
ATOM   572  C CB  . LEU A 1 75  ? 16.038  -8.197  3.931   1.00 20.54  ? 75  LEU A CB  1 
ATOM   573  C CG  . LEU A 1 75  ? 16.057  -6.805  3.363   1.00 29.61  ? 75  LEU A CG  1 
ATOM   574  C CD1 . LEU A 1 75  ? 15.606  -5.782  4.420   1.00 25.34  ? 75  LEU A CD1 1 
ATOM   575  C CD2 . LEU A 1 75  ? 17.527  -6.511  2.864   1.00 25.43  ? 75  LEU A CD2 1 
ATOM   576  N N   . ILE A 1 76  ? 13.017  -9.280  3.072   1.00 17.46  ? 76  ILE A N   1 
ATOM   577  C CA  . ILE A 1 76  ? 12.197  -10.060 2.155   1.00 14.74  ? 76  ILE A CA  1 
ATOM   578  C C   . ILE A 1 76  ? 11.813  -9.140  0.988   1.00 17.99  ? 76  ILE A C   1 
ATOM   579  O O   . ILE A 1 76  ? 11.373  -8.006  1.180   1.00 17.58  ? 76  ILE A O   1 
ATOM   580  C CB  . ILE A 1 76  ? 10.894  -10.583 2.842   1.00 16.24  ? 76  ILE A CB  1 
ATOM   581  C CG1 . ILE A 1 76  ? 11.144  -11.303 4.189   1.00 17.95  ? 76  ILE A CG1 1 
ATOM   582  C CG2 . ILE A 1 76  ? 10.086  -11.428 1.902   1.00 16.32  ? 76  ILE A CG2 1 
ATOM   583  C CD1 . ILE A 1 76  ? 11.883  -12.686 4.093   1.00 20.82  ? 76  ILE A CD1 1 
ATOM   584  N N   . PHE A 1 77  ? 11.943  -9.668  -0.216  1.00 15.83  ? 77  PHE A N   1 
ATOM   585  C CA  . PHE A 1 77  ? 11.424  -9.000  -1.403  1.00 14.73  ? 77  PHE A CA  1 
ATOM   586  C C   . PHE A 1 77  ? 10.074  -9.634  -1.755  1.00 15.19  ? 77  PHE A C   1 
ATOM   587  O O   . PHE A 1 77  ? 9.912   -10.849 -1.734  1.00 16.15  ? 77  PHE A O   1 
ATOM   588  C CB  . PHE A 1 77  ? 12.450  -9.211  -2.574  1.00 13.99  ? 77  PHE A CB  1 
ATOM   589  C CG  . PHE A 1 77  ? 11.939  -8.763  -3.913  1.00 16.33  ? 77  PHE A CG  1 
ATOM   590  C CD1 . PHE A 1 77  ? 11.707  -7.456  -4.126  1.00 18.96  ? 77  PHE A CD1 1 
ATOM   591  C CD2 . PHE A 1 77  ? 11.704  -9.664  -4.939  1.00 23.53  ? 77  PHE A CD2 1 
ATOM   592  C CE1 . PHE A 1 77  ? 11.233  -6.981  -5.397  1.00 20.62  ? 77  PHE A CE1 1 
ATOM   593  C CE2 . PHE A 1 77  ? 11.250  -9.230  -6.225  1.00 21.76  ? 77  PHE A CE2 1 
ATOM   594  C CZ  . PHE A 1 77  ? 11.038  -7.883  -6.444  1.00 17.55  ? 77  PHE A CZ  1 
ATOM   595  N N   . VAL A 1 78  ? 9.063   -8.807  -2.023  1.00 15.44  ? 78  VAL A N   1 
ATOM   596  C CA  . VAL A 1 78  ? 7.705   -9.289  -2.265  1.00 14.06  ? 78  VAL A CA  1 
ATOM   597  C C   . VAL A 1 78  ? 7.210   -8.663  -3.557  1.00 17.69  ? 78  VAL A C   1 
ATOM   598  O O   . VAL A 1 78  ? 7.438   -7.477  -3.776  1.00 15.64  ? 78  VAL A O   1 
ATOM   599  C CB  . VAL A 1 78  ? 6.764   -8.717  -1.116  1.00 16.71  ? 78  VAL A CB  1 
ATOM   600  C CG1 . VAL A 1 78  ? 5.341   -9.150  -1.364  1.00 16.11  ? 78  VAL A CG1 1 
ATOM   601  C CG2 . VAL A 1 78  ? 7.288   -9.160  0.250   1.00 24.75  ? 78  VAL A CG2 1 
ATOM   602  N N   . GLU A 1 79  ? 6.562   -9.440  -4.410  1.00 13.26  ? 79  GLU A N   1 
ATOM   603  C CA  . GLU A 1 79  ? 5.678   -8.860  -5.408  1.00 16.19  ? 79  GLU A CA  1 
ATOM   604  C C   . GLU A 1 79  ? 4.272   -9.404  -5.212  1.00 18.57  ? 79  GLU A C   1 
ATOM   605  O O   . GLU A 1 79  ? 4.072   -10.591 -4.925  1.00 19.47  ? 79  GLU A O   1 
ATOM   606  C CB  . GLU A 1 79  ? 6.151   -9.192  -6.851  1.00 17.25  ? 79  GLU A CB  1 
ATOM   607  C CG  . GLU A 1 79  ? 7.501   -8.542  -7.188  1.00 18.33  ? 79  GLU A CG  1 
ATOM   608  C CD  . GLU A 1 79  ? 7.857   -8.580  -8.680  1.00 23.31  ? 79  GLU A CD  1 
ATOM   609  O OE1 . GLU A 1 79  ? 8.914   -7.982  -9.074  1.00 19.84  ? 79  GLU A OE1 1 
ATOM   610  O OE2 . GLU A 1 79  ? 7.028   -9.098  -9.454  1.00 20.36  ? 79  GLU A OE2 1 
ATOM   611  N N   . GLY A 1 80  ? 3.284   -8.534  -5.348  1.00 17.56  ? 80  GLY A N   1 
ATOM   612  C CA  . GLY A 1 80  ? 1.933   -9.014  -5.118  1.00 19.92  ? 80  GLY A CA  1 
ATOM   613  C C   . GLY A 1 80  ? 0.928   -7.982  -5.548  1.00 21.95  ? 80  GLY A C   1 
ATOM   614  O O   . GLY A 1 80  ? 1.196   -7.187  -6.465  1.00 17.78  ? 80  GLY A O   1 
ATOM   615  N N   . ARG A 1 81  ? -0.213  -8.016  -4.885  1.00 16.77  ? 81  ARG A N   1 
ATOM   616  C CA  . ARG A 1 81  ? -1.328  -7.129  -5.215  1.00 16.25  ? 81  ARG A CA  1 
ATOM   617  C C   . ARG A 1 81  ? -1.969  -6.682  -3.890  1.00 16.99  ? 81  ARG A C   1 
ATOM   618  O O   . ARG A 1 81  ? -1.868  -7.364  -2.869  1.00 20.01  ? 81  ARG A O   1 
ATOM   619  C CB  . ARG A 1 81  ? -2.316  -7.829  -6.186  1.00 19.90  ? 81  ARG A CB  1 
ATOM   620  C CG  . ARG A 1 81  ? -2.988  -9.094  -5.626  1.00 27.06  ? 81  ARG A CG  1 
ATOM   621  C CD  . ARG A 1 81  ? -3.927  -9.759  -6.658  1.00 39.63  ? 81  ARG A CD  1 
ATOM   622  N NE  . ARG A 1 81  ? -4.777  -10.787 -6.055  1.00 52.45  ? 81  ARG A NE  1 
ATOM   623  C CZ  . ARG A 1 81  ? -4.426  -12.061 -5.835  1.00 58.60  ? 81  ARG A CZ  1 
ATOM   624  N NH1 . ARG A 1 81  ? -3.210  -12.493 -6.146  1.00 58.26  ? 81  ARG A NH1 1 
ATOM   625  N NH2 . ARG A 1 81  ? -5.295  -12.898 -5.271  1.00 56.93  ? 81  ARG A NH2 1 
ATOM   626  N N   . LEU A 1 82  ? -2.687  -5.565  -3.915  1.00 17.05  ? 82  LEU A N   1 
ATOM   627  C CA  . LEU A 1 82  ? -3.446  -5.122  -2.762  1.00 22.27  ? 82  LEU A CA  1 
ATOM   628  C C   . LEU A 1 82  ? -4.780  -5.795  -2.667  1.00 25.60  ? 82  LEU A C   1 
ATOM   629  O O   . LEU A 1 82  ? -5.482  -5.954  -3.667  1.00 24.16  ? 82  LEU A O   1 
ATOM   630  C CB  . LEU A 1 82  ? -3.687  -3.623  -2.805  1.00 24.13  ? 82  LEU A CB  1 
ATOM   631  C CG  . LEU A 1 82  ? -2.401  -2.872  -2.725  1.00 24.95  ? 82  LEU A CG  1 
ATOM   632  C CD1 . LEU A 1 82  ? -2.782  -1.419  -2.958  1.00 30.26  ? 82  LEU A CD1 1 
ATOM   633  C CD2 . LEU A 1 82  ? -1.728  -3.017  -1.339  1.00 25.62  ? 82  LEU A CD2 1 
ATOM   634  N N   . GLU A 1 83  ? -5.143  -6.159  -1.440  1.00 32.89  ? 83  GLU A N   1 
ATOM   635  C CA  . GLU A 1 83  ? -6.475  -6.743  -1.183  1.00 39.51  ? 83  GLU A CA  1 
ATOM   636  C C   . GLU A 1 83  ? -6.968  -6.423  0.241   1.00 44.64  ? 83  GLU A C   1 
ATOM   637  O O   . GLU A 1 83  ? -6.235  -5.887  1.060   1.00 41.00  ? 83  GLU A O   1 
ATOM   638  C CB  . GLU A 1 83  ? -6.398  -8.249  -1.403  1.00 40.50  ? 83  GLU A CB  1 
ATOM   639  C CG  . GLU A 1 83  ? -5.926  -9.024  -0.193  1.00 53.04  ? 83  GLU A CG  1 
ATOM   640  C CD  . GLU A 1 83  ? -5.813  -10.529 -0.414  1.00 62.63  ? 83  GLU A CD  1 
ATOM   641  O OE1 . GLU A 1 83  ? -5.244  -11.185 0.492   1.00 57.90  ? 83  GLU A OE1 1 
ATOM   642  O OE2 . GLU A 1 83  ? -6.265  -11.049 -1.475  1.00 62.35  ? 83  GLU A OE2 1 
ATOM   643  N N   . TYR A 1 84  ? -8.210  -6.783  0.535   1.00 54.03  ? 84  TYR A N   1 
ATOM   644  C CA  . TYR A 1 84  ? -8.723  -6.707  1.906   1.00 59.62  ? 84  TYR A CA  1 
ATOM   645  C C   . TYR A 1 84  ? -8.686  -8.030  2.661   1.00 62.42  ? 84  TYR A C   1 
ATOM   646  O O   . TYR A 1 84  ? -8.849  -9.100  2.072   1.00 60.68  ? 84  TYR A O   1 
ATOM   647  C CB  . TYR A 1 84  ? -10.123 -6.125  1.911   1.00 61.31  ? 84  TYR A CB  1 
ATOM   648  C CG  . TYR A 1 84  ? -10.145 -4.711  1.427   1.00 65.62  ? 84  TYR A CG  1 
ATOM   649  C CD1 . TYR A 1 84  ? -10.362 -4.426  0.081   1.00 70.47  ? 84  TYR A CD1 1 
ATOM   650  C CD2 . TYR A 1 84  ? -9.949  -3.646  2.310   1.00 68.64  ? 84  TYR A CD2 1 
ATOM   651  C CE1 . TYR A 1 84  ? -10.389 -3.122  -0.378  1.00 71.80  ? 84  TYR A CE1 1 
ATOM   652  C CE2 . TYR A 1 84  ? -9.972  -2.326  1.859   1.00 73.11  ? 84  TYR A CE2 1 
ATOM   653  C CZ  . TYR A 1 84  ? -10.190 -2.075  0.512   1.00 74.38  ? 84  TYR A CZ  1 
ATOM   654  O OH  . TYR A 1 84  ? -10.208 -0.786  0.049   1.00 75.29  ? 84  TYR A OH  1 
ATOM   655  N N   . ARG A 1 85  ? -8.448  -7.924  3.970   1.00 68.79  ? 85  ARG A N   1 
ATOM   656  C CA  . ARG A 1 85  ? -8.534  -9.027  4.965   1.00 74.61  ? 85  ARG A CA  1 
ATOM   657  C C   . ARG A 1 85  ? -7.190  -9.385  5.594   1.00 77.37  ? 85  ARG A C   1 
ATOM   658  O O   . ARG A 1 85  ? -7.129  -9.855  6.736   1.00 80.70  ? 85  ARG A O   1 
ATOM   659  C CB  . ARG A 1 85  ? -9.254  -10.283 4.435   1.00 77.41  ? 85  ARG A CB  1 
ATOM   660  N N   . SER A 1 95  ? -12.531 -5.303  5.857   1.00 92.80  ? 95  SER A N   1 
ATOM   661  C CA  . SER A 1 95  ? -11.594 -4.191  5.714   1.00 93.20  ? 95  SER A CA  1 
ATOM   662  C C   . SER A 1 95  ? -10.142 -4.614  5.978   1.00 90.80  ? 95  SER A C   1 
ATOM   663  O O   . SER A 1 95  ? -9.839  -5.810  5.938   1.00 91.27  ? 95  SER A O   1 
ATOM   664  C CB  . SER A 1 95  ? -11.997 -3.023  6.617   1.00 94.94  ? 95  SER A CB  1 
ATOM   665  O OG  . SER A 1 95  ? -12.093 -1.827  5.856   1.00 97.29  ? 95  SER A OG  1 
ATOM   666  N N   . GLU A 1 96  ? -9.271  -3.630  6.258   1.00 85.95  ? 96  GLU A N   1 
ATOM   667  C CA  . GLU A 1 96  ? -7.805  -3.797  6.351   1.00 79.46  ? 96  GLU A CA  1 
ATOM   668  C C   . GLU A 1 96  ? -7.182  -4.135  4.989   1.00 69.70  ? 96  GLU A C   1 
ATOM   669  O O   . GLU A 1 96  ? -7.340  -5.246  4.477   1.00 65.52  ? 96  GLU A O   1 
ATOM   670  C CB  . GLU A 1 96  ? -7.388  -4.830  7.418   1.00 81.85  ? 96  GLU A CB  1 
ATOM   671  C CG  . GLU A 1 96  ? -6.020  -4.578  8.048   1.00 97.15  ? 96  GLU A CG  1 
ATOM   672  C CD  . GLU A 1 96  ? -5.255  -5.859  8.406   1.00 108.85 ? 96  GLU A CD  1 
ATOM   673  O OE1 . GLU A 1 96  ? -5.756  -6.660  9.231   1.00 113.01 ? 96  GLU A OE1 1 
ATOM   674  O OE2 . GLU A 1 96  ? -4.132  -6.065  7.878   1.00 112.42 ? 96  GLU A OE2 1 
ATOM   675  N N   . VAL A 1 97  ? -6.486  -3.164  4.408   1.00 61.34  ? 97  VAL A N   1 
ATOM   676  C CA  . VAL A 1 97  ? -5.718  -3.382  3.182   1.00 53.46  ? 97  VAL A CA  1 
ATOM   677  C C   . VAL A 1 97  ? -4.444  -4.178  3.486   1.00 48.28  ? 97  VAL A C   1 
ATOM   678  O O   . VAL A 1 97  ? -3.662  -3.824  4.389   1.00 49.35  ? 97  VAL A O   1 
ATOM   679  C CB  . VAL A 1 97  ? -5.396  -2.060  2.472   1.00 54.03  ? 97  VAL A CB  1 
ATOM   680  C CG1 . VAL A 1 97  ? -4.113  -2.183  1.622   1.00 57.52  ? 97  VAL A CG1 1 
ATOM   681  C CG2 . VAL A 1 97  ? -6.562  -1.648  1.606   1.00 52.26  ? 97  VAL A CG2 1 
ATOM   682  N N   . GLN A 1 98  ? -4.261  -5.281  2.765   1.00 35.38  ? 98  GLN A N   1 
ATOM   683  C CA  . GLN A 1 98  ? -3.051  -6.083  2.913   1.00 31.85  ? 98  GLN A CA  1 
ATOM   684  C C   . GLN A 1 98  ? -2.459  -6.369  1.533   1.00 28.17  ? 98  GLN A C   1 
ATOM   685  O O   . GLN A 1 98  ? -3.112  -6.141  0.524   1.00 24.22  ? 98  GLN A O   1 
ATOM   686  C CB  . GLN A 1 98  ? -3.317  -7.393  3.681   1.00 32.37  ? 98  GLN A CB  1 
ATOM   687  C CG  . GLN A 1 98  ? -3.974  -8.444  2.871   1.00 34.89  ? 98  GLN A CG  1 
ATOM   688  C CD  . GLN A 1 98  ? -4.390  -9.714  3.660   1.00 42.45  ? 98  GLN A CD  1 
ATOM   689  O OE1 . GLN A 1 98  ? -4.126  -9.852  4.851   1.00 47.41  ? 98  GLN A OE1 1 
ATOM   690  N NE2 . GLN A 1 98  ? -5.024  -10.635 2.961   1.00 37.95  ? 98  GLN A NE2 1 
ATOM   691  N N   . VAL A 1 99  ? -1.253  -6.886  1.526   1.00 19.96  ? 99  VAL A N   1 
ATOM   692  C CA  . VAL A 1 99  ? -0.609  -7.256  0.261   1.00 20.38  ? 99  VAL A CA  1 
ATOM   693  C C   . VAL A 1 99  ? -0.816  -8.759  0.186   1.00 23.78  ? 99  VAL A C   1 
ATOM   694  O O   . VAL A 1 99  ? -0.408  -9.467  1.102   1.00 22.14  ? 99  VAL A O   1 
ATOM   695  C CB  . VAL A 1 99  ? 0.875   -6.974  0.298   1.00 19.43  ? 99  VAL A CB  1 
ATOM   696  C CG1 . VAL A 1 99  ? 1.568   -7.538  -1.011  1.00 19.03  ? 99  VAL A CG1 1 
ATOM   697  C CG2 . VAL A 1 99  ? 1.076   -5.461  0.505   1.00 21.00  ? 99  VAL A CG2 1 
ATOM   698  N N   . ARG A 1 100 ? -1.377  -9.250  -0.911  1.00 17.03  ? 100 ARG A N   1 
ATOM   699  C CA  . ARG A 1 100 ? -1.372  -10.694 -1.173  1.00 17.89  ? 100 ARG A CA  1 
ATOM   700  C C   . ARG A 1 100 ? -0.149  -10.948 -2.047  1.00 18.18  ? 100 ARG A C   1 
ATOM   701  O O   . ARG A 1 100 ? -0.074  -10.437 -3.180  1.00 22.42  ? 100 ARG A O   1 
ATOM   702  C CB  . ARG A 1 100 ? -2.663  -11.095 -1.915  1.00 19.88  ? 100 ARG A CB  1 
ATOM   703  C CG  . ARG A 1 100 ? -2.562  -12.507 -2.519  1.00 32.38  ? 100 ARG A CG  1 
ATOM   704  C CD  . ARG A 1 100 ? -2.836  -13.666 -1.574  1.00 40.26  ? 100 ARG A CD  1 
ATOM   705  N NE  . ARG A 1 100 ? -3.727  -14.623 -2.257  1.00 53.09  ? 100 ARG A NE  1 
ATOM   706  C CZ  . ARG A 1 100 ? -5.064  -14.592 -2.205  1.00 49.01  ? 100 ARG A CZ  1 
ATOM   707  N NH1 . ARG A 1 100 ? -5.709  -13.689 -1.449  1.00 48.91  ? 100 ARG A NH1 1 
ATOM   708  N NH2 . ARG A 1 100 ? -5.756  -15.501 -2.880  1.00 57.76  ? 100 ARG A NH2 1 
ATOM   709  N N   . ALA A 1 101 ? 0.815   -11.732 -1.552  1.00 17.10  ? 101 ALA A N   1 
ATOM   710  C CA  . ALA A 1 101 ? 2.022   -11.972 -2.317  1.00 19.07  ? 101 ALA A CA  1 
ATOM   711  C C   . ALA A 1 101 ? 1.711   -12.962 -3.437  1.00 22.15  ? 101 ALA A C   1 
ATOM   712  O O   . ALA A 1 101 ? 1.062   -14.012 -3.240  1.00 20.54  ? 101 ALA A O   1 
ATOM   713  C CB  . ALA A 1 101 ? 3.155   -12.509 -1.445  1.00 17.64  ? 101 ALA A CB  1 
ATOM   714  N N   . GLU A 1 102 ? 2.254   -12.619 -4.601  1.00 20.11  ? 102 GLU A N   1 
ATOM   715  C CA  . GLU A 1 102 ? 2.334   -13.489 -5.762  1.00 22.84  ? 102 GLU A CA  1 
ATOM   716  C C   . GLU A 1 102 ? 3.534   -14.403 -5.501  1.00 24.54  ? 102 GLU A C   1 
ATOM   717  O O   . GLU A 1 102 ? 3.443   -15.642 -5.651  1.00 23.43  ? 102 GLU A O   1 
ATOM   718  C CB  . GLU A 1 102 ? 2.484   -12.647 -7.051  1.00 22.35  ? 102 GLU A CB  1 
ATOM   719  C CG  . GLU A 1 102 ? 1.221   -12.592 -7.939  1.00 51.45  ? 102 GLU A CG  1 
ATOM   720  C CD  . GLU A 1 102 ? 0.070   -11.669 -7.438  1.00 61.09  ? 102 GLU A CD  1 
ATOM   721  O OE1 . GLU A 1 102 ? -0.771  -12.147 -6.615  1.00 62.41  ? 102 GLU A OE1 1 
ATOM   722  O OE2 . GLU A 1 102 ? -0.032  -10.466 -7.872  1.00 49.37  ? 102 GLU A OE2 1 
ATOM   723  N N   . PHE A 1 103 ? 4.640   -13.837 -5.025  1.00 21.11  ? 103 PHE A N   1 
ATOM   724  C CA  . PHE A 1 103 ? 5.781   -14.683 -4.574  1.00 23.63  ? 103 PHE A CA  1 
ATOM   725  C C   . PHE A 1 103 ? 6.635   -13.802 -3.702  1.00 23.24  ? 103 PHE A C   1 
ATOM   726  O O   . PHE A 1 103 ? 6.480   -12.561 -3.702  1.00 18.95  ? 103 PHE A O   1 
ATOM   727  C CB  . PHE A 1 103 ? 6.669   -15.182 -5.742  1.00 26.00  ? 103 PHE A CB  1 
ATOM   728  C CG  . PHE A 1 103 ? 7.323   -14.060 -6.535  1.00 25.48  ? 103 PHE A CG  1 
ATOM   729  C CD1 . PHE A 1 103 ? 8.583   -13.588 -6.187  1.00 28.82  ? 103 PHE A CD1 1 
ATOM   730  C CD2 . PHE A 1 103 ? 6.677   -13.500 -7.617  1.00 28.46  ? 103 PHE A CD2 1 
ATOM   731  C CE1 . PHE A 1 103 ? 9.139   -12.547 -6.851  1.00 24.27  ? 103 PHE A CE1 1 
ATOM   732  C CE2 . PHE A 1 103 ? 7.269   -12.500 -8.360  1.00 31.59  ? 103 PHE A CE2 1 
ATOM   733  C CZ  . PHE A 1 103 ? 8.478   -12.004 -7.967  1.00 24.50  ? 103 PHE A CZ  1 
ATOM   734  N N   . ILE A 1 104 ? 7.529   -14.437 -2.955  1.00 20.46  ? 104 ILE A N   1 
ATOM   735  C CA  . ILE A 1 104 ? 8.547   -13.688 -2.224  1.00 19.36  ? 104 ILE A CA  1 
ATOM   736  C C   . ILE A 1 104 ? 9.922   -14.282 -2.530  1.00 21.45  ? 104 ILE A C   1 
ATOM   737  O O   . ILE A 1 104 ? 10.016  -15.422 -3.011  1.00 22.17  ? 104 ILE A O   1 
ATOM   738  C CB  . ILE A 1 104 ? 8.293   -13.710 -0.668  1.00 20.28  ? 104 ILE A CB  1 
ATOM   739  C CG1 . ILE A 1 104 ? 8.468   -15.155 -0.104  1.00 21.16  ? 104 ILE A CG1 1 
ATOM   740  C CG2 . ILE A 1 104 ? 6.909   -13.103 -0.328  1.00 25.28  ? 104 ILE A CG2 1 
ATOM   741  C CD1 . ILE A 1 104 ? 8.608   -15.160 1.366   1.00 18.45  ? 104 ILE A CD1 1 
ATOM   742  N N   . ASP A 1 105 ? 10.973  -13.503 -2.245  1.00 19.99  ? 105 ASP A N   1 
ATOM   743  C CA  . ASP A 1 105 ? 12.358  -14.017 -2.297  1.00 20.64  ? 105 ASP A CA  1 
ATOM   744  C C   . ASP A 1 105 ? 13.023  -13.458 -1.070  1.00 21.58  ? 105 ASP A C   1 
ATOM   745  O O   . ASP A 1 105 ? 13.286  -12.252 -0.977  1.00 17.47  ? 105 ASP A O   1 
ATOM   746  C CB  . ASP A 1 105 ? 13.069  -13.481 -3.551  1.00 25.54  ? 105 ASP A CB  1 
ATOM   747  C CG  . ASP A 1 105 ? 12.590  -14.134 -4.835  1.00 35.18  ? 105 ASP A CG  1 
ATOM   748  O OD1 . ASP A 1 105 ? 12.080  -13.408 -5.722  1.00 36.02  ? 105 ASP A OD1 1 
ATOM   749  O OD2 . ASP A 1 105 ? 12.720  -15.356 -5.070  1.00 37.24  ? 105 ASP A OD2 1 
ATOM   750  N N   . PRO A 1 106 ? 13.241  -14.285 -0.055  1.00 20.11  ? 106 PRO A N   1 
ATOM   751  C CA  . PRO A 1 106 ? 13.990  -13.874 1.112   1.00 17.33  ? 106 PRO A CA  1 
ATOM   752  C C   . PRO A 1 106 ? 15.407  -13.479 0.722   1.00 17.75  ? 106 PRO A C   1 
ATOM   753  O O   . PRO A 1 106 ? 15.976  -14.076 -0.207  1.00 19.30  ? 106 PRO A O   1 
ATOM   754  C CB  . PRO A 1 106 ? 14.007  -15.183 1.954   1.00 22.19  ? 106 PRO A CB  1 
ATOM   755  C CG  . PRO A 1 106 ? 12.877  -15.953 1.461   1.00 23.73  ? 106 PRO A CG  1 
ATOM   756  C CD  . PRO A 1 106 ? 12.770  -15.694 0.030   1.00 25.90  ? 106 PRO A CD  1 
ATOM   757  N N   . LEU A 1 107 ? 16.021  -12.550 1.432   1.00 17.06  ? 107 LEU A N   1 
ATOM   758  C CA  . LEU A 1 107 ? 17.280  -11.982 1.024   1.00 15.86  ? 107 LEU A CA  1 
ATOM   759  C C   . LEU A 1 107 ? 18.241  -12.198 2.172   1.00 24.25  ? 107 LEU A C   1 
ATOM   760  O O   . LEU A 1 107 ? 17.785  -12.375 3.317   1.00 21.81  ? 107 LEU A O   1 
ATOM   761  C CB  . LEU A 1 107 ? 17.171  -10.493 0.775   1.00 13.06  ? 107 LEU A CB  1 
ATOM   762  C CG  . LEU A 1 107 ? 16.042  -10.160 -0.220  1.00 13.72  ? 107 LEU A CG  1 
ATOM   763  C CD1 . LEU A 1 107 ? 15.871  -8.600  -0.361  1.00 18.77  ? 107 LEU A CD1 1 
ATOM   764  C CD2 . LEU A 1 107 ? 16.479  -10.721 -1.616  1.00 16.16  ? 107 LEU A CD2 1 
ATOM   765  N N   . GLU A 1 108 ? 19.550  -12.199 1.867   1.00 19.45  ? 108 GLU A N   1 
ATOM   766  C CA  . GLU A 1 108 ? 20.573  -12.336 2.895   1.00 27.81  ? 108 GLU A CA  1 
ATOM   767  C C   . GLU A 1 108 ? 20.783  -11.115 3.747   1.00 32.83  ? 108 GLU A C   1 
ATOM   768  O O   . GLU A 1 108 ? 21.075  -11.235 4.939   1.00 33.22  ? 108 GLU A O   1 
ATOM   769  C CB  . GLU A 1 108 ? 21.869  -12.812 2.271   1.00 25.81  ? 108 GLU A CB  1 
ATOM   770  C CG  . GLU A 1 108 ? 21.624  -14.224 1.784   1.00 31.78  ? 108 GLU A CG  1 
ATOM   771  C CD  . GLU A 1 108 ? 22.820  -14.834 1.074   1.00 40.39  ? 108 GLU A CD  1 
ATOM   772  O OE1 . GLU A 1 108 ? 22.643  -15.908 0.454   1.00 49.17  ? 108 GLU A OE1 1 
ATOM   773  O OE2 . GLU A 1 108 ? 23.924  -14.256 1.150   1.00 45.69  ? 108 GLU A OE2 1 
ATOM   774  N N   . GLY A 1 109 ? 20.630  -9.941  3.172   1.00 38.27  ? 109 GLY A N   1 
ATOM   775  C CA  . GLY A 1 109 ? 20.390  -8.740  3.979   1.00 51.31  ? 109 GLY A CA  1 
ATOM   776  C C   . GLY A 1 109 ? 21.431  -8.497  5.079   1.00 61.73  ? 109 GLY A C   1 
ATOM   777  O O   . GLY A 1 109 ? 21.095  -8.059  6.199   1.00 61.64  ? 109 GLY A O   1 
ATOM   778  N N   . ARG A 1 110 ? 22.688  -8.808  4.747   1.00 65.77  ? 110 ARG A N   1 
ATOM   779  C CA  . ARG A 1 110 ? 23.826  -8.656  5.650   1.00 71.43  ? 110 ARG A CA  1 
ATOM   780  C C   . ARG A 1 110 ? 24.645  -7.371  5.368   1.00 72.43  ? 110 ARG A C   1 
ATOM   781  O O   . ARG A 1 110 ? 24.092  -6.292  5.077   1.00 70.42  ? 110 ARG A O   1 
ATOM   782  C CB  . ARG A 1 110 ? 24.721  -9.904  5.565   1.00 72.92  ? 110 ARG A CB  1 
ATOM   783  N N   . ARG A 1 125 ? 20.278  3.187   1.844   1.00 73.98  ? 125 ARG A N   1 
ATOM   784  C CA  . ARG A 1 125 ? 18.895  3.407   1.417   1.00 74.91  ? 125 ARG A CA  1 
ATOM   785  C C   . ARG A 1 125 ? 18.474  2.451   0.291   1.00 74.04  ? 125 ARG A C   1 
ATOM   786  O O   . ARG A 1 125 ? 18.568  1.213   0.440   1.00 74.15  ? 125 ARG A O   1 
ATOM   787  N N   . ARG A 1 126 ? 18.042  3.051   -0.832  1.00 70.47  ? 126 ARG A N   1 
ATOM   788  C CA  . ARG A 1 126 ? 17.500  2.350   -2.009  1.00 61.32  ? 126 ARG A CA  1 
ATOM   789  C C   . ARG A 1 126 ? 16.151  1.715   -1.639  1.00 51.39  ? 126 ARG A C   1 
ATOM   790  O O   . ARG A 1 126 ? 15.981  0.513   -1.750  1.00 49.31  ? 126 ARG A O   1 
ATOM   791  N N   . ALA A 1 127 ? 15.221  2.524   -1.149  1.00 42.84  ? 127 ALA A N   1 
ATOM   792  C CA  . ALA A 1 127 ? 13.933  1.998   -0.631  1.00 47.13  ? 127 ALA A CA  1 
ATOM   793  C C   . ALA A 1 127 ? 13.118  1.289   -1.735  1.00 42.84  ? 127 ALA A C   1 
ATOM   794  O O   . ALA A 1 127 ? 13.066  1.799   -2.870  1.00 41.16  ? 127 ALA A O   1 
ATOM   795  C CB  . ALA A 1 127 ? 13.111  3.161   -0.028  1.00 45.20  ? 127 ALA A CB  1 
ATOM   796  N N   . LEU A 1 128 ? 12.485  0.150   -1.423  1.00 40.46  ? 128 LEU A N   1 
ATOM   797  C CA  . LEU A 1 128 ? 11.483  -0.427  -2.313  1.00 33.86  ? 128 LEU A CA  1 
ATOM   798  C C   . LEU A 1 128 ? 10.096  -0.529  -1.570  1.00 29.08  ? 128 LEU A C   1 
ATOM   799  O O   . LEU A 1 128 ? 9.821   -1.360  -0.695  1.00 21.84  ? 128 LEU A O   1 
ATOM   800  C CB  . LEU A 1 128 ? 11.968  -1.717  -3.017  1.00 32.01  ? 128 LEU A CB  1 
ATOM   801  C CG  . LEU A 1 128 ? 11.157  -2.188  -4.240  1.00 35.44  ? 128 LEU A CG  1 
ATOM   802  C CD1 . LEU A 1 128 ? 11.470  -1.393  -5.515  1.00 42.11  ? 128 LEU A CD1 1 
ATOM   803  C CD2 . LEU A 1 128 ? 11.259  -3.666  -4.542  1.00 40.52  ? 128 LEU A CD2 1 
ATOM   804  N N   . ASN A 1 129 ? 9.227   0.401   -1.945  1.00 25.26  ? 129 ASN A N   1 
ATOM   805  C CA  . ASN A 1 129 ? 7.856   0.328   -1.539  1.00 22.67  ? 129 ASN A CA  1 
ATOM   806  C C   . ASN A 1 129 ? 7.171   1.024   -2.688  1.00 22.35  ? 129 ASN A C   1 
ATOM   807  O O   . ASN A 1 129 ? 7.181   2.251   -2.767  1.00 18.29  ? 129 ASN A O   1 
ATOM   808  C CB  . ASN A 1 129 ? 7.731   1.096   -0.243  1.00 21.10  ? 129 ASN A CB  1 
ATOM   809  C CG  . ASN A 1 129 ? 6.322   1.413   0.107   1.00 23.46  ? 129 ASN A CG  1 
ATOM   810  O OD1 . ASN A 1 129 ? 5.421   0.935   -0.567  1.00 21.01  ? 129 ASN A OD1 1 
ATOM   811  N ND2 . ASN A 1 129 ? 6.109   2.161   1.215   1.00 23.32  ? 129 ASN A ND2 1 
ATOM   812  N N   . GLN A 1 130 ? 6.686   0.256   -3.644  1.00 16.57  ? 130 GLN A N   1 
ATOM   813  C CA  . GLN A 1 130 ? 6.082   0.817   -4.849  1.00 17.97  ? 130 GLN A CA  1 
ATOM   814  C C   . GLN A 1 130 ? 4.747   0.164   -5.133  1.00 21.38  ? 130 GLN A C   1 
ATOM   815  O O   . GLN A 1 130 ? 4.603   -1.072  -5.017  1.00 21.96  ? 130 GLN A O   1 
ATOM   816  C CB  . GLN A 1 130 ? 6.985   0.593   -6.093  1.00 22.26  ? 130 GLN A CB  1 
ATOM   817  C CG  . GLN A 1 130 ? 6.313   1.145   -7.468  1.00 31.40  ? 130 GLN A CG  1 
ATOM   818  C CD  . GLN A 1 130 ? 7.305   1.604   -8.569  1.00 37.80  ? 130 GLN A CD  1 
ATOM   819  O OE1 . GLN A 1 130 ? 7.814   2.749   -8.551  1.00 37.27  ? 130 GLN A OE1 1 
ATOM   820  N NE2 . GLN A 1 130 ? 7.564   0.711   -9.525  1.00 33.85  ? 130 GLN A NE2 1 
ATOM   821  N N   . VAL A 1 131 ? 3.744   0.977   -5.519  1.00 16.81  ? 131 VAL A N   1 
ATOM   822  C CA  . VAL A 1 131 ? 2.504   0.413   -5.928  1.00 13.91  ? 131 VAL A CA  1 
ATOM   823  C C   . VAL A 1 131 ? 2.170   0.989   -7.325  1.00 16.22  ? 131 VAL A C   1 
ATOM   824  O O   . VAL A 1 131 ? 2.430   2.163   -7.580  1.00 18.80  ? 131 VAL A O   1 
ATOM   825  C CB  . VAL A 1 131 ? 1.395   0.925   -4.920  1.00 17.34  ? 131 VAL A CB  1 
ATOM   826  C CG1 . VAL A 1 131 ? 0.019   0.469   -5.423  1.00 19.43  ? 131 VAL A CG1 1 
ATOM   827  C CG2 . VAL A 1 131 ? 1.668   0.381   -3.445  1.00 22.51  ? 131 VAL A CG2 1 
ATOM   828  N N   . ILE A 1 132 ? 1.637   0.139   -8.229  1.00 15.98  ? 132 ILE A N   1 
ATOM   829  C CA  . ILE A 1 132 ? 1.155   0.621   -9.529  1.00 16.34  ? 132 ILE A CA  1 
ATOM   830  C C   . ILE A 1 132 ? -0.326  0.225   -9.577  1.00 18.69  ? 132 ILE A C   1 
ATOM   831  O O   . ILE A 1 132 ? -0.665  -0.972  -9.437  1.00 19.50  ? 132 ILE A O   1 
ATOM   832  C CB  . ILE A 1 132 ? 1.923   0.010   -10.674 1.00 17.38  ? 132 ILE A CB  1 
ATOM   833  C CG1 . ILE A 1 132 ? 3.410   0.421   -10.567 1.00 17.53  ? 132 ILE A CG1 1 
ATOM   834  C CG2 . ILE A 1 132 ? 1.319   0.543   -12.046 1.00 17.78  ? 132 ILE A CG2 1 
ATOM   835  C CD1 . ILE A 1 132 ? 4.329   -0.233  -11.739 1.00 21.02  ? 132 ILE A CD1 1 
ATOM   836  N N   . LEU A 1 133 ? -1.217  1.218   -9.774  1.00 15.83  ? 133 LEU A N   1 
ATOM   837  C CA  . LEU A 1 133 ? -2.627  0.895   -9.898  1.00 18.25  ? 133 LEU A CA  1 
ATOM   838  C C   . LEU A 1 133 ? -3.119  1.527   -11.188 1.00 17.24  ? 133 LEU A C   1 
ATOM   839  O O   . LEU A 1 133 ? -2.705  2.638   -11.542 1.00 19.33  ? 133 LEU A O   1 
ATOM   840  C CB  . LEU A 1 133 ? -3.476  1.540   -8.757  1.00 17.81  ? 133 LEU A CB  1 
ATOM   841  C CG  . LEU A 1 133 ? -3.102  1.195   -7.304  1.00 19.12  ? 133 LEU A CG  1 
ATOM   842  C CD1 . LEU A 1 133 ? -3.951  1.965   -6.253  1.00 23.51  ? 133 LEU A CD1 1 
ATOM   843  C CD2 . LEU A 1 133 ? -3.213  -0.335  -7.090  1.00 20.90  ? 133 LEU A CD2 1 
ATOM   844  N N   . MET A 1 134 ? -4.065  0.878   -11.849 1.00 17.34  ? 134 MET A N   1 
ATOM   845  C CA  . MET A 1 134 ? -4.761  1.591   -12.921 1.00 16.20  ? 134 MET A CA  1 
ATOM   846  C C   . MET A 1 134 ? -6.213  1.213   -12.776 1.00 22.22  ? 134 MET A C   1 
ATOM   847  O O   . MET A 1 134 ? -6.556  -0.010  -12.679 1.00 21.33  ? 134 MET A O   1 
ATOM   848  C CB  . MET A 1 134 ? -4.275  1.153   -14.297 1.00 17.43  ? 134 MET A CB  1 
ATOM   849  C CG  . MET A 1 134 ? -4.780  2.214   -15.440 1.00 28.72  ? 134 MET A CG  1 
ATOM   850  S SD  . MET A 1 134 ? -4.005  1.785   -16.958 1.00 39.93  ? 134 MET A SD  1 
ATOM   851  C CE  . MET A 1 134 ? -2.581  2.751   -17.007 1.00 46.70  ? 134 MET A CE  1 
ATOM   852  N N   . GLY A 1 135 ? -7.085  2.220   -12.798 1.00 21.87  ? 135 GLY A N   1 
ATOM   853  C CA  . GLY A 1 135 ? -8.518  1.920   -12.618 1.00 21.83  ? 135 GLY A CA  1 
ATOM   854  C C   . GLY A 1 135 ? -9.362  3.152   -12.955 1.00 19.58  ? 135 GLY A C   1 
ATOM   855  O O   . GLY A 1 135 ? -8.943  3.960   -13.788 1.00 19.08  ? 135 GLY A O   1 
ATOM   856  N N   . ASN A 1 136 ? -10.537 3.270   -12.363 1.00 17.97  ? 136 ASN A N   1 
ATOM   857  C CA  . ASN A 1 136 ? -11.457 4.411   -12.688 1.00 18.69  ? 136 ASN A CA  1 
ATOM   858  C C   . ASN A 1 136 ? -11.953 4.969   -11.408 1.00 17.40  ? 136 ASN A C   1 
ATOM   859  O O   . ASN A 1 136 ? -12.216 4.207   -10.464 1.00 21.01  ? 136 ASN A O   1 
ATOM   860  C CB  . ASN A 1 136 ? -12.643 3.951   -13.516 1.00 22.20  ? 136 ASN A CB  1 
ATOM   861  C CG  . ASN A 1 136 ? -12.194 3.509   -14.934 1.00 27.14  ? 136 ASN A CG  1 
ATOM   862  O OD1 . ASN A 1 136 ? -11.797 2.362   -15.141 1.00 29.50  ? 136 ASN A OD1 1 
ATOM   863  N ND2 . ASN A 1 136 ? -12.197 4.444   -15.863 1.00 23.50  ? 136 ASN A ND2 1 
ATOM   864  N N   . LEU A 1 137 ? -12.043 6.296   -11.335 1.00 18.88  ? 137 LEU A N   1 
ATOM   865  C CA  . LEU A 1 137 ? -12.514 6.926   -10.080 1.00 19.79  ? 137 LEU A CA  1 
ATOM   866  C C   . LEU A 1 137 ? -13.966 6.504   -9.746  1.00 18.61  ? 137 LEU A C   1 
ATOM   867  O O   . LEU A 1 137 ? -14.829 6.471   -10.616 1.00 19.60  ? 137 LEU A O   1 
ATOM   868  C CB  . LEU A 1 137 ? -12.392 8.447   -10.183 1.00 18.03  ? 137 LEU A CB  1 
ATOM   869  C CG  . LEU A 1 137 ? -10.998 9.092   -10.146 1.00 24.42  ? 137 LEU A CG  1 
ATOM   870  C CD1 . LEU A 1 137 ? -11.286 10.572  -9.988  1.00 26.83  ? 137 LEU A CD1 1 
ATOM   871  C CD2 . LEU A 1 137 ? -10.199 8.601   -8.932  1.00 26.28  ? 137 LEU A CD2 1 
ATOM   872  N N   . THR A 1 138 ? -14.246 6.187   -8.475  1.00 25.98  ? 138 THR A N   1 
ATOM   873  C CA  . THR A 1 138 ? -15.611 5.802   -8.070  1.00 22.61  ? 138 THR A CA  1 
ATOM   874  C C   . THR A 1 138 ? -16.457 6.993   -7.655  1.00 25.68  ? 138 THR A C   1 
ATOM   875  O O   . THR A 1 138 ? -17.647 6.852   -7.492  1.00 26.36  ? 138 THR A O   1 
ATOM   876  C CB  . THR A 1 138 ? -15.584 4.774   -6.922  1.00 26.90  ? 138 THR A CB  1 
ATOM   877  O OG1 . THR A 1 138 ? -14.801 5.298   -5.851  1.00 32.37  ? 138 THR A OG1 1 
ATOM   878  C CG2 . THR A 1 138 ? -14.804 3.534   -7.324  1.00 29.94  ? 138 THR A CG2 1 
ATOM   879  N N   . ARG A 1 139 ? -15.854 8.171   -7.486  1.00 25.81  ? 139 ARG A N   1 
ATOM   880  C CA  . ARG A 1 139 ? -16.585 9.372   -7.096  1.00 22.74  ? 139 ARG A CA  1 
ATOM   881  C C   . ARG A 1 139 ? -15.743 10.549  -7.448  1.00 23.16  ? 139 ARG A C   1 
ATOM   882  O O   . ARG A 1 139 ? -14.559 10.390  -7.704  1.00 19.52  ? 139 ARG A O   1 
ATOM   883  C CB  . ARG A 1 139 ? -16.881 9.386   -5.593  1.00 27.68  ? 139 ARG A CB  1 
ATOM   884  C CG  . ARG A 1 139 ? -15.647 9.281   -4.764  1.00 28.77  ? 139 ARG A CG  1 
ATOM   885  C CD  . ARG A 1 139 ? -15.949 8.918   -3.326  1.00 38.32  ? 139 ARG A CD  1 
ATOM   886  N NE  . ARG A 1 139 ? -14.661 8.945   -2.654  1.00 43.95  ? 139 ARG A NE  1 
ATOM   887  C CZ  . ARG A 1 139 ? -14.005 7.884   -2.222  1.00 44.39  ? 139 ARG A CZ  1 
ATOM   888  N NH1 . ARG A 1 139 ? -14.533 6.661   -2.306  1.00 51.71  ? 139 ARG A NH1 1 
ATOM   889  N NH2 . ARG A 1 139 ? -12.831 8.057   -1.657  1.00 32.47  ? 139 ARG A NH2 1 
ATOM   890  N N   . ASP A 1 140 ? -16.332 11.722  -7.474  1.00 20.26  ? 140 ASP A N   1 
ATOM   891  C CA  . ASP A 1 140 ? -15.530 12.941  -7.660  1.00 25.81  ? 140 ASP A CA  1 
ATOM   892  C C   . ASP A 1 140 ? -14.465 13.089  -6.559  1.00 26.68  ? 140 ASP A C   1 
ATOM   893  O O   . ASP A 1 140 ? -14.691 12.741  -5.411  1.00 29.19  ? 140 ASP A O   1 
ATOM   894  C CB  . ASP A 1 140 ? -16.413 14.184  -7.657  1.00 24.24  ? 140 ASP A CB  1 
ATOM   895  C CG  . ASP A 1 140 ? -17.232 14.287  -8.912  1.00 27.50  ? 140 ASP A CG  1 
ATOM   896  O OD1 . ASP A 1 140 ? -18.055 15.221  -9.019  1.00 31.41  ? 140 ASP A OD1 1 
ATOM   897  O OD2 . ASP A 1 140 ? -17.103 13.459  -9.847  1.00 23.48  ? 140 ASP A OD2 1 
ATOM   898  N N   . PRO A 1 141 ? -13.305 13.597  -6.907  1.00 24.16  ? 141 PRO A N   1 
ATOM   899  C CA  . PRO A 1 141 ? -12.264 13.835  -5.881  1.00 25.64  ? 141 PRO A CA  1 
ATOM   900  C C   . PRO A 1 141 ? -12.767 14.981  -5.013  1.00 27.20  ? 141 PRO A C   1 
ATOM   901  O O   . PRO A 1 141 ? -13.431 15.875  -5.495  1.00 28.00  ? 141 PRO A O   1 
ATOM   902  C CB  . PRO A 1 141 ? -11.068 14.282  -6.704  1.00 27.48  ? 141 PRO A CB  1 
ATOM   903  C CG  . PRO A 1 141 ? -11.686 14.918  -7.887  1.00 30.64  ? 141 PRO A CG  1 
ATOM   904  C CD  . PRO A 1 141 ? -12.886 14.017  -8.251  1.00 24.09  ? 141 PRO A CD  1 
ATOM   905  N N   . ASP A 1 142 ? -12.486 14.963  -3.727  1.00 33.74  ? 142 ASP A N   1 
ATOM   906  C CA  . ASP A 1 142 ? -12.846 16.149  -2.979  1.00 34.25  ? 142 ASP A CA  1 
ATOM   907  C C   . ASP A 1 142 ? -11.586 16.851  -2.425  1.00 30.42  ? 142 ASP A C   1 
ATOM   908  O O   . ASP A 1 142 ? -11.010 16.392  -1.486  1.00 34.75  ? 142 ASP A O   1 
ATOM   909  C CB  . ASP A 1 142 ? -13.899 15.816  -1.919  1.00 40.40  ? 142 ASP A CB  1 
ATOM   910  C CG  . ASP A 1 142 ? -14.479 17.050  -1.287  1.00 47.43  ? 142 ASP A CG  1 
ATOM   911  O OD1 . ASP A 1 142 ? -14.454 17.121  -0.041  1.00 57.96  ? 142 ASP A OD1 1 
ATOM   912  O OD2 . ASP A 1 142 ? -14.953 18.003  -1.959  1.00 55.67  ? 142 ASP A OD2 1 
ATOM   913  N N   . LEU A 1 143 ? -11.136 17.923  -3.069  1.00 26.47  ? 143 LEU A N   1 
ATOM   914  C CA  . LEU A 1 143 ? -9.909  18.591  -2.631  1.00 24.10  ? 143 LEU A CA  1 
ATOM   915  C C   . LEU A 1 143 ? -10.130 19.204  -1.248  1.00 26.89  ? 143 LEU A C   1 
ATOM   916  O O   . LEU A 1 143 ? -11.185 19.843  -1.026  1.00 21.50  ? 143 LEU A O   1 
ATOM   917  C CB  . LEU A 1 143 ? -9.548  19.700  -3.600  1.00 24.46  ? 143 LEU A CB  1 
ATOM   918  C CG  . LEU A 1 143 ? -8.234  20.482  -3.409  1.00 20.91  ? 143 LEU A CG  1 
ATOM   919  C CD1 . LEU A 1 143 ? -7.026  19.511  -3.412  1.00 23.50  ? 143 LEU A CD1 1 
ATOM   920  C CD2 . LEU A 1 143 ? -8.136  21.474  -4.587  1.00 26.16  ? 143 LEU A CD2 1 
ATOM   921  N N   . ARG A 1 144 ? -9.177  19.006  -0.332  1.00 19.47  ? 144 ARG A N   1 
ATOM   922  C CA  . ARG A 1 144 ? -9.157  19.802  0.906   1.00 23.74  ? 144 ARG A CA  1 
ATOM   923  C C   . ARG A 1 144 ? -7.786  20.421  1.111   1.00 17.90  ? 144 ARG A C   1 
ATOM   924  O O   . ARG A 1 144 ? -6.801  20.131  0.379   1.00 15.81  ? 144 ARG A O   1 
ATOM   925  C CB  . ARG A 1 144 ? -9.467  18.958  2.141   1.00 25.30  ? 144 ARG A CB  1 
ATOM   926  C CG  . ARG A 1 144 ? -10.415 17.784  1.987   1.00 39.88  ? 144 ARG A CG  1 
ATOM   927  C CD  . ARG A 1 144 ? -10.812 17.194  3.351   1.00 49.09  ? 144 ARG A CD  1 
ATOM   928  N NE  . ARG A 1 144 ? -9.779  17.497  4.350   1.00 52.89  ? 144 ARG A NE  1 
ATOM   929  C CZ  . ARG A 1 144 ? -8.695  16.747  4.574   1.00 51.82  ? 144 ARG A CZ  1 
ATOM   930  N NH1 . ARG A 1 144 ? -8.498  15.610  3.908   1.00 41.59  ? 144 ARG A NH1 1 
ATOM   931  N NH2 . ARG A 1 144 ? -7.802  17.135  5.479   1.00 49.35  ? 144 ARG A NH2 1 
ATOM   932  N N   . TYR A 1 145 ? -7.716  21.271  2.116   1.00 16.02  ? 145 TYR A N   1 
ATOM   933  C CA  . TYR A 1 145 ? -6.453  21.841  2.553   1.00 18.28  ? 145 TYR A CA  1 
ATOM   934  C C   . TYR A 1 145 ? -6.220  21.511  4.024   1.00 22.90  ? 145 TYR A C   1 
ATOM   935  O O   . TYR A 1 145 ? -7.132  21.651  4.795   1.00 21.94  ? 145 TYR A O   1 
ATOM   936  C CB  . TYR A 1 145 ? -6.482  23.339  2.288   1.00 17.51  ? 145 TYR A CB  1 
ATOM   937  C CG  . TYR A 1 145 ? -6.394  23.633  0.808   1.00 19.78  ? 145 TYR A CG  1 
ATOM   938  C CD1 . TYR A 1 145 ? -7.557  23.748  0.018   1.00 15.82  ? 145 TYR A CD1 1 
ATOM   939  C CD2 . TYR A 1 145 ? -5.164  23.728  0.192   1.00 15.82  ? 145 TYR A CD2 1 
ATOM   940  C CE1 . TYR A 1 145 ? -7.469  23.989  -1.352  1.00 23.16  ? 145 TYR A CE1 1 
ATOM   941  C CE2 . TYR A 1 145 ? -5.063  24.011  -1.160  1.00 20.32  ? 145 TYR A CE2 1 
ATOM   942  C CZ  . TYR A 1 145 ? -6.232  24.138  -1.925  1.00 17.45  ? 145 TYR A CZ  1 
ATOM   943  O OH  . TYR A 1 145 ? -6.100  24.410  -3.283  1.00 23.64  ? 145 TYR A OH  1 
ATOM   944  N N   . THR A 1 146 ? -5.023  21.038  4.400   1.00 25.44  ? 146 THR A N   1 
ATOM   945  C CA  . THR A 1 146 ? -4.718  20.806  5.836   1.00 24.54  ? 146 THR A CA  1 
ATOM   946  C C   . THR A 1 146 ? -4.729  22.149  6.559   1.00 25.45  ? 146 THR A C   1 
ATOM   947  O O   . THR A 1 146 ? -4.690  23.194  5.909   1.00 25.18  ? 146 THR A O   1 
ATOM   948  C CB  . THR A 1 146 ? -3.333  20.177  6.036   1.00 21.91  ? 146 THR A CB  1 
ATOM   949  O OG1 . THR A 1 146 ? -2.326  21.147  5.730   1.00 24.05  ? 146 THR A OG1 1 
ATOM   950  C CG2 . THR A 1 146 ? -3.086  18.980  5.066   1.00 24.31  ? 146 THR A CG2 1 
ATOM   951  N N   . PRO A 1 147 ? -4.736  22.157  7.889   1.00 32.27  ? 147 PRO A N   1 
ATOM   952  C CA  . PRO A 1 147 ? -4.668  23.440  8.630   1.00 35.92  ? 147 PRO A CA  1 
ATOM   953  C C   . PRO A 1 147 ? -3.530  24.361  8.142   1.00 36.97  ? 147 PRO A C   1 
ATOM   954  O O   . PRO A 1 147 ? -3.712  25.578  7.988   1.00 32.39  ? 147 PRO A O   1 
ATOM   955  C CB  . PRO A 1 147 ? -4.461  22.994  10.067  1.00 33.81  ? 147 PRO A CB  1 
ATOM   956  C CG  . PRO A 1 147 ? -5.214  21.685  10.117  1.00 36.15  ? 147 PRO A CG  1 
ATOM   957  C CD  . PRO A 1 147 ? -4.857  20.997  8.796   1.00 33.19  ? 147 PRO A CD  1 
ATOM   958  N N   . GLN A 1 148 ? -2.384  23.762  7.818   1.00 38.89  ? 148 GLN A N   1 
ATOM   959  C CA  . GLN A 1 148 ? -1.265  24.534  7.278   1.00 38.53  ? 148 GLN A CA  1 
ATOM   960  C C   . GLN A 1 148 ? -1.394  24.882  5.801   1.00 36.61  ? 148 GLN A C   1 
ATOM   961  O O   . GLN A 1 148 ? -0.448  25.439  5.217   1.00 35.98  ? 148 GLN A O   1 
ATOM   962  C CB  . GLN A 1 148 ? 0.050   23.800  7.504   1.00 44.44  ? 148 GLN A CB  1 
ATOM   963  C CG  . GLN A 1 148 ? 1.055   24.603  8.334   1.00 57.68  ? 148 GLN A CG  1 
ATOM   964  C CD  . GLN A 1 148 ? 1.769   23.745  9.362   1.00 64.71  ? 148 GLN A CD  1 
ATOM   965  O OE1 . GLN A 1 148 ? 1.141   22.910  10.029  1.00 69.51  ? 148 GLN A OE1 1 
ATOM   966  N NE2 . GLN A 1 148 ? 3.084   23.933  9.485   1.00 67.93  ? 148 GLN A NE2 1 
ATOM   967  N N   . GLY A 1 149 ? -2.542  24.556  5.196   1.00 30.81  ? 149 GLY A N   1 
ATOM   968  C CA  . GLY A 1 149 ? -2.800  24.897  3.800   1.00 26.45  ? 149 GLY A CA  1 
ATOM   969  C C   . GLY A 1 149 ? -2.108  24.030  2.753   1.00 22.55  ? 149 GLY A C   1 
ATOM   970  O O   . GLY A 1 149 ? -1.868  24.461  1.640   1.00 22.93  ? 149 GLY A O   1 
ATOM   971  N N   . THR A 1 150 ? -1.743  22.811  3.099   1.00 21.85  ? 150 THR A N   1 
ATOM   972  C CA  . THR A 1 150 ? -1.266  21.890  2.055   1.00 21.16  ? 150 THR A CA  1 
ATOM   973  C C   . THR A 1 150 ? -2.480  21.245  1.382   1.00 18.76  ? 150 THR A C   1 
ATOM   974  O O   . THR A 1 150 ? -3.303  20.696  2.086   1.00 17.22  ? 150 THR A O   1 
ATOM   975  C CB  . THR A 1 150 ? -0.508  20.748  2.718   1.00 22.93  ? 150 THR A CB  1 
ATOM   976  O OG1 . THR A 1 150 ? 0.476   21.308  3.572   1.00 26.09  ? 150 THR A OG1 1 
ATOM   977  C CG2 . THR A 1 150 ? 0.267   19.861  1.659   1.00 28.74  ? 150 THR A CG2 1 
ATOM   978  N N   . ALA A 1 151 ? -2.525  21.226  0.049   1.00 19.42  ? 151 ALA A N   1 
ATOM   979  C CA  . ALA A 1 151 ? -3.578  20.554  -0.699  1.00 15.28  ? 151 ALA A CA  1 
ATOM   980  C C   . ALA A 1 151 ? -3.486  19.049  -0.529  1.00 16.45  ? 151 ALA A C   1 
ATOM   981  O O   . ALA A 1 151 ? -2.392  18.454  -0.556  1.00 16.67  ? 151 ALA A O   1 
ATOM   982  C CB  . ALA A 1 151 ? -3.528  20.894  -2.207  1.00 16.08  ? 151 ALA A CB  1 
ATOM   983  N N   . VAL A 1 152 ? -4.643  18.423  -0.371  1.00 17.28  ? 152 VAL A N   1 
ATOM   984  C CA  . VAL A 1 152 ? -4.670  16.969  -0.212  1.00 14.98  ? 152 VAL A CA  1 
ATOM   985  C C   . VAL A 1 152 ? -5.992  16.483  -0.780  1.00 16.75  ? 152 VAL A C   1 
ATOM   986  O O   . VAL A 1 152 ? -7.044  17.110  -0.588  1.00 19.33  ? 152 VAL A O   1 
ATOM   987  C CB  . VAL A 1 152 ? -4.458  16.573  1.281   1.00 15.73  ? 152 VAL A CB  1 
ATOM   988  C CG1 . VAL A 1 152 ? -5.482  17.208  2.195   1.00 15.51  ? 152 VAL A CG1 1 
ATOM   989  C CG2 . VAL A 1 152 ? -4.435  15.006  1.492   1.00 20.14  ? 152 VAL A CG2 1 
ATOM   990  N N   . VAL A 1 153 ? -5.960  15.331  -1.413  1.00 16.96  ? 153 VAL A N   1 
ATOM   991  C CA  . VAL A 1 153 ? -7.166  14.752  -1.965  1.00 19.82  ? 153 VAL A CA  1 
ATOM   992  C C   . VAL A 1 153 ? -7.220  13.238  -1.702  1.00 19.84  ? 153 VAL A C   1 
ATOM   993  O O   . VAL A 1 153 ? -6.190  12.566  -1.732  1.00 15.46  ? 153 VAL A O   1 
ATOM   994  C CB  . VAL A 1 153 ? -7.256  15.040  -3.497  1.00 20.46  ? 153 VAL A CB  1 
ATOM   995  C CG1 . VAL A 1 153 ? -6.240  14.232  -4.295  1.00 23.49  ? 153 VAL A CG1 1 
ATOM   996  C CG2 . VAL A 1 153 ? -8.684  14.778  -3.976  1.00 28.58  ? 153 VAL A CG2 1 
ATOM   997  N N   . ARG A 1 154 ? -8.406  12.703  -1.508  1.00 18.71  ? 154 ARG A N   1 
ATOM   998  C CA  . ARG A 1 154 ? -8.579  11.254  -1.405  1.00 21.95  ? 154 ARG A CA  1 
ATOM   999  C C   . ARG A 1 154 ? -9.281  10.821  -2.670  1.00 22.77  ? 154 ARG A C   1 
ATOM   1000 O O   . ARG A 1 154 ? -10.287 11.423  -3.090  1.00 24.44  ? 154 ARG A O   1 
ATOM   1001 C CB  . ARG A 1 154 ? -9.472  10.939  -0.182  1.00 24.46  ? 154 ARG A CB  1 
ATOM   1002 C CG  . ARG A 1 154 ? -9.825  9.438   0.022   1.00 35.38  ? 154 ARG A CG  1 
ATOM   1003 C CD  . ARG A 1 154 ? -10.714 9.095   1.325   1.00 49.52  ? 154 ARG A CD  1 
ATOM   1004 N NE  . ARG A 1 154 ? -11.396 10.278  1.878   1.00 52.41  ? 154 ARG A NE  1 
ATOM   1005 C CZ  . ARG A 1 154 ? -12.493 10.859  1.357   1.00 61.29  ? 154 ARG A CZ  1 
ATOM   1006 N NH1 . ARG A 1 154 ? -13.085 10.365  0.269   1.00 60.72  ? 154 ARG A NH1 1 
ATOM   1007 N NH2 . ARG A 1 154 ? -13.003 11.951  1.924   1.00 60.58  ? 154 ARG A NH2 1 
ATOM   1008 N N   . LEU A 1 155 ? -8.806  9.770   -3.294  1.00 18.94  ? 155 LEU A N   1 
ATOM   1009 C CA  . LEU A 1 155 ? -9.413  9.382   -4.555  1.00 21.15  ? 155 LEU A CA  1 
ATOM   1010 C C   . LEU A 1 155 ? -9.877  7.946   -4.325  1.00 21.85  ? 155 LEU A C   1 
ATOM   1011 O O   . LEU A 1 155 ? -9.116  7.156   -3.748  1.00 24.39  ? 155 LEU A O   1 
ATOM   1012 C CB  . LEU A 1 155 ? -8.322  9.410   -5.670  1.00 21.02  ? 155 LEU A CB  1 
ATOM   1013 C CG  . LEU A 1 155 ? -7.651  10.751  -5.935  1.00 19.03  ? 155 LEU A CG  1 
ATOM   1014 C CD1 . LEU A 1 155 ? -6.404  10.690  -6.967  1.00 20.83  ? 155 LEU A CD1 1 
ATOM   1015 C CD2 . LEU A 1 155 ? -8.662  11.768  -6.432  1.00 18.88  ? 155 LEU A CD2 1 
ATOM   1016 N N   . GLY A 1 156 ? -11.077 7.609   -4.779  1.00 18.56  ? 156 GLY A N   1 
ATOM   1017 C CA  . GLY A 1 156 ? -11.523 6.197   -4.743  1.00 19.85  ? 156 GLY A CA  1 
ATOM   1018 C C   . GLY A 1 156 ? -11.355 5.578   -6.108  1.00 21.48  ? 156 GLY A C   1 
ATOM   1019 O O   . GLY A 1 156 ? -11.808 6.145   -7.110  1.00 21.44  ? 156 GLY A O   1 
ATOM   1020 N N   . LEU A 1 157 ? -10.693 4.425   -6.164  1.00 21.28  ? 157 LEU A N   1 
ATOM   1021 C CA  . LEU A 1 157 ? -10.425 3.799   -7.442  1.00 22.10  ? 157 LEU A CA  1 
ATOM   1022 C C   . LEU A 1 157 ? -11.004 2.388   -7.489  1.00 23.24  ? 157 LEU A C   1 
ATOM   1023 O O   . LEU A 1 157 ? -10.766 1.576   -6.551  1.00 26.69  ? 157 LEU A O   1 
ATOM   1024 C CB  . LEU A 1 157 ? -8.892  3.657   -7.645  1.00 23.25  ? 157 LEU A CB  1 
ATOM   1025 C CG  . LEU A 1 157 ? -7.928  4.370   -8.589  1.00 38.42  ? 157 LEU A CG  1 
ATOM   1026 C CD1 . LEU A 1 157 ? -6.686  3.432   -8.934  1.00 28.51  ? 157 LEU A CD1 1 
ATOM   1027 C CD2 . LEU A 1 157 ? -8.608  4.965   -9.828  1.00 28.18  ? 157 LEU A CD2 1 
ATOM   1028 N N   . ALA A 1 158 ? -11.708 2.105   -8.579  1.00 20.99  ? 158 ALA A N   1 
ATOM   1029 C CA  . ALA A 1 158 ? -12.223 0.758   -8.921  1.00 23.35  ? 158 ALA A CA  1 
ATOM   1030 C C   . ALA A 1 158 ? -11.222 0.158   -9.917  1.00 25.86  ? 158 ALA A C   1 
ATOM   1031 O O   . ALA A 1 158 ? -11.018 0.721   -11.011 1.00 22.63  ? 158 ALA A O   1 
ATOM   1032 C CB  . ALA A 1 158 ? -13.585 0.881   -9.608  1.00 23.26  ? 158 ALA A CB  1 
ATOM   1033 N N   . VAL A 1 159 ? -10.610 -0.960  -9.537  1.00 24.27  ? 159 VAL A N   1 
ATOM   1034 C CA  . VAL A 1 159 ? -9.646  -1.677  -10.389 1.00 27.25  ? 159 VAL A CA  1 
ATOM   1035 C C   . VAL A 1 159 ? -10.287 -3.063  -10.782 1.00 33.39  ? 159 VAL A C   1 
ATOM   1036 O O   . VAL A 1 159 ? -10.645 -3.851  -9.899  1.00 32.55  ? 159 VAL A O   1 
ATOM   1037 C CB  . VAL A 1 159 ? -8.344  -1.858  -9.632  1.00 26.10  ? 159 VAL A CB  1 
ATOM   1038 C CG1 . VAL A 1 159 ? -7.264  -2.598  -10.492 1.00 28.02  ? 159 VAL A CG1 1 
ATOM   1039 C CG2 . VAL A 1 159 ? -7.842  -0.497  -9.068  1.00 26.28  ? 159 VAL A CG2 1 
ATOM   1040 N N   . ASN A 1 160 ? -10.469 -3.315  -12.078 1.00 34.00  ? 160 ASN A N   1 
ATOM   1041 C CA  . ASN A 1 160 ? -10.887 -4.632  -12.552 1.00 41.46  ? 160 ASN A CA  1 
ATOM   1042 C C   . ASN A 1 160 ? -9.644  -5.497  -12.814 1.00 47.57  ? 160 ASN A C   1 
ATOM   1043 O O   . ASN A 1 160 ? -8.906  -5.253  -13.755 1.00 43.59  ? 160 ASN A O   1 
ATOM   1044 C CB  . ASN A 1 160 ? -11.763 -4.521  -13.813 1.00 41.67  ? 160 ASN A CB  1 
ATOM   1045 C CG  . ASN A 1 160 ? -12.979 -3.636  -13.617 1.00 49.67  ? 160 ASN A CG  1 
ATOM   1046 O OD1 . ASN A 1 160 ? -13.653 -3.687  -12.590 1.00 50.78  ? 160 ASN A OD1 1 
ATOM   1047 N ND2 . ASN A 1 160 ? -13.268 -2.801  -14.620 1.00 57.43  ? 160 ASN A ND2 1 
ATOM   1048 N N   . GLU A 1 161 ? -9.448  -6.512  -11.977 1.00 58.49  ? 161 GLU A N   1 
ATOM   1049 C CA  . GLU A 1 161 ? -8.194  -7.289  -11.867 1.00 65.73  ? 161 GLU A CA  1 
ATOM   1050 C C   . GLU A 1 161 ? -7.056  -7.134  -12.905 1.00 68.77  ? 161 GLU A C   1 
ATOM   1051 O O   . GLU A 1 161 ? -7.257  -7.387  -14.108 1.00 71.91  ? 161 GLU A O   1 
ATOM   1052 N N   . ARG A 1 162 ? -5.860  -6.768  -12.418 1.00 67.58  ? 162 ARG A N   1 
ATOM   1053 C CA  . ARG A 1 162 ? -4.641  -6.731  -13.245 1.00 64.88  ? 162 ARG A CA  1 
ATOM   1054 C C   . ARG A 1 162 ? -3.362  -7.157  -12.499 1.00 61.13  ? 162 ARG A C   1 
ATOM   1055 O O   . ARG A 1 162 ? -2.514  -6.327  -12.129 1.00 51.36  ? 162 ARG A O   1 
ATOM   1056 N N   . ARG A 1 170 ? -13.633 -9.771  -9.322  1.00 67.64  ? 170 ARG A N   1 
ATOM   1057 C CA  . ARG A 1 170 ? -14.333 -8.760  -10.112 1.00 67.72  ? 170 ARG A CA  1 
ATOM   1058 C C   . ARG A 1 170 ? -13.653 -7.386  -9.918  1.00 65.95  ? 170 ARG A C   1 
ATOM   1059 O O   . ARG A 1 170 ? -12.460 -7.204  -10.227 1.00 65.19  ? 170 ARG A O   1 
ATOM   1060 N N   . THR A 1 171 ? -14.419 -6.431  -9.405  1.00 59.68  ? 171 THR A N   1 
ATOM   1061 C CA  . THR A 1 171 ? -13.900 -5.108  -9.176  1.00 54.71  ? 171 THR A CA  1 
ATOM   1062 C C   . THR A 1 171 ? -13.410 -4.960  -7.743  1.00 53.17  ? 171 THR A C   1 
ATOM   1063 O O   . THR A 1 171 ? -14.138 -5.267  -6.808  1.00 55.64  ? 171 THR A O   1 
ATOM   1064 C CB  . THR A 1 171 ? -14.968 -4.078  -9.488  1.00 55.50  ? 171 THR A CB  1 
ATOM   1065 O OG1 . THR A 1 171 ? -15.504 -4.326  -10.798 1.00 52.56  ? 171 THR A OG1 1 
ATOM   1066 C CG2 . THR A 1 171 ? -14.348 -2.667  -9.603  1.00 55.92  ? 171 THR A CG2 1 
ATOM   1067 N N   . HIS A 1 172 ? -12.171 -4.490  -7.584  1.00 48.19  ? 172 HIS A N   1 
ATOM   1068 C CA  . HIS A 1 172 ? -11.613 -4.109  -6.284  1.00 47.14  ? 172 HIS A CA  1 
ATOM   1069 C C   . HIS A 1 172 ? -11.720 -2.593  -6.094  1.00 43.24  ? 172 HIS A C   1 
ATOM   1070 O O   . HIS A 1 172 ? -11.511 -1.847  -7.050  1.00 39.42  ? 172 HIS A O   1 
ATOM   1071 C CB  . HIS A 1 172 ? -10.126 -4.426  -6.244  1.00 50.44  ? 172 HIS A CB  1 
ATOM   1072 C CG  . HIS A 1 172 ? -9.800  -5.813  -5.800  1.00 62.38  ? 172 HIS A CG  1 
ATOM   1073 N ND1 . HIS A 1 172 ? -10.495 -6.923  -6.235  1.00 66.39  ? 172 HIS A ND1 1 
ATOM   1074 C CD2 . HIS A 1 172 ? -8.818  -6.273  -4.988  1.00 64.79  ? 172 HIS A CD2 1 
ATOM   1075 C CE1 . HIS A 1 172 ? -9.974  -8.005  -5.685  1.00 70.72  ? 172 HIS A CE1 1 
ATOM   1076 N NE2 . HIS A 1 172 ? -8.951  -7.639  -4.930  1.00 74.67  ? 172 HIS A NE2 1 
ATOM   1077 N N   . PHE A 1 173 ? -11.976 -2.155  -4.863  1.00 36.17  ? 173 PHE A N   1 
ATOM   1078 C CA  . PHE A 1 173 ? -12.042 -0.739  -4.540  1.00 34.27  ? 173 PHE A CA  1 
ATOM   1079 C C   . PHE A 1 173 ? -10.895 -0.282  -3.604  1.00 35.59  ? 173 PHE A C   1 
ATOM   1080 O O   . PHE A 1 173 ? -10.724 -0.797  -2.494  1.00 32.36  ? 173 PHE A O   1 
ATOM   1081 C CB  . PHE A 1 173 ? -13.448 -0.385  -4.042  1.00 35.11  ? 173 PHE A CB  1 
ATOM   1082 C CG  . PHE A 1 173 ? -14.534 -0.838  -4.983  1.00 36.02  ? 173 PHE A CG  1 
ATOM   1083 C CD1 . PHE A 1 173 ? -15.033 -2.157  -4.921  1.00 46.24  ? 173 PHE A CD1 1 
ATOM   1084 C CD2 . PHE A 1 173 ? -15.024 0.004   -5.981  1.00 34.62  ? 173 PHE A CD2 1 
ATOM   1085 C CE1 . PHE A 1 173 ? -16.034 -2.617  -5.824  1.00 43.13  ? 173 PHE A CE1 1 
ATOM   1086 C CE2 . PHE A 1 173 ? -16.037 -0.442  -6.880  1.00 29.84  ? 173 PHE A CE2 1 
ATOM   1087 C CZ  . PHE A 1 173 ? -16.534 -1.765  -6.797  1.00 39.14  ? 173 PHE A CZ  1 
ATOM   1088 N N   . LEU A 1 174 ? -10.078 0.675   -4.073  1.00 28.25  ? 174 LEU A N   1 
ATOM   1089 C CA  . LEU A 1 174 ? -8.852  1.047   -3.370  1.00 27.15  ? 174 LEU A CA  1 
ATOM   1090 C C   . LEU A 1 174 ? -8.797  2.590   -3.183  1.00 26.00  ? 174 LEU A C   1 
ATOM   1091 O O   . LEU A 1 174 ? -9.227  3.327   -4.049  1.00 29.76  ? 174 LEU A O   1 
ATOM   1092 C CB  . LEU A 1 174 ? -7.631  0.562   -4.176  1.00 28.41  ? 174 LEU A CB  1 
ATOM   1093 C CG  . LEU A 1 174 ? -7.480  -0.960  -4.243  1.00 33.68  ? 174 LEU A CG  1 
ATOM   1094 C CD1 . LEU A 1 174 ? -6.354  -1.325  -5.209  1.00 30.04  ? 174 LEU A CD1 1 
ATOM   1095 C CD2 . LEU A 1 174 ? -7.296  -1.638  -2.855  1.00 29.82  ? 174 LEU A CD2 1 
ATOM   1096 N N   . GLU A 1 175 ? -8.331  3.065   -2.041  1.00 25.88  ? 175 GLU A N   1 
ATOM   1097 C CA  . GLU A 1 175 ? -8.331  4.517   -1.756  1.00 23.49  ? 175 GLU A CA  1 
ATOM   1098 C C   . GLU A 1 175 ? -6.887  4.999   -2.033  1.00 28.40  ? 175 GLU A C   1 
ATOM   1099 O O   . GLU A 1 175 ? -5.914  4.286   -1.723  1.00 27.93  ? 175 GLU A O   1 
ATOM   1100 C CB  . GLU A 1 175 ? -8.737  4.804   -0.305  1.00 31.28  ? 175 GLU A CB  1 
ATOM   1101 C CG  . GLU A 1 175 ? -10.174 4.445   0.043   1.00 43.52  ? 175 GLU A CG  1 
ATOM   1102 C CD  . GLU A 1 175 ? -11.202 5.195   -0.795  1.00 55.78  ? 175 GLU A CD  1 
ATOM   1103 O OE1 . GLU A 1 175 ? -12.329 4.652   -1.048  1.00 60.75  ? 175 GLU A OE1 1 
ATOM   1104 O OE2 . GLU A 1 175 ? -10.883 6.338   -1.196  1.00 59.77  ? 175 GLU A OE2 1 
ATOM   1105 N N   . VAL A 1 176 ? -6.750  6.170   -2.652  1.00 20.78  ? 176 VAL A N   1 
ATOM   1106 C CA  . VAL A 1 176 ? -5.401  6.727   -2.922  1.00 18.09  ? 176 VAL A CA  1 
ATOM   1107 C C   . VAL A 1 176 ? -5.392  8.152   -2.385  1.00 18.81  ? 176 VAL A C   1 
ATOM   1108 O O   . VAL A 1 176 ? -6.387  8.875   -2.514  1.00 22.48  ? 176 VAL A O   1 
ATOM   1109 C CB  . VAL A 1 176 ? -5.152  6.721   -4.448  1.00 22.32  ? 176 VAL A CB  1 
ATOM   1110 C CG1 . VAL A 1 176 ? -3.822  7.432   -4.846  1.00 17.70  ? 176 VAL A CG1 1 
ATOM   1111 C CG2 . VAL A 1 176 ? -5.074  5.267   -4.948  1.00 24.08  ? 176 VAL A CG2 1 
ATOM   1112 N N   . GLN A 1 177 ? -4.282  8.580   -1.799  1.00 17.39  ? 177 GLN A N   1 
ATOM   1113 C CA  . GLN A 1 177 ? -4.208  9.959   -1.296  1.00 14.38  ? 177 GLN A CA  1 
ATOM   1114 C C   . GLN A 1 177 ? -3.110  10.640  -2.093  1.00 16.83  ? 177 GLN A C   1 
ATOM   1115 O O   . GLN A 1 177 ? -2.074  10.029  -2.399  1.00 14.67  ? 177 GLN A O   1 
ATOM   1116 C CB  . GLN A 1 177 ? -3.850  9.912   0.210   1.00 16.94  ? 177 GLN A CB  1 
ATOM   1117 C CG  . GLN A 1 177 ? -3.904  11.261  0.871   1.00 21.13  ? 177 GLN A CG  1 
ATOM   1118 C CD  . GLN A 1 177 ? -3.723  11.150  2.382   1.00 37.86  ? 177 GLN A CD  1 
ATOM   1119 O OE1 . GLN A 1 177 ? -4.559  11.639  3.147   1.00 40.02  ? 177 GLN A OE1 1 
ATOM   1120 N NE2 . GLN A 1 177 ? -2.648  10.498  2.802   1.00 39.86  ? 177 GLN A NE2 1 
ATOM   1121 N N   . ALA A 1 178 ? -3.323  11.904  -2.443  1.00 15.68  ? 178 ALA A N   1 
ATOM   1122 C CA  . ALA A 1 178 ? -2.306  12.641  -3.160  1.00 16.04  ? 178 ALA A CA  1 
ATOM   1123 C C   . ALA A 1 178 ? -2.201  13.994  -2.492  1.00 16.79  ? 178 ALA A C   1 
ATOM   1124 O O   . ALA A 1 178 ? -3.172  14.458  -1.886  1.00 14.37  ? 178 ALA A O   1 
ATOM   1125 C CB  . ALA A 1 178 ? -2.705  12.823  -4.615  1.00 20.53  ? 178 ALA A CB  1 
ATOM   1126 N N   . TRP A 1 179 ? -1.037  14.612  -2.604  1.00 17.08  ? 179 TRP A N   1 
ATOM   1127 C CA  . TRP A 1 179 ? -0.699  15.846  -1.881  1.00 17.80  ? 179 TRP A CA  1 
ATOM   1128 C C   . TRP A 1 179 ? -0.231  16.958  -2.795  1.00 19.13  ? 179 TRP A C   1 
ATOM   1129 O O   . TRP A 1 179 ? 0.278   16.699  -3.900  1.00 20.12  ? 179 TRP A O   1 
ATOM   1130 C CB  . TRP A 1 179 ? 0.452   15.590  -0.895  1.00 19.23  ? 179 TRP A CB  1 
ATOM   1131 C CG  . TRP A 1 179 ? 0.063   14.670  0.157   1.00 24.01  ? 179 TRP A CG  1 
ATOM   1132 C CD1 . TRP A 1 179 ? 0.097   13.288  0.109   1.00 26.73  ? 179 TRP A CD1 1 
ATOM   1133 C CD2 . TRP A 1 179 ? -0.441  15.015  1.453   1.00 24.27  ? 179 TRP A CD2 1 
ATOM   1134 N NE1 . TRP A 1 179 ? -0.365  12.769  1.302   1.00 27.59  ? 179 TRP A NE1 1 
ATOM   1135 C CE2 . TRP A 1 179 ? -0.716  13.800  2.135   1.00 30.25  ? 179 TRP A CE2 1 
ATOM   1136 C CE3 . TRP A 1 179 ? -0.692  16.221  2.112   1.00 27.63  ? 179 TRP A CE3 1 
ATOM   1137 C CZ2 . TRP A 1 179 ? -1.211  13.766  3.444   1.00 32.61  ? 179 TRP A CZ2 1 
ATOM   1138 C CZ3 . TRP A 1 179 ? -1.192  16.187  3.413   1.00 30.34  ? 179 TRP A CZ3 1 
ATOM   1139 C CH2 . TRP A 1 179 ? -1.447  14.964  4.060   1.00 32.50  ? 179 TRP A CH2 1 
ATOM   1140 N N   . ARG A 1 180 ? -0.334  18.204  -2.312  1.00 20.31  ? 180 ARG A N   1 
ATOM   1141 C CA  . ARG A 1 180 ? 0.298   19.366  -2.991  1.00 22.21  ? 180 ARG A CA  1 
ATOM   1142 C C   . ARG A 1 180 ? -0.120  19.501  -4.446  1.00 22.17  ? 180 ARG A C   1 
ATOM   1143 O O   . ARG A 1 180 ? -1.290  19.404  -4.752  1.00 18.10  ? 180 ARG A O   1 
ATOM   1144 C CB  . ARG A 1 180 ? 1.830   19.261  -2.872  1.00 20.40  ? 180 ARG A CB  1 
ATOM   1145 C CG  . ARG A 1 180 ? 2.278   19.301  -1.406  1.00 23.34  ? 180 ARG A CG  1 
ATOM   1146 C CD  . ARG A 1 180 ? 3.802   19.298  -1.208  1.00 32.71  ? 180 ARG A CD  1 
ATOM   1147 N NE  . ARG A 1 180 ? 4.117   19.557  0.202   1.00 33.40  ? 180 ARG A NE  1 
ATOM   1148 C CZ  . ARG A 1 180 ? 4.681   18.702  1.034   1.00 44.86  ? 180 ARG A CZ  1 
ATOM   1149 N NH1 . ARG A 1 180 ? 5.014   17.483  0.628   1.00 50.38  ? 180 ARG A NH1 1 
ATOM   1150 N NH2 . ARG A 1 180 ? 4.917   19.067  2.288   1.00 46.28  ? 180 ARG A NH2 1 
ATOM   1151 N N   . GLU A 1 181 ? 0.842   19.674  -5.372  1.00 23.22  ? 181 GLU A N   1 
ATOM   1152 C CA  . GLU A 1 181 ? 0.491   19.852  -6.791  1.00 25.91  ? 181 GLU A CA  1 
ATOM   1153 C C   . GLU A 1 181 ? -0.295  18.681  -7.401  1.00 22.05  ? 181 GLU A C   1 
ATOM   1154 O O   . GLU A 1 181 ? -1.132  18.881  -8.257  1.00 19.91  ? 181 GLU A O   1 
ATOM   1155 C CB  . GLU A 1 181 ? 1.796   20.043  -7.602  1.00 30.50  ? 181 GLU A CB  1 
ATOM   1156 C CG  . GLU A 1 181 ? 1.657   20.365  -9.077  1.00 46.96  ? 181 GLU A CG  1 
ATOM   1157 C CD  . GLU A 1 181 ? 3.005   20.774  -9.689  1.00 64.33  ? 181 GLU A CD  1 
ATOM   1158 O OE1 . GLU A 1 181 ? 3.342   20.284  -10.801 1.00 69.14  ? 181 GLU A OE1 1 
ATOM   1159 O OE2 . GLU A 1 181 ? 3.738   21.585  -9.049  1.00 66.62  ? 181 GLU A OE2 1 
ATOM   1160 N N   . LEU A 1 182 ? 0.003   17.447  -7.005  1.00 18.99  ? 182 LEU A N   1 
ATOM   1161 C CA  . LEU A 1 182 ? -0.723  16.326  -7.559  1.00 18.04  ? 182 LEU A CA  1 
ATOM   1162 C C   . LEU A 1 182 ? -2.158  16.307  -7.064  1.00 17.44  ? 182 LEU A C   1 
ATOM   1163 O O   . LEU A 1 182 ? -3.048  15.904  -7.803  1.00 19.67  ? 182 LEU A O   1 
ATOM   1164 C CB  . LEU A 1 182 ? -0.032  15.003  -7.105  1.00 19.51  ? 182 LEU A CB  1 
ATOM   1165 C CG  . LEU A 1 182 ? 1.134   14.447  -7.923  1.00 34.31  ? 182 LEU A CG  1 
ATOM   1166 C CD1 . LEU A 1 182 ? 1.405   13.064  -7.242  1.00 30.16  ? 182 LEU A CD1 1 
ATOM   1167 C CD2 . LEU A 1 182 ? 0.666   14.277  -9.388  1.00 29.27  ? 182 LEU A CD2 1 
ATOM   1168 N N   . ALA A 1 183 ? -2.381  16.753  -5.812  1.00 16.43  ? 183 ALA A N   1 
ATOM   1169 C CA  . ALA A 1 183 ? -3.787  16.889  -5.293  1.00 18.18  ? 183 ALA A CA  1 
ATOM   1170 C C   . ALA A 1 183 ? -4.541  17.965  -6.121  1.00 18.99  ? 183 ALA A C   1 
ATOM   1171 O O   . ALA A 1 183 ? -5.701  17.766  -6.534  1.00 20.25  ? 183 ALA A O   1 
ATOM   1172 C CB  . ALA A 1 183 ? -3.804  17.260  -3.819  1.00 19.19  ? 183 ALA A CB  1 
ATOM   1173 N N   . GLU A 1 184 ? -3.867  19.076  -6.393  1.00 17.35  ? 184 GLU A N   1 
ATOM   1174 C CA  . GLU A 1 184 ? -4.527  20.156  -7.161  1.00 22.78  ? 184 GLU A CA  1 
ATOM   1175 C C   . GLU A 1 184 ? -4.850  19.702  -8.558  1.00 22.64  ? 184 GLU A C   1 
ATOM   1176 O O   . GLU A 1 184 ? -5.922  19.978  -9.068  1.00 23.77  ? 184 GLU A O   1 
ATOM   1177 C CB  . GLU A 1 184 ? -3.634  21.373  -7.255  1.00 23.83  ? 184 GLU A CB  1 
ATOM   1178 C CG  . GLU A 1 184 ? -4.252  22.564  -6.556  1.00 46.81  ? 184 GLU A CG  1 
ATOM   1179 C CD  . GLU A 1 184 ? -3.297  23.075  -5.543  1.00 45.42  ? 184 GLU A CD  1 
ATOM   1180 O OE1 . GLU A 1 184 ? -3.728  23.790  -4.626  1.00 30.62  ? 184 GLU A OE1 1 
ATOM   1181 O OE2 . GLU A 1 184 ? -2.112  22.712  -5.691  1.00 43.94  ? 184 GLU A OE2 1 
ATOM   1182 N N   . TRP A 1 185 ? -3.916  19.013  -9.180  1.00 21.94  ? 185 TRP A N   1 
ATOM   1183 C CA  . TRP A 1 185 ? -4.180  18.428  -10.503 1.00 22.26  ? 185 TRP A CA  1 
ATOM   1184 C C   . TRP A 1 185 ? -5.299  17.380  -10.451 1.00 24.01  ? 185 TRP A C   1 
ATOM   1185 O O   . TRP A 1 185 ? -6.184  17.375  -11.305 1.00 24.79  ? 185 TRP A O   1 
ATOM   1186 C CB  . TRP A 1 185 ? -2.885  17.780  -11.023 1.00 23.92  ? 185 TRP A CB  1 
ATOM   1187 C CG  . TRP A 1 185 ? -3.054  17.111  -12.325 1.00 33.68  ? 185 TRP A CG  1 
ATOM   1188 C CD1 . TRP A 1 185 ? -2.909  17.679  -13.591 1.00 32.80  ? 185 TRP A CD1 1 
ATOM   1189 C CD2 . TRP A 1 185 ? -3.406  15.731  -12.536 1.00 29.71  ? 185 TRP A CD2 1 
ATOM   1190 N NE1 . TRP A 1 185 ? -3.149  16.714  -14.546 1.00 33.91  ? 185 TRP A NE1 1 
ATOM   1191 C CE2 . TRP A 1 185 ? -3.453  15.521  -13.935 1.00 33.80  ? 185 TRP A CE2 1 
ATOM   1192 C CE3 . TRP A 1 185 ? -3.671  14.650  -11.681 1.00 20.31  ? 185 TRP A CE3 1 
ATOM   1193 C CZ2 . TRP A 1 185 ? -3.782  14.281  -14.492 1.00 28.89  ? 185 TRP A CZ2 1 
ATOM   1194 C CZ3 . TRP A 1 185 ? -4.029  13.467  -12.205 1.00 24.23  ? 185 TRP A CZ3 1 
ATOM   1195 C CH2 . TRP A 1 185 ? -4.050  13.259  -13.628 1.00 27.23  ? 185 TRP A CH2 1 
ATOM   1196 N N   . ALA A 1 186 ? -5.263  16.478  -9.457  1.00 18.56  ? 186 ALA A N   1 
ATOM   1197 C CA  . ALA A 1 186 ? -6.269  15.399  -9.346  1.00 24.00  ? 186 ALA A CA  1 
ATOM   1198 C C   . ALA A 1 186 ? -7.676  15.951  -9.137  1.00 23.64  ? 186 ALA A C   1 
ATOM   1199 O O   . ALA A 1 186 ? -8.689  15.319  -9.496  1.00 22.01  ? 186 ALA A O   1 
ATOM   1200 C CB  . ALA A 1 186 ? -5.879  14.424  -8.213  1.00 20.64  ? 186 ALA A CB  1 
ATOM   1201 N N   . SER A 1 187 ? -7.738  17.159  -8.584  1.00 22.12  ? 187 SER A N   1 
ATOM   1202 C CA  . SER A 1 187 ? -9.054  17.794  -8.375  1.00 25.77  ? 187 SER A CA  1 
ATOM   1203 C C   . SER A 1 187 ? -9.835  18.040  -9.696  1.00 27.34  ? 187 SER A C   1 
ATOM   1204 O O   . SER A 1 187 ? -11.046 18.251  -9.644  1.00 24.54  ? 187 SER A O   1 
ATOM   1205 C CB  . SER A 1 187 ? -8.920  19.098  -7.573  1.00 22.03  ? 187 SER A CB  1 
ATOM   1206 O OG  . SER A 1 187 ? -8.494  20.173  -8.403  1.00 24.63  ? 187 SER A OG  1 
ATOM   1207 N N   . GLU A 1 188 ? -9.150  17.996  -10.855 1.00 27.60  ? 188 GLU A N   1 
ATOM   1208 C CA  . GLU A 1 188 ? -9.834  18.220  -12.153 1.00 30.54  ? 188 GLU A CA  1 
ATOM   1209 C C   . GLU A 1 188 ? -10.525 16.950  -12.648 1.00 28.59  ? 188 GLU A C   1 
ATOM   1210 O O   . GLU A 1 188 ? -11.260 16.999  -13.613 1.00 24.25  ? 188 GLU A O   1 
ATOM   1211 C CB  . GLU A 1 188 ? -8.848  18.639  -13.273 1.00 31.53  ? 188 GLU A CB  1 
ATOM   1212 C CG  . GLU A 1 188 ? -7.848  19.742  -12.960 1.00 48.96  ? 188 GLU A CG  1 
ATOM   1213 C CD  . GLU A 1 188 ? -6.493  19.544  -13.684 1.00 59.46  ? 188 GLU A CD  1 
ATOM   1214 O OE1 . GLU A 1 188 ? -6.199  18.412  -14.186 1.00 63.07  ? 188 GLU A OE1 1 
ATOM   1215 O OE2 . GLU A 1 188 ? -5.708  20.531  -13.752 1.00 57.48  ? 188 GLU A OE2 1 
ATOM   1216 N N   . LEU A 1 189 ? -10.221 15.808  -12.029 1.00 23.30  ? 189 LEU A N   1 
ATOM   1217 C CA  . LEU A 1 189 ? -10.798 14.529  -12.449 1.00 21.38  ? 189 LEU A CA  1 
ATOM   1218 C C   . LEU A 1 189 ? -12.248 14.426  -11.927 1.00 20.76  ? 189 LEU A C   1 
ATOM   1219 O O   . LEU A 1 189 ? -12.622 15.209  -11.066 1.00 20.06  ? 189 LEU A O   1 
ATOM   1220 C CB  . LEU A 1 189 ? -9.948  13.412  -11.837 1.00 21.63  ? 189 LEU A CB  1 
ATOM   1221 C CG  . LEU A 1 189 ? -8.415  13.304  -12.171 1.00 25.00  ? 189 LEU A CG  1 
ATOM   1222 C CD1 . LEU A 1 189 ? -7.648  12.472  -11.085 1.00 27.07  ? 189 LEU A CD1 1 
ATOM   1223 C CD2 . LEU A 1 189 ? -8.299  12.628  -13.480 1.00 31.25  ? 189 LEU A CD2 1 
ATOM   1224 N N   . ARG A 1 190 ? -13.026 13.453  -12.412 1.00 17.48  ? 190 ARG A N   1 
ATOM   1225 C CA  . ARG A 1 190 ? -14.433 13.295  -12.019 1.00 18.19  ? 190 ARG A CA  1 
ATOM   1226 C C   . ARG A 1 190 ? -14.713 11.811  -11.941 1.00 18.61  ? 190 ARG A C   1 
ATOM   1227 O O   . ARG A 1 190 ? -13.977 11.031  -12.512 1.00 22.46  ? 190 ARG A O   1 
ATOM   1228 C CB  . ARG A 1 190 ? -15.316 13.937  -13.104 1.00 22.05  ? 190 ARG A CB  1 
ATOM   1229 C CG  . ARG A 1 190 ? -15.196 15.498  -13.222 1.00 22.77  ? 190 ARG A CG  1 
ATOM   1230 C CD  . ARG A 1 190 ? -15.742 16.259  -11.985 1.00 23.40  ? 190 ARG A CD  1 
ATOM   1231 N NE  . ARG A 1 190 ? -15.697 17.718  -12.102 1.00 23.16  ? 190 ARG A NE  1 
ATOM   1232 C CZ  . ARG A 1 190 ? -14.660 18.482  -11.731 1.00 28.92  ? 190 ARG A CZ  1 
ATOM   1233 N NH1 . ARG A 1 190 ? -13.580 17.929  -11.191 1.00 26.22  ? 190 ARG A NH1 1 
ATOM   1234 N NH2 . ARG A 1 190 ? -14.696 19.806  -11.893 1.00 22.91  ? 190 ARG A NH2 1 
ATOM   1235 N N   . LYS A 1 191 ? -15.792 11.428  -11.265 1.00 20.14  ? 191 LYS A N   1 
ATOM   1236 C CA  . LYS A 1 191 ? -16.177 10.037  -11.138 1.00 18.22  ? 191 LYS A CA  1 
ATOM   1237 C C   . LYS A 1 191 ? -16.184 9.414   -12.525 1.00 18.51  ? 191 LYS A C   1 
ATOM   1238 O O   . LYS A 1 191 ? -16.635 10.062  -13.501 1.00 17.06  ? 191 LYS A O   1 
ATOM   1239 C CB  . LYS A 1 191 ? -17.615 9.995   -10.510 1.00 17.72  ? 191 LYS A CB  1 
ATOM   1240 C CG  . LYS A 1 191 ? -18.313 8.645   -10.569 1.00 19.33  ? 191 LYS A CG  1 
ATOM   1241 C CD  . LYS A 1 191 ? -19.807 8.811   -10.103 1.00 27.29  ? 191 LYS A CD  1 
ATOM   1242 C CE  . LYS A 1 191 ? -20.265 7.561   -9.413  1.00 30.20  ? 191 LYS A CE  1 
ATOM   1243 N NZ  . LYS A 1 191 ? -21.744 7.656   -9.162  1.00 40.21  ? 191 LYS A NZ  1 
ATOM   1244 N N   . GLY A 1 192 ? -15.639 8.207   -12.644 1.00 23.88  ? 192 GLY A N   1 
ATOM   1245 C CA  . GLY A 1 192 ? -15.567 7.542   -13.935 1.00 21.91  ? 192 GLY A CA  1 
ATOM   1246 C C   . GLY A 1 192 ? -14.240 7.642   -14.665 1.00 22.97  ? 192 GLY A C   1 
ATOM   1247 O O   . GLY A 1 192 ? -13.935 6.750   -15.448 1.00 20.65  ? 192 GLY A O   1 
ATOM   1248 N N   . ASP A 1 193 ? -13.451 8.695   -14.418 1.00 18.83  ? 193 ASP A N   1 
ATOM   1249 C CA  . ASP A 1 193 ? -12.220 8.934   -15.197 1.00 17.15  ? 193 ASP A CA  1 
ATOM   1250 C C   . ASP A 1 193 ? -11.219 7.812   -14.905 1.00 17.43  ? 193 ASP A C   1 
ATOM   1251 O O   . ASP A 1 193 ? -11.093 7.335   -13.769 1.00 17.26  ? 193 ASP A O   1 
ATOM   1252 C CB  . ASP A 1 193 ? -11.612 10.314  -14.810 1.00 17.09  ? 193 ASP A CB  1 
ATOM   1253 C CG  . ASP A 1 193 ? -12.372 11.477  -15.415 1.00 28.65  ? 193 ASP A CG  1 
ATOM   1254 O OD1 . ASP A 1 193 ? -12.110 12.647  -14.994 1.00 28.85  ? 193 ASP A OD1 1 
ATOM   1255 O OD2 . ASP A 1 193 ? -13.220 11.302  -16.337 1.00 26.60  ? 193 ASP A OD2 1 
ATOM   1256 N N   . GLY A 1 194 ? -10.476 7.417   -15.924 1.00 17.67  ? 194 GLY A N   1 
ATOM   1257 C CA  . GLY A 1 194 ? -9.392  6.467   -15.782 1.00 17.96  ? 194 GLY A CA  1 
ATOM   1258 C C   . GLY A 1 194 ? -8.197  7.195   -15.146 1.00 15.38  ? 194 GLY A C   1 
ATOM   1259 O O   . GLY A 1 194 ? -7.986  8.428   -15.299 1.00 16.80  ? 194 GLY A O   1 
ATOM   1260 N N   . LEU A 1 195 ? -7.435  6.426   -14.380 1.00 16.32  ? 195 LEU A N   1 
ATOM   1261 C CA  . LEU A 1 195 ? -6.298  6.959   -13.670 1.00 17.41  ? 195 LEU A CA  1 
ATOM   1262 C C   . LEU A 1 195 ? -5.230  5.881   -13.536 1.00 21.05  ? 195 LEU A C   1 
ATOM   1263 O O   . LEU A 1 195 ? -5.514  4.768   -13.068 1.00 19.20  ? 195 LEU A O   1 
ATOM   1264 C CB  . LEU A 1 195 ? -6.742  7.421   -12.284 1.00 20.60  ? 195 LEU A CB  1 
ATOM   1265 C CG  . LEU A 1 195 ? -5.703  8.200   -11.474 1.00 20.17  ? 195 LEU A CG  1 
ATOM   1266 C CD1 . LEU A 1 195 ? -5.286  9.491   -12.234 1.00 23.49  ? 195 LEU A CD1 1 
ATOM   1267 C CD2 . LEU A 1 195 ? -6.254  8.505   -10.047 1.00 22.23  ? 195 LEU A CD2 1 
ATOM   1268 N N   . LEU A 1 196 ? -3.972  6.253   -13.854 1.00 16.61  ? 196 LEU A N   1 
ATOM   1269 C CA  . LEU A 1 196 ? -2.794  5.430   -13.505 1.00 16.01  ? 196 LEU A CA  1 
ATOM   1270 C C   . LEU A 1 196 ? -2.095  6.042   -12.285 1.00 15.76  ? 196 LEU A C   1 
ATOM   1271 O O   . LEU A 1 196 ? -1.843  7.256   -12.269 1.00 17.71  ? 196 LEU A O   1 
ATOM   1272 C CB  . LEU A 1 196 ? -1.831  5.463   -14.714 1.00 13.87  ? 196 LEU A CB  1 
ATOM   1273 C CG  . LEU A 1 196 ? -0.406  4.847   -14.485 1.00 17.17  ? 196 LEU A CG  1 
ATOM   1274 C CD1 . LEU A 1 196 ? -0.541  3.328   -14.213 1.00 19.09  ? 196 LEU A CD1 1 
ATOM   1275 C CD2 . LEU A 1 196 ? 0.460   5.048   -15.725 1.00 17.90  ? 196 LEU A CD2 1 
ATOM   1276 N N   . VAL A 1 197 ? -1.829  5.243   -11.247 1.00 14.97  ? 197 VAL A N   1 
ATOM   1277 C CA  . VAL A 1 197 ? -1.173  5.793   -10.064 1.00 15.03  ? 197 VAL A CA  1 
ATOM   1278 C C   . VAL A 1 197 ? 0.156   5.062   -9.905  1.00 14.50  ? 197 VAL A C   1 
ATOM   1279 O O   . VAL A 1 197 ? 0.165   3.831   -9.951  1.00 16.63  ? 197 VAL A O   1 
ATOM   1280 C CB  . VAL A 1 197 ? -1.959  5.421   -8.889  1.00 15.53  ? 197 VAL A CB  1 
ATOM   1281 C CG1 . VAL A 1 197 ? -1.329  5.928   -7.521  1.00 17.81  ? 197 VAL A CG1 1 
ATOM   1282 C CG2 . VAL A 1 197 ? -3.465  5.974   -9.034  1.00 17.21  ? 197 VAL A CG2 1 
ATOM   1283 N N   . ILE A 1 198 ? 1.235   5.807   -9.656  1.00 15.83  ? 198 ILE A N   1 
ATOM   1284 C CA  . ILE A 1 198 ? 2.476   5.190   -9.233  1.00 16.04  ? 198 ILE A CA  1 
ATOM   1285 C C   . ILE A 1 198 ? 2.636   5.728   -7.806  1.00 15.66  ? 198 ILE A C   1 
ATOM   1286 O O   . ILE A 1 198 ? 2.628   6.937   -7.618  1.00 14.25  ? 198 ILE A O   1 
ATOM   1287 C CB  . ILE A 1 198 ? 3.723   5.567   -10.125 1.00 22.31  ? 198 ILE A CB  1 
ATOM   1288 C CG1 . ILE A 1 198 ? 3.464   5.513   -11.673 1.00 23.64  ? 198 ILE A CG1 1 
ATOM   1289 C CG2 . ILE A 1 198 ? 5.014   4.781   -9.623  1.00 20.91  ? 198 ILE A CG2 1 
ATOM   1290 C CD1 . ILE A 1 198 ? 3.280   4.154   -12.294 1.00 25.86  ? 198 ILE A CD1 1 
ATOM   1291 N N   . GLY A 1 199 ? 2.719   4.857   -6.815  1.00 18.44  ? 199 GLY A N   1 
ATOM   1292 C CA  . GLY A 1 199 ? 2.775   5.393   -5.471  1.00 21.13  ? 199 GLY A CA  1 
ATOM   1293 C C   . GLY A 1 199 ? 3.488   4.445   -4.533  1.00 21.58  ? 199 GLY A C   1 
ATOM   1294 O O   . GLY A 1 199 ? 4.288   3.647   -4.965  1.00 17.11  ? 199 GLY A O   1 
ATOM   1295 N N   . ARG A 1 200 ? 3.147   4.530   -3.260  1.00 16.60  ? 200 ARG A N   1 
ATOM   1296 C CA  . ARG A 1 200 ? 3.800   3.695   -2.262  1.00 14.93  ? 200 ARG A CA  1 
ATOM   1297 C C   . ARG A 1 200 ? 2.765   3.437   -1.190  1.00 17.65  ? 200 ARG A C   1 
ATOM   1298 O O   . ARG A 1 200 ? 1.799   4.193   -1.050  1.00 18.61  ? 200 ARG A O   1 
ATOM   1299 C CB  . ARG A 1 200 ? 5.029   4.425   -1.691  1.00 18.62  ? 200 ARG A CB  1 
ATOM   1300 C CG  . ARG A 1 200 ? 4.773   5.775   -1.068  1.00 21.84  ? 200 ARG A CG  1 
ATOM   1301 C CD  . ARG A 1 200 ? 6.111   6.336   -0.535  1.00 27.23  ? 200 ARG A CD  1 
ATOM   1302 N NE  . ARG A 1 200 ? 5.911   7.669   -0.002  1.00 28.84  ? 200 ARG A NE  1 
ATOM   1303 C CZ  . ARG A 1 200 ? 6.895   8.435   0.469   1.00 33.59  ? 200 ARG A CZ  1 
ATOM   1304 N NH1 . ARG A 1 200 ? 8.146   7.993   0.519   1.00 27.02  ? 200 ARG A NH1 1 
ATOM   1305 N NH2 . ARG A 1 200 ? 6.618   9.619   0.953   1.00 28.82  ? 200 ARG A NH2 1 
ATOM   1306 N N   . LEU A 1 201 ? 3.025   2.430   -0.375  1.00 15.48  ? 201 LEU A N   1 
ATOM   1307 C CA  . LEU A 1 201 ? 2.040   2.044   0.639   1.00 19.39  ? 201 LEU A CA  1 
ATOM   1308 C C   . LEU A 1 201 ? 2.421   2.708   1.942   1.00 24.31  ? 201 LEU A C   1 
ATOM   1309 O O   . LEU A 1 201 ? 3.593   2.661   2.342   1.00 33.17  ? 201 LEU A O   1 
ATOM   1310 C CB  . LEU A 1 201 ? 2.159   0.533   0.833   1.00 29.30  ? 201 LEU A CB  1 
ATOM   1311 C CG  . LEU A 1 201 ? 1.073   -0.365  0.316   1.00 36.74  ? 201 LEU A CG  1 
ATOM   1312 C CD1 . LEU A 1 201 ? 1.024   -1.682  1.197   1.00 36.91  ? 201 LEU A CD1 1 
ATOM   1313 C CD2 . LEU A 1 201 ? -0.325  0.241   0.326   1.00 32.13  ? 201 LEU A CD2 1 
ATOM   1314 N N   . VAL A 1 202 ? 1.485   3.440   2.555   1.00 24.84  ? 202 VAL A N   1 
ATOM   1315 C CA  . VAL A 1 202 ? 1.851   4.161   3.778   1.00 23.78  ? 202 VAL A CA  1 
ATOM   1316 C C   . VAL A 1 202 ? 0.859   3.799   4.874   1.00 23.76  ? 202 VAL A C   1 
ATOM   1317 O O   . VAL A 1 202 ? -0.177  3.221   4.625   1.00 25.13  ? 202 VAL A O   1 
ATOM   1318 C CB  . VAL A 1 202 ? 1.852   5.729   3.575   1.00 21.26  ? 202 VAL A CB  1 
ATOM   1319 C CG1 . VAL A 1 202 ? 2.905   6.180   2.509   1.00 20.43  ? 202 VAL A CG1 1 
ATOM   1320 C CG2 . VAL A 1 202 ? 0.483   6.179   3.148   1.00 26.28  ? 202 VAL A CG2 1 
ATOM   1321 N N   . ASN A 1 203 ? 1.154   4.242   6.099   1.00 23.63  ? 203 ASN A N   1 
ATOM   1322 C CA  . ASN A 1 203 ? 0.251   3.995   7.198   1.00 26.26  ? 203 ASN A CA  1 
ATOM   1323 C C   . ASN A 1 203 ? -0.281  5.346   7.635   1.00 27.65  ? 203 ASN A C   1 
ATOM   1324 O O   . ASN A 1 203 ? 0.484   6.242   7.942   1.00 31.34  ? 203 ASN A O   1 
ATOM   1325 C CB  . ASN A 1 203 ? 0.983   3.382   8.391   1.00 22.14  ? 203 ASN A CB  1 
ATOM   1326 C CG  . ASN A 1 203 ? 1.545   1.995   8.105   1.00 29.96  ? 203 ASN A CG  1 
ATOM   1327 O OD1 . ASN A 1 203 ? 2.725   1.843   8.123   1.00 34.53  ? 203 ASN A OD1 1 
ATOM   1328 N ND2 . ASN A 1 203 ? 0.685   0.983   7.912   1.00 25.27  ? 203 ASN A ND2 1 
ATOM   1329 N N   . ASP A 1 204 ? -1.577  5.503   7.596   1.00 37.58  ? 204 ASP A N   1 
ATOM   1330 C CA  . ASP A 1 204 ? -2.220  6.765   8.036   1.00 43.74  ? 204 ASP A CA  1 
ATOM   1331 C C   . ASP A 1 204 ? -2.821  6.612   9.439   1.00 47.42  ? 204 ASP A C   1 
ATOM   1332 O O   . ASP A 1 204 ? -3.218  5.509   9.815   1.00 49.55  ? 204 ASP A O   1 
ATOM   1333 C CB  . ASP A 1 204 ? -3.323  7.151   7.069   1.00 44.65  ? 204 ASP A CB  1 
ATOM   1334 C CG  . ASP A 1 204 ? -3.737  8.610   7.216   1.00 57.75  ? 204 ASP A CG  1 
ATOM   1335 O OD1 . ASP A 1 204 ? -3.064  9.363   7.978   1.00 63.32  ? 204 ASP A OD1 1 
ATOM   1336 O OD2 . ASP A 1 204 ? -4.730  9.080   6.615   1.00 62.44  ? 204 ASP A OD2 1 
ATOM   1337 N N   . SER A 1 205 ? -2.856  7.719   10.194  1.00 49.34  ? 205 SER A N   1 
ATOM   1338 C CA  . SER A 1 205 ? -3.315  7.782   11.595  1.00 51.18  ? 205 SER A CA  1 
ATOM   1339 C C   . SER A 1 205 ? -4.703  8.368   11.616  1.00 49.59  ? 205 SER A C   1 
ATOM   1340 O O   . SER A 1 205 ? -4.980  9.338   10.887  1.00 49.08  ? 205 SER A O   1 
ATOM   1341 C CB  . SER A 1 205 ? -2.454  8.799   12.368  1.00 54.01  ? 205 SER A CB  1 
ATOM   1342 O OG  . SER A 1 205 ? -1.620  8.178   13.328  1.00 66.46  ? 205 SER A OG  1 
ATOM   1343 N N   . TRP A 1 206 ? -5.581  7.798   12.436  1.00 48.48  ? 206 TRP A N   1 
ATOM   1344 C CA  . TRP A 1 206 ? -6.867  8.444   12.752  1.00 46.76  ? 206 TRP A CA  1 
ATOM   1345 C C   . TRP A 1 206 ? -6.924  8.614   14.259  1.00 46.50  ? 206 TRP A C   1 
ATOM   1346 O O   . TRP A 1 206 ? -6.695  7.663   14.969  1.00 44.29  ? 206 TRP A O   1 
ATOM   1347 C CB  . TRP A 1 206 ? -8.036  7.582   12.320  1.00 46.91  ? 206 TRP A CB  1 
ATOM   1348 C CG  . TRP A 1 206 ? -8.215  7.579   10.874  1.00 52.21  ? 206 TRP A CG  1 
ATOM   1349 C CD1 . TRP A 1 206 ? -7.588  6.761   9.968   1.00 58.06  ? 206 TRP A CD1 1 
ATOM   1350 C CD2 . TRP A 1 206 ? -9.065  8.437   10.124  1.00 49.76  ? 206 TRP A CD2 1 
ATOM   1351 N NE1 . TRP A 1 206 ? -7.997  7.078   8.697   1.00 53.09  ? 206 TRP A NE1 1 
ATOM   1352 C CE2 . TRP A 1 206 ? -8.905  8.101   8.760   1.00 53.83  ? 206 TRP A CE2 1 
ATOM   1353 C CE3 . TRP A 1 206 ? -9.944  9.476   10.459  1.00 47.36  ? 206 TRP A CE3 1 
ATOM   1354 C CZ2 . TRP A 1 206 ? -9.599  8.760   7.734   1.00 50.81  ? 206 TRP A CZ2 1 
ATOM   1355 C CZ3 . TRP A 1 206 ? -10.647 10.124  9.451   1.00 42.50  ? 206 TRP A CZ3 1 
ATOM   1356 C CH2 . TRP A 1 206 ? -10.456 9.773   8.090   1.00 50.44  ? 206 TRP A CH2 1 
ATOM   1357 N N   . THR A 1 207 ? -7.227  9.823   14.724  1.00 45.81  ? 207 THR A N   1 
ATOM   1358 C CA  . THR A 1 207 ? -7.217  10.149  16.160  1.00 46.21  ? 207 THR A CA  1 
ATOM   1359 C C   . THR A 1 207 ? -8.635  10.524  16.603  1.00 41.38  ? 207 THR A C   1 
ATOM   1360 O O   . THR A 1 207 ? -9.249  11.393  15.991  1.00 37.45  ? 207 THR A O   1 
ATOM   1361 C CB  . THR A 1 207 ? -6.253  11.364  16.389  1.00 50.21  ? 207 THR A CB  1 
ATOM   1362 O OG1 . THR A 1 207 ? -4.899  10.957  16.115  1.00 56.46  ? 207 THR A OG1 1 
ATOM   1363 C CG2 . THR A 1 207 ? -6.204  11.827  17.871  1.00 46.98  ? 207 THR A CG2 1 
ATOM   1364 N N   . SER A 1 208 ? -9.163  9.873   17.637  1.00 44.91  ? 208 SER A N   1 
ATOM   1365 C CA  . SER A 1 208 ? -10.496 10.273  18.152  1.00 46.61  ? 208 SER A CA  1 
ATOM   1366 C C   . SER A 1 208 ? -10.431 11.602  18.942  1.00 48.61  ? 208 SER A C   1 
ATOM   1367 O O   . SER A 1 208 ? -9.355  12.045  19.357  1.00 45.36  ? 208 SER A O   1 
ATOM   1368 C CB  . SER A 1 208 ? -11.111 9.162   19.006  1.00 44.25  ? 208 SER A CB  1 
ATOM   1369 O OG  . SER A 1 208 ? -10.431 9.092   20.241  1.00 45.27  ? 208 SER A OG  1 
ATOM   1370 N N   . SER A 1 209 ? -11.587 12.239  19.149  1.00 53.69  ? 209 SER A N   1 
ATOM   1371 C CA  . SER A 1 209 ? -11.686 13.403  20.052  1.00 57.75  ? 209 SER A CA  1 
ATOM   1372 C C   . SER A 1 209 ? -10.976 13.185  21.404  1.00 55.87  ? 209 SER A C   1 
ATOM   1373 O O   . SER A 1 209 ? -10.444 14.131  21.991  1.00 56.54  ? 209 SER A O   1 
ATOM   1374 C CB  . SER A 1 209 ? -13.153 13.741  20.321  1.00 60.97  ? 209 SER A CB  1 
ATOM   1375 O OG  . SER A 1 209 ? -13.683 12.809  21.257  1.00 64.62  ? 209 SER A OG  1 
ATOM   1376 N N   . SER A 1 210 ? -10.971 11.946  21.895  1.00 53.60  ? 210 SER A N   1 
ATOM   1377 C CA  . SER A 1 210 ? -10.331 11.626  23.174  1.00 50.82  ? 210 SER A CA  1 
ATOM   1378 C C   . SER A 1 210 ? -8.851  11.194  23.125  1.00 52.28  ? 210 SER A C   1 
ATOM   1379 O O   . SER A 1 210 ? -8.320  10.678  24.134  1.00 51.09  ? 210 SER A O   1 
ATOM   1380 C CB  . SER A 1 210 ? -11.139 10.552  23.892  1.00 52.57  ? 210 SER A CB  1 
ATOM   1381 O OG  . SER A 1 210 ? -11.455 9.466   23.039  1.00 51.33  ? 210 SER A OG  1 
ATOM   1382 N N   . GLY A 1 211 ? -8.205  11.362  21.964  1.00 51.49  ? 211 GLY A N   1 
ATOM   1383 C CA  . GLY A 1 211 ? -6.789  11.066  21.800  1.00 51.84  ? 211 GLY A CA  1 
ATOM   1384 C C   . GLY A 1 211 ? -6.428  9.644   21.396  1.00 53.12  ? 211 GLY A C   1 
ATOM   1385 O O   . GLY A 1 211 ? -5.250  9.318   21.279  1.00 53.94  ? 211 GLY A O   1 
ATOM   1386 N N   . GLU A 1 212 ? -7.428  8.795   21.172  1.00 54.36  ? 212 GLU A N   1 
ATOM   1387 C CA  . GLU A 1 212 ? -7.177  7.423   20.719  1.00 59.52  ? 212 GLU A CA  1 
ATOM   1388 C C   . GLU A 1 212 ? -6.645  7.406   19.268  1.00 57.55  ? 212 GLU A C   1 
ATOM   1389 O O   . GLU A 1 212 ? -7.199  8.085   18.409  1.00 52.55  ? 212 GLU A O   1 
ATOM   1390 C CB  . GLU A 1 212 ? -8.474  6.621   20.796  1.00 60.78  ? 212 GLU A CB  1 
ATOM   1391 C CG  . GLU A 1 212 ? -8.320  5.142   20.540  1.00 71.88  ? 212 GLU A CG  1 
ATOM   1392 C CD  . GLU A 1 212 ? -9.382  4.363   21.264  1.00 83.80  ? 212 GLU A CD  1 
ATOM   1393 O OE1 . GLU A 1 212 ? -10.538 4.341   20.779  1.00 84.14  ? 212 GLU A OE1 1 
ATOM   1394 O OE2 . GLU A 1 212 ? -9.057  3.810   22.340  1.00 92.23  ? 212 GLU A OE2 1 
ATOM   1395 N N   . ARG A 1 213 ? -5.589  6.637   19.001  1.00 59.93  ? 213 ARG A N   1 
ATOM   1396 C CA  . ARG A 1 213 ? -5.037  6.571   17.632  1.00 62.44  ? 213 ARG A CA  1 
ATOM   1397 C C   . ARG A 1 213 ? -5.247  5.218   16.980  1.00 59.23  ? 213 ARG A C   1 
ATOM   1398 O O   . ARG A 1 213 ? -4.843  4.201   17.530  1.00 58.96  ? 213 ARG A O   1 
ATOM   1399 C CB  . ARG A 1 213 ? -3.553  6.951   17.572  1.00 66.44  ? 213 ARG A CB  1 
ATOM   1400 C CG  . ARG A 1 213 ? -2.816  7.049   18.916  1.00 82.65  ? 213 ARG A CG  1 
ATOM   1401 C CD  . ARG A 1 213 ? -1.506  7.843   18.856  1.00 96.53  ? 213 ARG A CD  1 
ATOM   1402 N NE  . ARG A 1 213 ? -1.723  9.189   18.319  1.00 107.62 ? 213 ARG A NE  1 
ATOM   1403 C CZ  . ARG A 1 213 ? -1.490  9.552   17.059  1.00 111.00 ? 213 ARG A CZ  1 
ATOM   1404 N NH1 . ARG A 1 213 ? -1.017  8.679   16.179  1.00 113.18 ? 213 ARG A NH1 1 
ATOM   1405 N NH2 . ARG A 1 213 ? -1.731  10.797  16.676  1.00 113.25 ? 213 ARG A NH2 1 
ATOM   1406 N N   . ARG A 1 214 ? -5.904  5.209   15.825  1.00 56.81  ? 214 ARG A N   1 
ATOM   1407 C CA  . ARG A 1 214 ? -5.965  4.007   14.976  1.00 59.70  ? 214 ARG A CA  1 
ATOM   1408 C C   . ARG A 1 214 ? -5.152  4.184   13.686  1.00 56.98  ? 214 ARG A C   1 
ATOM   1409 O O   . ARG A 1 214 ? -4.828  5.287   13.311  1.00 52.66  ? 214 ARG A O   1 
ATOM   1410 C CB  . ARG A 1 214 ? -7.403  3.633   14.653  1.00 59.14  ? 214 ARG A CB  1 
ATOM   1411 C CG  . ARG A 1 214 ? -7.955  2.615   15.622  1.00 75.70  ? 214 ARG A CG  1 
ATOM   1412 C CD  . ARG A 1 214 ? -9.415  2.814   16.000  1.00 88.97  ? 214 ARG A CD  1 
ATOM   1413 N NE  . ARG A 1 214 ? -9.747  2.108   17.243  1.00 101.86 ? 214 ARG A NE  1 
ATOM   1414 C CZ  . ARG A 1 214 ? -10.931 1.560   17.525  1.00 105.94 ? 214 ARG A CZ  1 
ATOM   1415 N NH1 . ARG A 1 214 ? -11.939 1.622   16.659  1.00 107.52 ? 214 ARG A NH1 1 
ATOM   1416 N NH2 . ARG A 1 214 ? -11.108 0.944   18.686  1.00 108.92 ? 214 ARG A NH2 1 
ATOM   1417 N N   . PHE A 1 215 ? -4.831  3.085   13.022  1.00 57.94  ? 215 PHE A N   1 
ATOM   1418 C CA  . PHE A 1 215 ? -3.999  3.118   11.821  1.00 59.28  ? 215 PHE A CA  1 
ATOM   1419 C C   . PHE A 1 215 ? -4.684  2.404   10.670  1.00 58.64  ? 215 PHE A C   1 
ATOM   1420 O O   . PHE A 1 215 ? -5.462  1.470   10.873  1.00 57.05  ? 215 PHE A O   1 
ATOM   1421 C CB  . PHE A 1 215 ? -2.613  2.535   12.087  1.00 59.91  ? 215 PHE A CB  1 
ATOM   1422 C CG  . PHE A 1 215 ? -1.757  3.398   12.946  1.00 65.39  ? 215 PHE A CG  1 
ATOM   1423 C CD1 . PHE A 1 215 ? -1.836  3.313   14.335  1.00 69.53  ? 215 PHE A CD1 1 
ATOM   1424 C CD2 . PHE A 1 215 ? -0.868  4.301   12.381  1.00 71.67  ? 215 PHE A CD2 1 
ATOM   1425 C CE1 . PHE A 1 215 ? -1.055  4.128   15.146  1.00 68.90  ? 215 PHE A CE1 1 
ATOM   1426 C CE2 . PHE A 1 215 ? -0.071  5.118   13.181  1.00 73.41  ? 215 PHE A CE2 1 
ATOM   1427 C CZ  . PHE A 1 215 ? -0.171  5.035   14.567  1.00 72.99  ? 215 PHE A CZ  1 
ATOM   1428 N N   . GLN A 1 216 ? -4.400  2.886   9.464   1.00 54.82  ? 216 GLN A N   1 
ATOM   1429 C CA  . GLN A 1 216 ? -5.041  2.464   8.228   1.00 54.23  ? 216 GLN A CA  1 
ATOM   1430 C C   . GLN A 1 216 ? -3.912  2.472   7.159   1.00 52.93  ? 216 GLN A C   1 
ATOM   1431 O O   . GLN A 1 216 ? -3.111  3.443   7.088   1.00 52.15  ? 216 GLN A O   1 
ATOM   1432 C CB  . GLN A 1 216 ? -6.142  3.474   7.877   1.00 55.26  ? 216 GLN A CB  1 
ATOM   1433 C CG  . GLN A 1 216 ? -6.957  3.215   6.601   1.00 67.31  ? 216 GLN A CG  1 
ATOM   1434 C CD  . GLN A 1 216 ? -7.404  4.505   5.896   1.00 79.15  ? 216 GLN A CD  1 
ATOM   1435 O OE1 . GLN A 1 216 ? -7.223  5.608   6.423   1.00 79.54  ? 216 GLN A OE1 1 
ATOM   1436 N NE2 . GLN A 1 216 ? -7.982  4.364   4.694   1.00 84.75  ? 216 GLN A NE2 1 
ATOM   1437 N N   . THR A 1 217 ? -3.803  1.387   6.386   1.00 45.71  ? 217 THR A N   1 
ATOM   1438 C CA  . THR A 1 217 ? -2.845  1.352   5.277   1.00 40.14  ? 217 THR A CA  1 
ATOM   1439 C C   . THR A 1 217 ? -3.526  2.024   4.094   1.00 35.20  ? 217 THR A C   1 
ATOM   1440 O O   . THR A 1 217 ? -4.687  1.757   3.822   1.00 37.86  ? 217 THR A O   1 
ATOM   1441 C CB  . THR A 1 217 ? -2.409  -0.105  4.921   1.00 43.48  ? 217 THR A CB  1 
ATOM   1442 O OG1 . THR A 1 217 ? -1.461  -0.613  5.877   1.00 43.39  ? 217 THR A OG1 1 
ATOM   1443 C CG2 . THR A 1 217 ? -1.552  -0.124  3.602   1.00 37.06  ? 217 THR A CG2 1 
ATOM   1444 N N   . ARG A 1 218 ? -2.830  2.923   3.387   1.00 32.05  ? 218 ARG A N   1 
ATOM   1445 C CA  . ARG A 1 218 ? -3.359  3.416   2.136   1.00 26.76  ? 218 ARG A CA  1 
ATOM   1446 C C   . ARG A 1 218 ? -2.205  3.626   1.117   1.00 18.24  ? 218 ARG A C   1 
ATOM   1447 O O   . ARG A 1 218 ? -1.020  3.557   1.464   1.00 21.07  ? 218 ARG A O   1 
ATOM   1448 C CB  . ARG A 1 218 ? -4.047  4.781   2.240   1.00 35.23  ? 218 ARG A CB  1 
ATOM   1449 C CG  . ARG A 1 218 ? -4.798  5.118   3.509   1.00 45.61  ? 218 ARG A CG  1 
ATOM   1450 C CD  . ARG A 1 218 ? -4.645  6.598   3.816   1.00 57.63  ? 218 ARG A CD  1 
ATOM   1451 N NE  . ARG A 1 218 ? -5.399  7.428   2.884   1.00 59.50  ? 218 ARG A NE  1 
ATOM   1452 C CZ  . ARG A 1 218 ? -6.239  8.402   3.264   1.00 66.74  ? 218 ARG A CZ  1 
ATOM   1453 N NH1 . ARG A 1 218 ? -6.421  8.670   4.561   1.00 62.49  ? 218 ARG A NH1 1 
ATOM   1454 N NH2 . ARG A 1 218 ? -6.891  9.119   2.348   1.00 64.07  ? 218 ARG A NH2 1 
ATOM   1455 N N   . VAL A 1 219 ? -2.607  3.959   -0.081  1.00 16.27  ? 219 VAL A N   1 
ATOM   1456 C CA  . VAL A 1 219 ? -1.643  4.218   -1.156  1.00 20.22  ? 219 VAL A CA  1 
ATOM   1457 C C   . VAL A 1 219 ? -1.471  5.720   -1.194  1.00 21.93  ? 219 VAL A C   1 
ATOM   1458 O O   . VAL A 1 219 ? -2.471  6.445   -1.283  1.00 22.18  ? 219 VAL A O   1 
ATOM   1459 C CB  . VAL A 1 219 ? -2.149  3.678   -2.513  1.00 21.14  ? 219 VAL A CB  1 
ATOM   1460 C CG1 . VAL A 1 219 ? -1.261  4.195   -3.695  1.00 18.17  ? 219 VAL A CG1 1 
ATOM   1461 C CG2 . VAL A 1 219 ? -2.273  2.086   -2.427  1.00 23.47  ? 219 VAL A CG2 1 
ATOM   1462 N N   . GLU A 1 220 ? -0.213  6.165   -1.188  1.00 16.43  ? 220 GLU A N   1 
ATOM   1463 C CA  . GLU A 1 220 ? 0.068   7.576   -1.444  1.00 15.04  ? 220 GLU A CA  1 
ATOM   1464 C C   . GLU A 1 220 ? 0.518   7.655   -2.907  1.00 15.12  ? 220 GLU A C   1 
ATOM   1465 O O   . GLU A 1 220 ? 1.479   6.942   -3.326  1.00 18.59  ? 220 GLU A O   1 
ATOM   1466 C CB  . GLU A 1 220 ? 1.141   8.086   -0.474  1.00 13.54  ? 220 GLU A CB  1 
ATOM   1467 C CG  . GLU A 1 220 ? 1.533   9.527   -0.874  1.00 19.00  ? 220 GLU A CG  1 
ATOM   1468 C CD  . GLU A 1 220 ? 2.835   10.030  -0.266  1.00 32.38  ? 220 GLU A CD  1 
ATOM   1469 O OE1 . GLU A 1 220 ? 3.082   11.267  -0.436  1.00 34.02  ? 220 GLU A OE1 1 
ATOM   1470 O OE2 . GLU A 1 220 ? 3.585   9.225   0.338   1.00 28.49  ? 220 GLU A OE2 1 
ATOM   1471 N N   . ALA A 1 221 ? -0.166  8.480   -3.732  1.00 15.85  ? 221 ALA A N   1 
ATOM   1472 C CA  . ALA A 1 221 ? 0.290   8.749   -5.115  1.00 19.29  ? 221 ALA A CA  1 
ATOM   1473 C C   . ALA A 1 221 ? 1.560   9.564   -5.175  1.00 18.36  ? 221 ALA A C   1 
ATOM   1474 O O   . ALA A 1 221 ? 1.700   10.556  -4.450  1.00 17.59  ? 221 ALA A O   1 
ATOM   1475 C CB  . ALA A 1 221 ? -0.797  9.469   -5.910  1.00 16.19  ? 221 ALA A CB  1 
ATOM   1476 N N   . LEU A 1 222 ? 2.541   9.115   -5.975  1.00 15.26  ? 222 LEU A N   1 
ATOM   1477 C CA  . LEU A 1 222 ? 3.731   9.899   -6.234  1.00 17.15  ? 222 LEU A CA  1 
ATOM   1478 C C   . LEU A 1 222 ? 3.717   10.415  -7.684  1.00 17.13  ? 222 LEU A C   1 
ATOM   1479 O O   . LEU A 1 222 ? 4.322   11.444  -7.965  1.00 21.21  ? 222 LEU A O   1 
ATOM   1480 C CB  . LEU A 1 222 ? 4.978   9.077   -5.969  1.00 19.08  ? 222 LEU A CB  1 
ATOM   1481 C CG  . LEU A 1 222 ? 5.051   8.608   -4.493  1.00 24.10  ? 222 LEU A CG  1 
ATOM   1482 C CD1 . LEU A 1 222 ? 6.287   7.708   -4.320  1.00 33.00  ? 222 LEU A CD1 1 
ATOM   1483 C CD2 . LEU A 1 222 ? 5.115   9.812   -3.495  1.00 25.45  ? 222 LEU A CD2 1 
ATOM   1484 N N   . ARG A 1 223 ? 3.015   9.721   -8.563  1.00 14.83  ? 223 ARG A N   1 
ATOM   1485 C CA  . ARG A 1 223 ? 2.803   10.212  -9.925  1.00 17.78  ? 223 ARG A CA  1 
ATOM   1486 C C   . ARG A 1 223 ? 1.376   9.815   -10.278 1.00 17.95  ? 223 ARG A C   1 
ATOM   1487 O O   . ARG A 1 223 ? 0.894   8.762   -9.856  1.00 18.97  ? 223 ARG A O   1 
ATOM   1488 C CB  . ARG A 1 223 ? 3.724   9.473   -10.898 1.00 22.59  ? 223 ARG A CB  1 
ATOM   1489 C CG  . ARG A 1 223 ? 3.612   10.041  -12.315 1.00 30.95  ? 223 ARG A CG  1 
ATOM   1490 C CD  . ARG A 1 223 ? 4.856   9.806   -13.186 1.00 37.71  ? 223 ARG A CD  1 
ATOM   1491 N NE  . ARG A 1 223 ? 4.625   10.267  -14.556 1.00 21.72  ? 223 ARG A NE  1 
ATOM   1492 C CZ  . ARG A 1 223 ? 5.566   10.310  -15.525 1.00 41.58  ? 223 ARG A CZ  1 
ATOM   1493 N NH1 . ARG A 1 223 ? 6.817   9.970   -15.312 1.00 33.19  ? 223 ARG A NH1 1 
ATOM   1494 N NH2 . ARG A 1 223 ? 5.251   10.712  -16.721 1.00 34.46  ? 223 ARG A NH2 1 
ATOM   1495 N N   . LEU A 1 224 ? 0.683   10.665  -11.034 1.00 15.47  ? 224 LEU A N   1 
ATOM   1496 C CA  . LEU A 1 224 ? -0.622  10.327  -11.549 1.00 16.91  ? 224 LEU A CA  1 
ATOM   1497 C C   . LEU A 1 224 ? -0.658  10.689  -13.057 1.00 17.37  ? 224 LEU A C   1 
ATOM   1498 O O   . LEU A 1 224 ? -0.141  11.725  -13.477 1.00 19.09  ? 224 LEU A O   1 
ATOM   1499 C CB  . LEU A 1 224 ? -1.730  11.208  -10.861 1.00 13.05  ? 224 LEU A CB  1 
ATOM   1500 C CG  . LEU A 1 224 ? -1.926  10.998  -9.343  1.00 16.61  ? 224 LEU A CG  1 
ATOM   1501 C CD1 . LEU A 1 224 ? -2.988  12.000  -8.859  1.00 19.06  ? 224 LEU A CD1 1 
ATOM   1502 C CD2 . LEU A 1 224 ? -2.363  9.573   -9.094  1.00 16.46  ? 224 LEU A CD2 1 
ATOM   1503 N N   . GLU A 1 225 ? -1.254  9.817   -13.854 1.00 25.93  ? 225 GLU A N   1 
ATOM   1504 C CA  . GLU A 1 225 ? -1.369  10.052  -15.272 1.00 25.75  ? 225 GLU A CA  1 
ATOM   1505 C C   . GLU A 1 225 ? -2.752  9.567   -15.671 1.00 29.06  ? 225 GLU A C   1 
ATOM   1506 O O   . GLU A 1 225 ? -3.344  8.762   -14.986 1.00 24.21  ? 225 GLU A O   1 
ATOM   1507 C CB  . GLU A 1 225 ? -0.306  9.283   -16.092 1.00 27.41  ? 225 GLU A CB  1 
ATOM   1508 C CG  . GLU A 1 225 ? 1.158   9.618   -15.766 1.00 22.14  ? 225 GLU A CG  1 
ATOM   1509 C CD  . GLU A 1 225 ? 1.548   11.056  -16.135 1.00 37.31  ? 225 GLU A CD  1 
ATOM   1510 O OE1 . GLU A 1 225 ? 2.588   11.576  -15.637 1.00 33.48  ? 225 GLU A OE1 1 
ATOM   1511 O OE2 . GLU A 1 225 ? 0.801   11.706  -16.905 1.00 31.11  ? 225 GLU A OE2 1 
ATOM   1512 N N   . ARG A 1 226 ? -3.223  10.044  -16.819 1.00 27.55  ? 226 ARG A N   1 
ATOM   1513 C CA  . ARG A 1 226 ? -4.473  9.601   -17.371 1.00 30.42  ? 226 ARG A CA  1 
ATOM   1514 C C   . ARG A 1 226 ? -4.302  8.680   -18.590 1.00 26.20  ? 226 ARG A C   1 
ATOM   1515 O O   . ARG A 1 226 ? -3.754  9.097   -19.613 1.00 28.45  ? 226 ARG A O   1 
ATOM   1516 C CB  . ARG A 1 226 ? -5.211  10.851  -17.859 1.00 35.67  ? 226 ARG A CB  1 
ATOM   1517 C CG  . ARG A 1 226 ? -5.482  11.870  -16.787 1.00 39.42  ? 226 ARG A CG  1 
ATOM   1518 C CD  . ARG A 1 226 ? -6.319  13.022  -17.307 1.00 49.59  ? 226 ARG A CD  1 
ATOM   1519 N NE  . ARG A 1 226 ? -7.698  12.581  -17.462 1.00 53.78  ? 226 ARG A NE  1 
ATOM   1520 C CZ  . ARG A 1 226 ? -8.726  13.409  -17.422 1.00 60.70  ? 226 ARG A CZ  1 
ATOM   1521 N NH1 . ARG A 1 226 ? -8.502  14.711  -17.235 1.00 58.51  ? 226 ARG A NH1 1 
ATOM   1522 N NH2 . ARG A 1 226 ? -9.960  12.944  -17.549 1.00 50.24  ? 226 ARG A NH2 1 
ATOM   1523 N N   . PRO A 1 227 ? -4.808  7.462   -18.523 1.00 29.46  ? 227 PRO A N   1 
ATOM   1524 C CA  . PRO A 1 227 ? -4.731  6.544   -19.655 1.00 30.35  ? 227 PRO A CA  1 
ATOM   1525 C C   . PRO A 1 227 ? -5.654  7.082   -20.754 1.00 36.64  ? 227 PRO A C   1 
ATOM   1526 O O   . PRO A 1 227 ? -6.650  7.738   -20.462 1.00 30.85  ? 227 PRO A O   1 
ATOM   1527 C CB  . PRO A 1 227 ? -5.262  5.227   -19.094 1.00 32.17  ? 227 PRO A CB  1 
ATOM   1528 C CG  . PRO A 1 227 ? -6.084  5.629   -17.910 1.00 38.56  ? 227 PRO A CG  1 
ATOM   1529 C CD  . PRO A 1 227 ? -5.463  6.851   -17.339 1.00 33.46  ? 227 PRO A CD  1 
ATOM   1530 N N   . THR A 1 228 ? -5.266  6.925   -21.987 1.00 34.62  ? 228 THR A N   1 
ATOM   1531 C CA  . THR A 1 228 ? -6.177  7.341   -23.056 1.00 44.06  ? 228 THR A CA  1 
ATOM   1532 C C   . THR A 1 228 ? -7.534  6.589   -22.923 1.00 45.66  ? 228 THR A C   1 
ATOM   1533 O O   . THR A 1 228 ? -7.554  5.409   -22.567 1.00 43.52  ? 228 THR A O   1 
ATOM   1534 C CB  . THR A 1 228 ? -5.474  7.133   -24.413 1.00 45.22  ? 228 THR A CB  1 
ATOM   1535 O OG1 . THR A 1 228 ? -4.313  7.981   -24.444 1.00 46.09  ? 228 THR A OG1 1 
ATOM   1536 C CG2 . THR A 1 228 ? -6.305  7.698   -25.534 1.00 53.37  ? 228 THR A CG2 1 
ATOM   1537 N N   . ARG A 1 229 ? -8.637  7.320   -23.138 1.00 49.55  ? 229 ARG A N   1 
ATOM   1538 C CA  . ARG A 1 229 ? -10.056 6.862   -23.162 1.00 56.74  ? 229 ARG A CA  1 
ATOM   1539 C C   . ARG A 1 229 ? -11.001 7.844   -22.441 1.00 57.07  ? 229 ARG A C   1 
ATOM   1540 O O   . ARG A 1 229 ? -12.240 7.704   -22.430 1.00 59.03  ? 229 ARG A O   1 
ATOM   1541 C CB  . ARG A 1 229 ? -10.257 5.432   -22.643 1.00 61.09  ? 229 ARG A CB  1 
ATOM   1542 C CG  . ARG A 1 229 ? -11.145 4.564   -23.496 1.00 69.22  ? 229 ARG A CG  1 
ATOM   1543 C CD  . ARG A 1 229 ? -10.423 3.880   -24.645 1.00 85.79  ? 229 ARG A CD  1 
ATOM   1544 N NE  . ARG A 1 229 ? -9.515  4.792   -25.351 1.00 96.59  ? 229 ARG A NE  1 
ATOM   1545 C CZ  . ARG A 1 229 ? -8.935  4.528   -26.523 1.00 106.13 ? 229 ARG A CZ  1 
ATOM   1546 N NH1 . ARG A 1 229 ? -9.152  3.364   -27.136 1.00 111.25 ? 229 ARG A NH1 1 
ATOM   1547 N NH2 . ARG A 1 229 ? -8.128  5.422   -27.084 1.00 105.99 ? 229 ARG A NH2 1 
HETATM 1548 O O   . HOH B 2 .   ? 13.365  -2.773  6.124   1.00 34.75  ? 265 HOH A O   1 
HETATM 1549 O O   . HOH B 2 .   ? 18.158  -10.600 5.686   1.00 40.79  ? 266 HOH A O   1 
HETATM 1550 O O   . HOH B 2 .   ? 1.180   13.097  -3.331  1.00 32.12  ? 267 HOH A O   1 
HETATM 1551 O O   . HOH B 2 .   ? -12.476 9.890   -5.897  1.00 36.41  ? 268 HOH A O   1 
HETATM 1552 O O   . HOH B 2 .   ? -0.646  14.316  -14.835 1.00 47.94  ? 269 HOH A O   1 
HETATM 1553 O O   . HOH B 2 .   ? -3.049  -28.654 5.018   0.50 33.96  ? 270 HOH A O   1 
HETATM 1554 O O   . HOH B 2 .   ? -13.909 14.223  -16.716 1.00 33.37  ? 271 HOH A O   1 
HETATM 1555 O O   . HOH B 2 .   ? 4.115   5.193   6.501   1.00 40.80  ? 272 HOH A O   1 
HETATM 1556 O O   . HOH B 2 .   ? -11.655 15.712  -15.990 1.00 38.47  ? 273 HOH A O   1 
HETATM 1557 O O   . HOH B 2 .   ? 8.952   -11.031 17.869  1.00 45.38  ? 274 HOH A O   1 
HETATM 1558 O O   . HOH B 2 .   ? -1.103  -3.582  5.786   1.00 44.50  ? 275 HOH A O   1 
HETATM 1559 O O   . HOH B 2 .   ? -1.409  -22.992 -4.077  1.00 46.80  ? 276 HOH A O   1 
HETATM 1560 O O   . HOH B 2 .   ? -19.054 13.742  -11.581 1.00 49.45  ? 277 HOH A O   1 
HETATM 1561 O O   . HOH B 2 .   ? 0.217   -16.147 -2.044  1.00 38.15  ? 278 HOH A O   1 
HETATM 1562 O O   . HOH B 2 .   ? -8.870  10.056  -17.205 1.00 36.24  ? 279 HOH A O   1 
HETATM 1563 O O   . HOH B 2 .   ? -0.434  -2.552  9.512   1.00 55.60  ? 280 HOH A O   1 
HETATM 1564 O O   . HOH B 2 .   ? -0.304  -28.546 4.857   1.00 58.59  ? 281 HOH A O   1 
HETATM 1565 O O   . HOH B 2 .   ? 3.140   14.964  -4.215  1.00 42.28  ? 282 HOH A O   1 
HETATM 1566 O O   . HOH B 2 .   ? 13.197  -15.464 14.126  1.00 36.94  ? 283 HOH A O   1 
HETATM 1567 O O   . HOH B 2 .   ? 21.008  -9.070  0.604   1.00 31.55  ? 284 HOH A O   1 
HETATM 1568 O O   . HOH B 2 .   ? 2.259   13.086  -11.847 1.00 35.44  ? 285 HOH A O   1 
HETATM 1569 O O   . HOH B 2 .   ? 15.346  -16.090 -2.198  1.00 44.88  ? 286 HOH A O   1 
HETATM 1570 O O   . HOH B 2 .   ? -9.976  -1.370  -13.977 1.00 39.04  ? 287 HOH A O   1 
HETATM 1571 O O   . HOH B 2 .   ? 8.931   -19.031 7.751   1.00 36.83  ? 288 HOH A O   1 
HETATM 1572 O O   . HOH B 2 .   ? 9.413   5.176   -0.289  1.00 42.91  ? 289 HOH A O   1 
HETATM 1573 O O   . HOH B 2 .   ? -0.166  9.842   2.172   1.00 43.61  ? 290 HOH A O   1 
HETATM 1574 O O   . HOH B 2 .   ? -0.213  22.456  -1.528  1.00 39.20  ? 291 HOH A O   1 
HETATM 1575 O O   . HOH B 2 .   ? -19.232 11.837  -7.080  1.00 45.41  ? 292 HOH A O   1 
HETATM 1576 O O   . HOH B 2 .   ? 6.051   -11.821 10.409  1.00 33.91  ? 293 HOH A O   1 
HETATM 1577 O O   . HOH B 2 .   ? 23.751  -9.055  1.506   1.00 37.61  ? 294 HOH A O   1 
HETATM 1578 O O   . HOH B 2 .   ? 9.255   1.186   -11.036 1.00 47.74  ? 295 HOH A O   1 
HETATM 1579 O O   . HOH B 2 .   ? -5.662  -0.919  6.843   1.00 49.50  ? 296 HOH A O   1 
HETATM 1580 O O   . HOH B 2 .   ? 11.616  6.621   0.661   1.00 40.40  ? 297 HOH A O   1 
HETATM 1581 O O   . HOH B 2 .   ? 0.861   -17.229 9.350   1.00 41.83  ? 298 HOH A O   1 
HETATM 1582 O O   . HOH B 2 .   ? -13.640 10.188  21.965  1.00 56.82  ? 299 HOH A O   1 
HETATM 1583 O O   . HOH B 2 .   ? -14.909 7.772   -21.995 1.00 53.39  ? 300 HOH A O   1 
HETATM 1584 O O   . HOH B 2 .   ? 10.848  1.589   1.728   1.00 41.29  ? 301 HOH A O   1 
HETATM 1585 O O   . HOH B 2 .   ? -18.563 11.932  -13.773 1.00 41.09  ? 302 HOH A O   1 
HETATM 1586 O O   . HOH B 2 .   ? -7.712  2.722   -24.779 1.00 67.45  ? 303 HOH A O   1 
HETATM 1587 O O   . HOH B 2 .   ? 12.800  0.609   3.571   1.00 48.05  ? 304 HOH A O   1 
HETATM 1588 O O   . HOH B 2 .   ? 3.105   17.239  -5.732  1.00 46.27  ? 305 HOH A O   1 
HETATM 1589 O O   . HOH B 2 .   ? 10.991  -15.079 -7.921  1.00 64.84  ? 306 HOH A O   1 
HETATM 1590 O O   . HOH B 2 .   ? 9.394   -24.198 4.778   1.00 50.87  ? 307 HOH A O   1 
HETATM 1591 O O   . HOH B 2 .   ? 13.719  -9.645  18.765  1.00 52.01  ? 308 HOH A O   1 
HETATM 1592 O O   . HOH B 2 .   ? 9.648   -13.734 16.458  1.00 36.09  ? 309 HOH A O   1 
HETATM 1593 O O   . HOH B 2 .   ? -5.393  1.880   -0.290  1.00 53.80  ? 310 HOH A O   1 
HETATM 1594 O O   . HOH B 2 .   ? 10.001  -19.476 10.715  1.00 46.14  ? 311 HOH A O   1 
HETATM 1595 O O   . HOH B 2 .   ? -7.833  1.163   0.269   1.00 45.68  ? 312 HOH A O   1 
HETATM 1596 O O   . HOH B 2 .   ? 0.440   14.831  -13.150 1.00 54.24  ? 313 HOH A O   1 
HETATM 1597 O O   . HOH B 2 .   ? -0.443  -8.156  -9.460  1.00 43.27  ? 314 HOH A O   1 
HETATM 1598 O O   . HOH B 2 .   ? 17.819  5.866   7.746   1.00 70.84  ? 315 HOH A O   1 
HETATM 1599 O O   . HOH B 2 .   ? 4.002   19.983  -5.303  1.00 49.18  ? 316 HOH A O   1 
HETATM 1600 O O   . HOH B 2 .   ? -7.386  12.354  2.540   1.00 53.17  ? 317 HOH A O   1 
HETATM 1601 O O   . HOH B 2 .   ? 12.952  -7.122  13.249  1.00 50.92  ? 318 HOH A O   1 
HETATM 1602 O O   . HOH B 2 .   ? -8.394  2.812   -16.722 1.00 57.28  ? 319 HOH A O   1 
HETATM 1603 O O   . HOH B 2 .   ? 15.613  -17.919 4.688   1.00 40.55  ? 320 HOH A O   1 
HETATM 1604 O O   . HOH B 2 .   ? 21.364  0.619   -1.363  1.00 74.65  ? 321 HOH A O   1 
HETATM 1605 O O   . HOH B 2 .   ? -6.876  -6.734  -8.537  1.00 50.37  ? 322 HOH A O   1 
HETATM 1606 O O   . HOH B 2 .   ? -3.922  -23.051 11.987  1.00 59.51  ? 323 HOH A O   1 
HETATM 1607 O O   . HOH B 2 .   ? 6.800   4.628   -6.537  1.00 39.92  ? 324 HOH A O   1 
HETATM 1608 O O   . HOH B 2 .   ? -6.897  -13.554 2.409   1.00 53.73  ? 325 HOH A O   1 
HETATM 1609 O O   . HOH B 2 .   ? 4.883   13.435  -6.047  1.00 50.26  ? 326 HOH A O   1 
HETATM 1610 O O   . HOH B 2 .   ? -9.966  -23.343 2.767   1.00 54.36  ? 327 HOH A O   1 
HETATM 1611 O O   . HOH B 2 .   ? -11.864 6.835   21.114  1.00 63.14  ? 328 HOH A O   1 
HETATM 1612 O O   . HOH B 2 .   ? -2.674  -16.550 -3.207  1.00 65.44  ? 329 HOH A O   1 
HETATM 1613 O O   . HOH B 2 .   ? 6.884   -21.670 18.700  1.00 54.70  ? 330 HOH A O   1 
HETATM 1614 O O   . HOH B 2 .   ? 3.017   -15.650 11.077  1.00 58.56  ? 331 HOH A O   1 
HETATM 1615 O O   . HOH B 2 .   ? -1.886  26.508  -0.027  1.00 56.97  ? 332 HOH A O   1 
HETATM 1616 O O   . HOH B 2 .   ? -20.052 7.678   -5.917  1.00 82.76  ? 333 HOH A O   1 
HETATM 1617 O O   . HOH B 2 .   ? -18.411 13.681  -15.560 1.00 49.55  ? 334 HOH A O   1 
HETATM 1618 O O   . HOH B 2 .   ? -4.713  11.198  13.330  1.00 49.31  ? 335 HOH A O   1 
HETATM 1619 O O   . HOH B 2 .   ? -12.046 0.409   -13.505 1.00 51.99  ? 336 HOH A O   1 
HETATM 1620 O O   . HOH B 2 .   ? 5.159   -7.681  14.381  1.00 48.11  ? 337 HOH A O   1 
HETATM 1621 O O   . HOH B 2 .   ? -10.899 7.774   -18.642 1.00 47.84  ? 338 HOH A O   1 
HETATM 1622 O O   . HOH B 2 .   ? 16.600  -20.525 6.998   1.00 64.37  ? 339 HOH A O   1 
HETATM 1623 O O   . HOH B 2 .   ? -12.900 -5.785  8.308   1.00 66.15  ? 340 HOH A O   1 
HETATM 1624 O O   . HOH B 2 .   ? 9.676   -17.827 -4.443  1.00 65.36  ? 341 HOH A O   1 
HETATM 1625 O O   . HOH B 2 .   ? -10.256 22.448  3.044   1.00 51.79  ? 342 HOH A O   1 
HETATM 1626 O O   . HOH B 2 .   ? -17.711 21.021  -11.801 1.00 68.42  ? 343 HOH A O   1 
HETATM 1627 O O   . HOH B 2 .   ? 10.963  0.307   10.190  1.00 57.56  ? 344 HOH A O   1 
HETATM 1628 O O   . HOH B 2 .   ? -12.099 21.279  -11.377 1.00 59.07  ? 345 HOH A O   1 
HETATM 1629 O O   . HOH B 2 .   ? 10.746  2.803   -2.279  1.00 44.81  ? 346 HOH A O   1 
HETATM 1630 O O   . HOH B 2 .   ? 1.188   -19.693 -3.588  1.00 50.67  ? 347 HOH A O   1 
HETATM 1631 O O   . HOH B 2 .   ? 2.421   22.910  -0.178  1.00 54.94  ? 348 HOH A O   1 
HETATM 1632 O O   . HOH B 2 .   ? -1.377  -16.508 10.067  1.00 54.89  ? 349 HOH A O   1 
HETATM 1633 O O   . HOH B 2 .   ? 5.205   12.251  0.372   1.00 50.51  ? 350 HOH A O   1 
HETATM 1634 O O   . HOH B 2 .   ? -12.836 2.207   -1.778  1.00 75.99  ? 351 HOH A O   1 
HETATM 1635 O O   . HOH B 2 .   ? -6.251  -10.525 -3.998  1.00 69.16  ? 352 HOH A O   1 
HETATM 1636 O O   . HOH B 2 .   ? 8.754   4.552   -2.513  1.00 61.52  ? 353 HOH A O   1 
HETATM 1637 O O   . HOH B 2 .   ? 2.163   -5.503  9.828   1.00 59.48  ? 354 HOH A O   1 
HETATM 1638 O O   . HOH B 2 .   ? -13.027 21.228  -2.908  1.00 70.95  ? 355 HOH A O   1 
HETATM 1639 O O   . HOH B 2 .   ? 9.458   3.617   1.486   1.00 46.19  ? 356 HOH A O   1 
HETATM 1640 O O   . HOH B 2 .   ? 15.308  18.969  5.286   1.00 63.90  ? 357 HOH A O   1 
HETATM 1641 O O   . HOH B 2 .   ? -4.726  -8.192  -9.984  1.00 69.66  ? 358 HOH A O   1 
HETATM 1642 O O   . HOH B 2 .   ? -13.934 -9.015  -12.749 1.00 76.08  ? 359 HOH A O   1 
HETATM 1643 O O   . HOH B 2 .   ? 6.678   14.544  0.721   1.00 53.52  ? 360 HOH A O   1 
HETATM 1644 O O   . HOH B 2 .   ? -12.696 -4.186  -2.851  1.00 52.50  ? 361 HOH A O   1 
HETATM 1645 O O   . HOH B 2 .   ? -11.166 -7.892  -8.356  1.00 75.56  ? 362 HOH A O   1 
HETATM 1646 O O   . HOH B 2 .   ? -10.119 -7.857  6.141   1.00 51.94  ? 363 HOH A O   1 
HETATM 1647 O O   . HOH B 2 .   ? -4.369  -17.578 10.444  1.00 78.25  ? 364 HOH A O   1 
HETATM 1648 O O   . HOH B 2 .   ? -17.403 5.460   -3.493  1.00 73.93  ? 365 HOH A O   1 
HETATM 1649 O O   . HOH B 2 .   ? 4.164   -12.866 12.013  1.00 61.98  ? 366 HOH A O   1 
HETATM 1650 O O   . HOH B 2 .   ? 17.274  -19.896 13.526  1.00 51.53  ? 367 HOH A O   1 
HETATM 1651 O O   . HOH B 2 .   ? 5.983   -22.412 10.328  1.00 62.18  ? 368 HOH A O   1 
HETATM 1652 O O   . HOH B 2 .   ? 6.193   -15.894 15.382  1.00 56.63  ? 369 HOH A O   1 
HETATM 1653 O O   . HOH B 2 .   ? 9.970   3.135   -10.107 1.00 55.19  ? 370 HOH A O   1 
HETATM 1654 O O   . HOH B 2 .   ? -8.765  0.282   -17.674 1.00 82.82  ? 371 HOH A O   1 
HETATM 1655 O O   . HOH B 2 .   ? 0.361   -20.131 14.330  1.00 64.10  ? 372 HOH A O   1 
HETATM 1656 O O   . HOH B 2 .   ? 15.045  -7.930  14.562  1.00 60.21  ? 373 HOH A O   1 
HETATM 1657 O O   . HOH B 2 .   ? 10.636  2.656   -4.544  1.00 55.45  ? 374 HOH A O   1 
HETATM 1658 O O   . HOH B 2 .   ? -4.056  -8.428  6.843   1.00 86.52  ? 375 HOH A O   1 
HETATM 1659 O O   . HOH B 2 .   ? 13.823  -19.250 14.120  1.00 58.34  ? 376 HOH A O   1 
HETATM 1660 O O   . HOH B 2 .   ? 11.695  -6.337  17.947  1.00 67.48  ? 377 HOH A O   1 
HETATM 1661 O O   . HOH B 2 .   ? 4.151   -13.602 14.536  1.00 58.33  ? 378 HOH A O   1 
HETATM 1662 O O   . HOH B 2 .   ? -10.137 16.822  -17.803 1.00 55.56  ? 379 HOH A O   1 
HETATM 1663 O O   . HOH B 2 .   ? -7.918  -6.007  -16.463 1.00 86.64  ? 380 HOH A O   1 
HETATM 1664 O O   . HOH B 2 .   ? 12.546  -0.962  0.647   1.00 40.95  ? 381 HOH A O   1 
HETATM 1665 O O   . HOH B 2 .   ? 8.394   11.073  -16.890 1.00 43.80  ? 382 HOH A O   1 
HETATM 1666 O O   . HOH B 2 .   ? 1.298   14.310  -17.924 1.00 50.31  ? 383 HOH A O   1 
HETATM 1667 O O   . HOH B 2 .   ? 3.484   14.239  -16.459 1.00 60.78  ? 384 HOH A O   1 
HETATM 1668 O O   . HOH B 2 .   ? -4.466  0.919   14.726  1.00 67.08  ? 385 HOH A O   1 
HETATM 1669 O O   . HOH B 2 .   ? -9.735  -9.524  -12.656 1.00 69.96  ? 386 HOH A O   1 
HETATM 1670 O O   . HOH B 2 .   ? 0.396   -8.059  -12.307 1.00 55.92  ? 387 HOH A O   1 
HETATM 1671 O O   . HOH B 2 .   ? 17.362  10.605  5.640   1.00 70.30  ? 388 HOH A O   1 
HETATM 1672 O O   . HOH B 2 .   ? 5.690   4.849   3.562   1.00 49.88  ? 389 HOH A O   1 
HETATM 1673 O O   . HOH B 2 .   ? 3.147   -8.702  -10.116 1.00 71.13  ? 390 HOH A O   1 
HETATM 1674 O O   . HOH B 2 .   ? 4.480   -8.053  -13.006 0.50 62.02  ? 391 HOH A O   1 
HETATM 1675 O O   . HOH B 2 .   ? 14.839  2.044   -5.807  1.00 65.54  ? 392 HOH A O   1 
HETATM 1676 O O   . HOH B 2 .   ? 5.784   -25.541 -2.425  1.00 67.78  ? 393 HOH A O   1 
HETATM 1677 O O   . HOH B 2 .   ? -10.157 -4.168  -3.151  1.00 75.15  ? 394 HOH A O   1 
HETATM 1678 O O   . HOH B 2 .   ? -9.149  6.858   2.174   1.00 75.12  ? 395 HOH A O   1 
HETATM 1679 O O   . HOH B 2 .   ? 13.046  13.335  2.836   1.00 80.41  ? 396 HOH A O   1 
HETATM 1680 O O   . HOH B 2 .   ? 5.369   -4.937  10.358  1.00 71.01  ? 397 HOH A O   1 
HETATM 1681 O O   . HOH B 2 .   ? -12.445 18.926  -6.024  1.00 62.28  ? 398 HOH A O   1 
HETATM 1682 O O   . HOH B 2 .   ? 6.107   -25.351 -5.248  1.00 79.26  ? 399 HOH A O   1 
# 
